data_5SVF
#
_entry.id   5SVF
#
_cell.length_a   81.979
_cell.length_b   154.993
_cell.length_c   162.989
_cell.angle_alpha   90.000
_cell.angle_beta   90.000
_cell.angle_gamma   90.000
#
_symmetry.space_group_name_H-M   'P 21 21 21'
#
loop_
_entity.id
_entity.type
_entity.pdbx_description
1 polymer 'Isocitrate dehydrogenase [NADP] cytoplasmic'
2 non-polymer 'NADPH DIHYDRO-NICOTINAMIDE-ADENINE-DINUCLEOTIDE PHOSPHATE'
3 non-polymer (4S)-3-(2-{[(1S)-1-phenylethyl]amino}pyrimidin-4-yl)-4-(propan-2-yl)-1,3-oxazolidin-2-one
4 non-polymer 'CITRATE ANION'
5 water water
#
_entity_poly.entity_id   1
_entity_poly.type   'polypeptide(L)'
_entity_poly.pdbx_seq_one_letter_code
;GPGMSKKISGGSVVEMQGDEMTRIIWELIKEKLIFPYVELDLHSYDLGIENRDATNDQVTKDAAEAIKKHNVGVKCATIT
PDEKRVEEFKLKQMWKSPNGTIRNILGGTVFREAIICKNIPRLVSGWVKPIIIGHHAYGDQYRATDFVVPGPGKVEITYT
PSDGTQKVTYLVHNFEEGGGVAMGMYNQDKSIEDFAHSSFQMALSKGWPLYLSTKNTILKKYDGRFKDIFQEIYDKQYKS
QFEAQKIWYEHRLIDDMVAQAMKSEGGFIWACKNYDGDVQSDSVAQGYGSLGMMTSVLVCPDGKTVEAEAAHGTVTRHYR
MYQKGQETSTNPIASIFAWTRGLAHRAKLDNNKELAFFANALEEVSIETIEAGFMTKDLAACIKGLPNVQRSDYLNTFEF
MDKLGENLKIKLAQAKL
;
_entity_poly.pdbx_strand_id   A,C,B,D
#
# COMPACT_ATOMS: atom_id res chain seq x y z
N LYS A 7 -24.55 2.00 6.95
CA LYS A 7 -23.85 3.01 6.17
C LYS A 7 -23.95 2.70 4.69
N ILE A 8 -23.67 3.71 3.89
CA ILE A 8 -23.63 3.55 2.45
C ILE A 8 -22.46 2.64 2.06
N SER A 9 -22.72 1.68 1.19
CA SER A 9 -21.68 0.82 0.66
C SER A 9 -21.04 1.55 -0.51
N GLY A 10 -19.80 2.02 -0.33
CA GLY A 10 -19.16 2.91 -1.28
C GLY A 10 -18.29 2.29 -2.37
N GLY A 11 -17.74 1.10 -2.15
CA GLY A 11 -16.94 0.45 -3.18
C GLY A 11 -15.47 0.84 -3.14
N SER A 12 -14.78 0.55 -4.25
CA SER A 12 -13.32 0.71 -4.35
C SER A 12 -12.92 2.16 -4.60
N VAL A 13 -12.22 2.74 -3.64
CA VAL A 13 -11.60 4.05 -3.79
C VAL A 13 -10.12 3.95 -3.42
N VAL A 14 -9.25 4.49 -4.27
CA VAL A 14 -7.84 4.64 -3.98
C VAL A 14 -7.64 5.99 -3.32
N GLU A 15 -7.06 5.99 -2.12
CA GLU A 15 -6.79 7.19 -1.35
C GLU A 15 -5.27 7.32 -1.17
N MET A 16 -4.78 8.56 -1.19
CA MET A 16 -3.37 8.87 -1.00
C MET A 16 -3.22 9.90 0.10
N GLN A 17 -2.58 9.53 1.20
CA GLN A 17 -2.32 10.46 2.29
C GLN A 17 -1.10 11.30 1.96
N GLY A 18 -1.03 12.49 2.56
CA GLY A 18 -0.06 13.49 2.19
C GLY A 18 0.64 14.11 3.39
N ASP A 19 0.91 15.42 3.30
CA ASP A 19 1.87 16.09 4.17
C ASP A 19 1.28 17.34 4.82
N GLU A 20 1.84 17.69 5.97
CA GLU A 20 1.73 19.02 6.61
C GLU A 20 0.26 19.38 6.80
N MET A 21 -0.17 20.61 6.51
CA MET A 21 -1.47 21.04 6.98
C MET A 21 -2.59 20.25 6.32
N THR A 22 -2.42 19.88 5.05
CA THR A 22 -3.49 19.13 4.37
C THR A 22 -3.62 17.73 4.94
N ARG A 23 -2.52 17.14 5.43
CA ARG A 23 -2.64 15.85 6.10
C ARG A 23 -3.61 15.93 7.27
N ILE A 24 -3.47 16.96 8.11
CA ILE A 24 -4.38 17.20 9.24
C ILE A 24 -5.83 17.24 8.76
N ILE A 25 -6.10 18.07 7.74
CA ILE A 25 -7.46 18.29 7.28
C ILE A 25 -8.03 17.05 6.63
N TRP A 26 -7.20 16.35 5.86
CA TRP A 26 -7.59 15.10 5.21
C TRP A 26 -8.14 14.09 6.22
N GLU A 27 -7.40 13.86 7.30
CA GLU A 27 -7.83 12.92 8.34
C GLU A 27 -9.13 13.39 8.97
N LEU A 28 -9.25 14.70 9.22
CA LEU A 28 -10.50 15.24 9.74
C LEU A 28 -11.66 14.98 8.77
N ILE A 29 -11.42 15.11 7.47
CA ILE A 29 -12.47 14.87 6.49
C ILE A 29 -12.94 13.42 6.57
N LYS A 30 -11.99 12.48 6.64
CA LYS A 30 -12.36 11.08 6.77
C LYS A 30 -13.11 10.82 8.08
N GLU A 31 -12.61 11.37 9.21
CA GLU A 31 -13.20 11.06 10.51
CA GLU A 31 -13.19 11.09 10.52
C GLU A 31 -14.60 11.67 10.65
N LYS A 32 -14.78 12.92 10.24
CA LYS A 32 -16.03 13.63 10.49
C LYS A 32 -17.04 13.57 9.35
N LEU A 33 -16.61 13.53 8.08
CA LEU A 33 -17.55 13.66 6.98
C LEU A 33 -17.71 12.41 6.12
N ILE A 34 -16.68 11.55 5.97
CA ILE A 34 -16.81 10.38 5.12
C ILE A 34 -17.15 9.13 5.93
N PHE A 35 -16.22 8.71 6.80
CA PHE A 35 -16.36 7.43 7.48
C PHE A 35 -17.66 7.29 8.30
N PRO A 36 -18.24 8.33 8.90
CA PRO A 36 -19.54 8.13 9.56
C PRO A 36 -20.65 7.67 8.65
N TYR A 37 -20.56 7.88 7.33
CA TYR A 37 -21.69 7.62 6.43
C TYR A 37 -21.43 6.62 5.32
N VAL A 38 -20.17 6.36 4.97
CA VAL A 38 -19.81 5.54 3.83
C VAL A 38 -18.81 4.48 4.27
N GLU A 39 -18.99 3.25 3.83
CA GLU A 39 -18.00 2.19 3.98
C GLU A 39 -17.29 2.01 2.65
N LEU A 40 -15.97 2.16 2.65
CA LEU A 40 -15.17 2.05 1.44
C LEU A 40 -14.32 0.79 1.51
N ASP A 41 -14.19 0.09 0.37
CA ASP A 41 -13.10 -0.86 0.18
C ASP A 41 -11.88 -0.02 -0.19
N LEU A 42 -11.19 0.43 0.85
CA LEU A 42 -10.25 1.54 0.75
C LEU A 42 -8.86 1.00 0.42
N HIS A 43 -8.33 1.39 -0.73
CA HIS A 43 -6.94 1.11 -1.07
C HIS A 43 -6.14 2.35 -0.68
N SER A 44 -5.51 2.29 0.48
CA SER A 44 -4.91 3.47 1.10
C SER A 44 -3.38 3.41 0.99
N TYR A 45 -2.80 4.47 0.45
CA TYR A 45 -1.37 4.59 0.21
C TYR A 45 -0.89 5.85 0.91
N ASP A 46 0.19 5.74 1.66
CA ASP A 46 0.71 6.86 2.43
C ASP A 46 1.83 7.53 1.63
N LEU A 47 1.53 8.69 1.05
CA LEU A 47 2.52 9.43 0.30
C LEU A 47 3.15 10.54 1.13
N GLY A 48 3.02 10.47 2.45
CA GLY A 48 3.79 11.36 3.30
C GLY A 48 5.25 11.29 2.89
N ILE A 49 5.96 12.41 3.04
CA ILE A 49 7.33 12.52 2.51
C ILE A 49 8.23 11.45 3.13
N GLU A 50 8.13 11.24 4.45
CA GLU A 50 9.00 10.27 5.12
C GLU A 50 8.73 8.86 4.61
N ASN A 51 7.47 8.51 4.42
CA ASN A 51 7.20 7.18 3.87
C ASN A 51 7.62 7.05 2.40
N ARG A 52 7.54 8.12 1.61
CA ARG A 52 8.12 8.04 0.27
C ARG A 52 9.62 7.84 0.38
N ASP A 53 10.25 8.50 1.34
CA ASP A 53 11.68 8.33 1.50
C ASP A 53 12.03 6.90 1.88
N ALA A 54 11.30 6.35 2.87
CA ALA A 54 11.58 5.01 3.40
C ALA A 54 11.34 3.93 2.37
N THR A 55 10.36 4.09 1.49
CA THR A 55 10.11 3.11 0.44
C THR A 55 10.82 3.45 -0.87
N ASN A 56 11.67 4.48 -0.88
CA ASN A 56 12.35 4.91 -2.10
C ASN A 56 11.35 5.23 -3.21
N ASP A 57 10.27 5.92 -2.84
CA ASP A 57 9.19 6.39 -3.71
C ASP A 57 8.37 5.26 -4.33
N GLN A 58 8.56 4.02 -3.91
CA GLN A 58 7.77 2.93 -4.46
C GLN A 58 6.28 3.06 -4.12
N VAL A 59 5.96 3.68 -2.99
CA VAL A 59 4.55 3.85 -2.63
C VAL A 59 3.84 4.72 -3.67
N THR A 60 4.54 5.75 -4.17
CA THR A 60 3.97 6.63 -5.20
C THR A 60 3.62 5.85 -6.46
N LYS A 61 4.56 5.02 -6.96
CA LYS A 61 4.28 4.22 -8.14
C LYS A 61 3.14 3.23 -7.89
N ASP A 62 3.11 2.61 -6.70
CA ASP A 62 2.05 1.67 -6.37
C ASP A 62 0.68 2.35 -6.28
N ALA A 63 0.63 3.57 -5.75
CA ALA A 63 -0.62 4.32 -5.71
C ALA A 63 -1.15 4.58 -7.13
N ALA A 64 -0.25 4.92 -8.05
CA ALA A 64 -0.67 5.16 -9.43
C ALA A 64 -1.18 3.89 -10.07
N GLU A 65 -0.50 2.76 -9.84
CA GLU A 65 -1.01 1.50 -10.41
CA GLU A 65 -0.98 1.47 -10.35
C GLU A 65 -2.35 1.13 -9.79
N ALA A 66 -2.59 1.47 -8.51
CA ALA A 66 -3.91 1.21 -7.93
C ALA A 66 -5.00 2.05 -8.59
N ILE A 67 -4.72 3.33 -8.86
CA ILE A 67 -5.73 4.16 -9.54
C ILE A 67 -6.10 3.55 -10.88
N LYS A 68 -5.10 3.11 -11.64
CA LYS A 68 -5.34 2.50 -12.95
C LYS A 68 -6.26 1.29 -12.83
N LYS A 69 -5.99 0.41 -11.85
CA LYS A 69 -6.81 -0.77 -11.69
C LYS A 69 -8.21 -0.43 -11.21
N HIS A 70 -8.35 0.56 -10.32
CA HIS A 70 -9.62 0.78 -9.61
C HIS A 70 -10.36 2.04 -10.03
N ASN A 71 -9.77 2.88 -10.89
CA ASN A 71 -10.43 3.96 -11.64
C ASN A 71 -10.71 5.22 -10.83
N VAL A 72 -10.65 5.22 -9.50
CA VAL A 72 -11.01 6.38 -8.70
C VAL A 72 -9.90 6.62 -7.69
N GLY A 73 -9.24 7.76 -7.81
CA GLY A 73 -8.23 8.17 -6.85
C GLY A 73 -8.60 9.50 -6.22
N VAL A 74 -8.37 9.62 -4.92
CA VAL A 74 -8.49 10.87 -4.20
C VAL A 74 -7.16 11.10 -3.48
N LYS A 75 -6.55 12.25 -3.71
CA LYS A 75 -5.17 12.47 -3.29
C LYS A 75 -5.06 13.70 -2.41
N CYS A 76 -4.38 13.54 -1.30
CA CYS A 76 -4.00 14.64 -0.44
C CYS A 76 -2.70 15.29 -0.96
N ALA A 77 -2.57 16.60 -0.72
CA ALA A 77 -1.40 17.35 -1.13
C ALA A 77 -0.11 16.81 -0.52
N THR A 78 0.96 16.78 -1.32
CA THR A 78 2.23 16.19 -0.96
C THR A 78 3.35 17.22 -1.11
N ILE A 79 4.38 17.10 -0.27
CA ILE A 79 5.60 17.88 -0.46
C ILE A 79 6.34 17.39 -1.69
N THR A 80 6.65 18.30 -2.60
CA THR A 80 7.62 18.01 -3.64
C THR A 80 9.00 18.44 -3.16
N PRO A 81 9.95 17.52 -2.98
CA PRO A 81 11.26 17.88 -2.43
C PRO A 81 11.98 18.92 -3.28
N ASP A 82 12.54 19.92 -2.62
CA ASP A 82 13.61 20.71 -3.19
C ASP A 82 14.83 20.58 -2.28
N GLU A 83 15.81 21.44 -2.54
CA GLU A 83 17.06 21.41 -1.77
C GLU A 83 16.80 21.54 -0.28
N LYS A 84 15.91 22.46 0.12
CA LYS A 84 15.72 22.67 1.54
C LYS A 84 14.88 21.54 2.16
N ARG A 85 13.98 20.93 1.40
CA ARG A 85 13.28 19.77 1.94
C ARG A 85 14.25 18.61 2.14
N VAL A 86 15.21 18.44 1.22
CA VAL A 86 16.18 17.35 1.37
C VAL A 86 16.89 17.43 2.71
N GLU A 87 17.26 18.64 3.16
CA GLU A 87 17.93 18.76 4.44
C GLU A 87 16.95 18.85 5.60
N GLU A 88 15.72 19.35 5.37
CA GLU A 88 14.73 19.35 6.44
C GLU A 88 14.41 17.94 6.91
N PHE A 89 14.33 16.98 5.98
CA PHE A 89 13.97 15.61 6.30
C PHE A 89 15.14 14.65 6.16
N LYS A 90 16.33 15.14 5.81
CA LYS A 90 17.48 14.30 5.46
C LYS A 90 17.06 13.22 4.47
N LEU A 91 16.48 13.66 3.36
CA LEU A 91 16.02 12.73 2.33
C LEU A 91 17.20 12.05 1.65
N LYS A 92 17.00 10.79 1.27
CA LYS A 92 18.05 10.08 0.54
C LYS A 92 18.36 10.75 -0.79
N GLN A 93 17.38 11.43 -1.37
CA GLN A 93 17.56 12.13 -2.63
C GLN A 93 16.35 13.03 -2.81
N MET A 94 16.41 13.87 -3.84
CA MET A 94 15.35 14.84 -4.10
C MET A 94 14.28 14.14 -4.95
N TRP A 95 13.34 13.50 -4.27
CA TRP A 95 12.36 12.67 -4.93
C TRP A 95 11.53 13.50 -5.88
N LYS A 96 11.08 12.87 -6.96
CA LYS A 96 10.34 13.61 -7.94
C LYS A 96 8.91 13.81 -7.44
N SER A 97 8.29 14.89 -7.93
CA SER A 97 6.91 15.22 -7.63
C SER A 97 6.06 13.96 -7.76
N PRO A 98 5.35 13.57 -6.68
CA PRO A 98 4.38 12.46 -6.81
C PRO A 98 3.34 12.72 -7.88
N ASN A 99 2.98 13.98 -8.10
CA ASN A 99 1.95 14.29 -9.08
C ASN A 99 2.43 14.00 -10.50
N GLY A 100 3.69 14.35 -10.79
CA GLY A 100 4.28 13.97 -12.07
C GLY A 100 4.39 12.47 -12.24
N THR A 101 4.77 11.76 -11.17
CA THR A 101 4.83 10.30 -11.28
C THR A 101 3.45 9.74 -11.61
N ILE A 102 2.42 10.18 -10.90
CA ILE A 102 1.06 9.65 -11.11
C ILE A 102 0.56 9.98 -12.53
N ARG A 103 0.69 11.23 -12.96
CA ARG A 103 0.19 11.57 -14.29
C ARG A 103 0.94 10.84 -15.39
N ASN A 104 2.27 10.69 -15.23
CA ASN A 104 3.02 9.95 -16.23
C ASN A 104 2.50 8.52 -16.35
N ILE A 105 2.02 7.94 -15.25
CA ILE A 105 1.51 6.57 -15.30
C ILE A 105 0.08 6.52 -15.83
N LEU A 106 -0.77 7.48 -15.41
CA LEU A 106 -2.19 7.44 -15.79
C LEU A 106 -2.47 8.05 -17.15
N GLY A 107 -1.67 9.03 -17.60
CA GLY A 107 -2.07 9.88 -18.71
C GLY A 107 -3.24 10.76 -18.28
N GLY A 108 -3.72 11.56 -19.22
CA GLY A 108 -4.87 12.41 -18.96
C GLY A 108 -4.54 13.88 -18.83
N THR A 109 -5.60 14.66 -18.60
CA THR A 109 -5.60 16.11 -18.62
C THR A 109 -6.14 16.62 -17.29
N VAL A 110 -5.46 17.60 -16.71
CA VAL A 110 -5.88 18.19 -15.44
C VAL A 110 -6.86 19.31 -15.69
N PHE A 111 -8.04 19.22 -15.07
CA PHE A 111 -9.07 20.25 -15.16
C PHE A 111 -9.31 20.88 -13.81
N ARG A 112 -9.22 22.20 -13.74
CA ARG A 112 -9.45 22.93 -12.51
C ARG A 112 -10.81 23.63 -12.54
N GLU A 113 -11.42 23.73 -11.37
CA GLU A 113 -12.76 24.30 -11.28
C GLU A 113 -12.92 25.02 -9.94
N ALA A 114 -13.37 26.27 -10.00
CA ALA A 114 -13.62 27.05 -8.80
C ALA A 114 -14.96 26.66 -8.20
N ILE A 115 -15.03 26.67 -6.87
CA ILE A 115 -16.31 26.52 -6.17
C ILE A 115 -16.84 27.91 -5.87
N ILE A 116 -18.09 28.18 -6.25
CA ILE A 116 -18.68 29.52 -6.20
C ILE A 116 -19.79 29.57 -5.17
N CYS A 117 -19.77 30.59 -4.31
CA CYS A 117 -20.79 30.85 -3.32
C CYS A 117 -21.32 32.25 -3.55
N LYS A 118 -22.63 32.44 -3.38
CA LYS A 118 -23.25 33.69 -3.81
C LYS A 118 -22.83 34.88 -2.93
N ASN A 119 -22.38 34.63 -1.71
CA ASN A 119 -21.96 35.73 -0.84
C ASN A 119 -20.47 36.05 -0.96
N ILE A 120 -19.76 35.43 -1.89
CA ILE A 120 -18.31 35.53 -2.01
C ILE A 120 -17.96 36.20 -3.34
N PRO A 121 -17.32 37.36 -3.33
CA PRO A 121 -16.94 38.03 -4.58
C PRO A 121 -16.15 37.13 -5.52
N ARG A 122 -16.35 37.34 -6.81
CA ARG A 122 -15.53 36.74 -7.85
C ARG A 122 -14.60 37.80 -8.46
N LEU A 123 -13.46 37.32 -8.97
CA LEU A 123 -12.53 38.21 -9.65
C LEU A 123 -13.20 38.92 -10.81
N VAL A 124 -13.89 38.16 -11.64
CA VAL A 124 -14.76 38.69 -12.68
C VAL A 124 -16.17 38.47 -12.17
N SER A 125 -16.89 39.58 -11.88
CA SER A 125 -18.12 39.45 -11.09
C SER A 125 -19.24 38.81 -11.88
N GLY A 126 -19.29 39.00 -13.20
CA GLY A 126 -20.27 38.31 -14.02
C GLY A 126 -20.14 36.79 -14.06
N TRP A 127 -19.00 36.24 -13.61
CA TRP A 127 -18.85 34.79 -13.52
C TRP A 127 -19.67 34.27 -12.33
N VAL A 128 -20.90 33.82 -12.61
CA VAL A 128 -21.78 33.30 -11.57
C VAL A 128 -21.92 31.80 -11.62
N LYS A 129 -21.48 31.17 -12.68
CA LYS A 129 -21.32 29.73 -12.73
C LYS A 129 -19.83 29.42 -12.86
N PRO A 130 -19.36 28.26 -12.40
CA PRO A 130 -17.92 27.98 -12.47
C PRO A 130 -17.48 27.81 -13.92
N ILE A 131 -16.19 28.04 -14.16
CA ILE A 131 -15.54 27.77 -15.45
C ILE A 131 -14.51 26.67 -15.21
N ILE A 132 -14.55 25.64 -16.03
CA ILE A 132 -13.65 24.51 -15.88
C ILE A 132 -12.58 24.62 -16.96
N ILE A 133 -11.31 24.67 -16.53
CA ILE A 133 -10.18 24.96 -17.41
C ILE A 133 -9.19 23.80 -17.35
N GLY A 134 -8.86 23.26 -18.51
CA GLY A 134 -7.82 22.25 -18.60
C GLY A 134 -6.78 22.66 -19.62
N HIS A 135 -5.54 22.43 -19.28
CA HIS A 135 -4.44 22.75 -20.15
C HIS A 135 -3.85 21.48 -20.70
N HIS A 136 -3.22 21.60 -21.84
CA HIS A 136 -2.57 20.49 -22.43
C HIS A 136 -1.19 20.35 -21.81
N ALA A 137 -0.92 19.25 -21.12
CA ALA A 137 0.40 19.08 -20.51
C ALA A 137 1.16 17.84 -20.93
N ALA A 144 10.84 19.53 -24.70
CA ALA A 144 11.45 20.67 -25.35
C ALA A 144 12.95 20.53 -25.23
N THR A 145 13.67 20.72 -26.32
CA THR A 145 15.12 20.75 -26.31
C THR A 145 15.56 22.17 -26.61
N ASP A 146 16.13 22.85 -25.62
CA ASP A 146 16.61 24.22 -25.77
C ASP A 146 18.11 24.25 -25.57
N PHE A 147 18.78 25.21 -26.22
CA PHE A 147 20.22 25.29 -26.09
C PHE A 147 20.68 26.72 -26.35
N VAL A 148 21.94 26.97 -26.01
CA VAL A 148 22.58 28.26 -26.24
C VAL A 148 23.25 28.23 -27.61
N VAL A 149 23.00 29.28 -28.40
CA VAL A 149 23.68 29.48 -29.68
C VAL A 149 24.89 30.38 -29.43
N PRO A 150 26.13 29.88 -29.56
CA PRO A 150 27.29 30.65 -29.06
C PRO A 150 27.65 31.83 -29.92
N GLY A 151 27.29 31.83 -31.20
CA GLY A 151 27.56 32.96 -32.04
C GLY A 151 26.85 32.79 -33.36
N PRO A 152 27.21 33.62 -34.35
CA PRO A 152 26.49 33.60 -35.63
C PRO A 152 26.48 32.22 -36.28
N GLY A 153 25.43 31.95 -37.05
CA GLY A 153 25.24 30.64 -37.65
C GLY A 153 23.76 30.34 -37.78
N LYS A 154 23.46 29.37 -38.66
CA LYS A 154 22.10 28.94 -38.92
C LYS A 154 21.66 27.91 -37.87
N VAL A 155 20.45 28.09 -37.34
CA VAL A 155 19.72 27.08 -36.60
C VAL A 155 18.61 26.56 -37.52
N GLU A 156 18.60 25.26 -37.76
CA GLU A 156 17.60 24.66 -38.63
C GLU A 156 16.97 23.48 -37.91
N ILE A 157 15.71 23.22 -38.24
CA ILE A 157 14.97 22.09 -37.70
C ILE A 157 14.59 21.19 -38.87
N THR A 158 14.93 19.92 -38.77
CA THR A 158 14.81 18.99 -39.90
C THR A 158 13.87 17.86 -39.54
N TYR A 159 13.23 17.31 -40.58
CA TYR A 159 12.40 16.11 -40.46
C TYR A 159 12.85 15.09 -41.49
N THR A 160 13.12 13.88 -41.03
CA THR A 160 13.54 12.80 -41.91
C THR A 160 12.57 11.63 -41.77
N PRO A 161 11.69 11.41 -42.74
CA PRO A 161 10.81 10.23 -42.70
C PRO A 161 11.59 8.95 -42.48
N SER A 162 10.91 7.94 -41.89
CA SER A 162 11.55 6.66 -41.58
C SER A 162 12.09 5.96 -42.83
N ASP A 163 11.34 5.97 -43.93
CA ASP A 163 11.81 5.37 -45.18
C ASP A 163 13.01 6.09 -45.79
N GLY A 164 13.39 7.27 -45.29
CA GLY A 164 14.49 8.04 -45.84
C GLY A 164 14.28 8.65 -47.22
N THR A 165 13.05 8.59 -47.77
CA THR A 165 12.78 9.11 -49.11
C THR A 165 12.83 10.63 -49.22
N GLN A 166 12.79 11.34 -48.09
CA GLN A 166 12.79 12.80 -48.10
C GLN A 166 13.62 13.33 -46.95
N LYS A 167 13.73 14.64 -46.91
CA LYS A 167 14.46 15.32 -45.88
C LYS A 167 14.07 16.79 -46.03
N VAL A 168 13.28 17.29 -45.09
CA VAL A 168 12.79 18.66 -45.11
C VAL A 168 13.59 19.45 -44.10
N THR A 169 14.14 20.58 -44.52
CA THR A 169 14.95 21.41 -43.62
C THR A 169 14.30 22.78 -43.53
N TYR A 170 13.79 23.12 -42.34
CA TYR A 170 13.21 24.41 -42.07
C TYR A 170 14.25 25.28 -41.38
N LEU A 171 14.36 26.53 -41.83
CA LEU A 171 15.22 27.53 -41.19
C LEU A 171 14.51 28.08 -39.95
N VAL A 172 15.12 27.90 -38.78
CA VAL A 172 14.62 28.56 -37.57
C VAL A 172 15.10 30.01 -37.54
N HIS A 173 16.42 30.21 -37.59
CA HIS A 173 16.95 31.56 -37.68
C HIS A 173 18.41 31.53 -38.12
N ASN A 174 18.76 32.48 -38.96
CA ASN A 174 20.15 32.72 -39.31
C ASN A 174 20.66 33.83 -38.39
N PHE A 175 21.36 33.45 -37.34
CA PHE A 175 22.02 34.41 -36.44
C PHE A 175 23.18 35.08 -37.17
N GLU A 176 23.09 36.39 -37.38
CA GLU A 176 24.16 37.10 -38.07
C GLU A 176 24.98 38.02 -37.19
N GLU A 177 24.49 38.44 -36.03
CA GLU A 177 25.11 39.52 -35.28
C GLU A 177 25.41 39.13 -33.83
N GLY A 178 25.50 37.86 -33.54
CA GLY A 178 25.83 37.41 -32.19
C GLY A 178 25.21 36.04 -31.97
N GLY A 179 25.19 35.62 -30.71
CA GLY A 179 24.55 34.39 -30.32
C GLY A 179 23.17 34.60 -29.73
N GLY A 180 22.74 33.63 -28.92
CA GLY A 180 21.43 33.63 -28.32
C GLY A 180 20.99 32.25 -27.89
N VAL A 181 19.71 31.94 -28.11
CA VAL A 181 19.12 30.67 -27.70
C VAL A 181 18.14 30.22 -28.77
N ALA A 182 17.85 28.92 -28.77
CA ALA A 182 16.90 28.32 -29.68
C ALA A 182 16.36 27.06 -29.03
N MET A 183 15.22 26.59 -29.54
CA MET A 183 14.63 25.40 -28.96
C MET A 183 13.75 24.72 -29.99
N GLY A 184 13.60 23.43 -29.83
CA GLY A 184 12.66 22.65 -30.62
C GLY A 184 11.67 21.99 -29.68
N MET A 185 10.42 21.92 -30.09
CA MET A 185 9.41 21.19 -29.33
C MET A 185 8.51 20.41 -30.29
N TYR A 186 7.73 19.51 -29.73
CA TYR A 186 6.94 18.60 -30.55
C TYR A 186 5.72 18.15 -29.79
N ASN A 187 4.77 17.58 -30.53
CA ASN A 187 3.70 16.84 -29.91
C ASN A 187 3.34 15.67 -30.82
N GLN A 188 3.17 14.50 -30.20
CA GLN A 188 2.65 13.34 -30.91
C GLN A 188 1.14 13.45 -31.04
N ASP A 189 0.63 12.98 -32.20
CA ASP A 189 -0.80 12.93 -32.46
C ASP A 189 -1.57 12.30 -31.31
N LYS A 190 -1.06 11.18 -30.76
CA LYS A 190 -1.77 10.45 -29.71
C LYS A 190 -2.01 11.33 -28.50
N SER A 191 -1.02 12.13 -28.14
CA SER A 191 -1.13 13.07 -27.03
C SER A 191 -2.22 14.12 -27.29
N ILE A 192 -2.28 14.64 -28.52
CA ILE A 192 -3.36 15.57 -28.88
C ILE A 192 -4.71 14.87 -28.84
N GLU A 193 -4.77 13.64 -29.33
CA GLU A 193 -6.01 12.87 -29.31
C GLU A 193 -6.50 12.60 -27.89
N ASP A 194 -5.59 12.19 -26.99
CA ASP A 194 -5.94 11.98 -25.57
C ASP A 194 -6.52 13.24 -24.97
N PHE A 195 -5.89 14.38 -25.25
CA PHE A 195 -6.36 15.68 -24.76
C PHE A 195 -7.76 15.95 -25.26
N ALA A 196 -8.05 15.58 -26.52
CA ALA A 196 -9.41 15.73 -27.05
C ALA A 196 -10.39 14.84 -26.29
N HIS A 197 -10.07 13.54 -26.21
CA HIS A 197 -10.97 12.59 -25.58
C HIS A 197 -11.28 12.99 -24.14
N SER A 198 -10.24 13.34 -23.36
CA SER A 198 -10.47 13.80 -22.00
C SER A 198 -11.38 15.04 -21.99
N SER A 199 -11.12 15.98 -22.88
CA SER A 199 -11.93 17.20 -22.91
C SER A 199 -13.37 16.88 -23.27
N PHE A 200 -13.59 16.01 -24.27
CA PHE A 200 -14.96 15.66 -24.62
C PHE A 200 -15.64 14.92 -23.49
N GLN A 201 -14.90 14.05 -22.78
CA GLN A 201 -15.48 13.32 -21.65
C GLN A 201 -15.80 14.27 -20.50
N MET A 202 -14.90 15.21 -20.22
CA MET A 202 -15.19 16.22 -19.21
C MET A 202 -16.52 16.91 -19.51
N ALA A 203 -16.72 17.32 -20.78
CA ALA A 203 -17.91 18.10 -21.12
C ALA A 203 -19.16 17.25 -21.04
N LEU A 204 -19.07 15.99 -21.46
CA LEU A 204 -20.21 15.10 -21.32
C LEU A 204 -20.52 14.83 -19.86
N SER A 205 -19.49 14.61 -19.04
CA SER A 205 -19.72 14.27 -17.65
C SER A 205 -20.43 15.42 -16.92
N LYS A 206 -20.07 16.66 -17.23
CA LYS A 206 -20.66 17.82 -16.56
C LYS A 206 -21.91 18.35 -17.25
N GLY A 207 -22.16 17.92 -18.48
CA GLY A 207 -23.30 18.47 -19.21
C GLY A 207 -23.15 19.92 -19.63
N TRP A 208 -21.92 20.38 -19.91
CA TRP A 208 -21.59 21.74 -20.30
C TRP A 208 -20.92 21.77 -21.68
N PRO A 209 -21.04 22.88 -22.39
CA PRO A 209 -20.35 22.99 -23.69
C PRO A 209 -18.85 23.14 -23.52
N LEU A 210 -18.12 22.91 -24.62
CA LEU A 210 -16.68 22.79 -24.62
C LEU A 210 -16.08 23.75 -25.64
N TYR A 211 -15.09 24.53 -25.23
CA TYR A 211 -14.32 25.35 -26.15
C TYR A 211 -12.85 24.93 -26.10
N LEU A 212 -12.25 24.87 -27.28
CA LEU A 212 -10.81 24.71 -27.44
C LEU A 212 -10.22 26.04 -27.89
N SER A 213 -9.21 26.54 -27.18
CA SER A 213 -8.53 27.74 -27.63
C SER A 213 -7.13 27.40 -28.11
N THR A 214 -6.73 28.03 -29.22
CA THR A 214 -5.39 27.91 -29.79
C THR A 214 -4.97 29.27 -30.34
N LYS A 215 -3.71 29.33 -30.80
CA LYS A 215 -3.25 30.45 -31.61
C LYS A 215 -2.93 29.96 -33.02
N ASN A 216 -3.93 29.35 -33.68
CA ASN A 216 -3.72 28.78 -35.01
C ASN A 216 -3.56 29.82 -36.09
N THR A 217 -3.80 31.12 -35.80
CA THR A 217 -3.49 32.18 -36.75
C THR A 217 -1.97 32.37 -36.90
N ILE A 218 -1.22 32.04 -35.87
CA ILE A 218 0.22 32.21 -35.84
C ILE A 218 0.94 30.86 -35.94
N LEU A 219 0.57 29.90 -35.10
CA LEU A 219 1.07 28.53 -35.23
C LEU A 219 0.11 27.72 -36.10
N LYS A 220 0.10 28.06 -37.38
CA LYS A 220 -0.91 27.52 -38.28
C LYS A 220 -0.81 26.01 -38.42
N LYS A 221 0.42 25.47 -38.43
CA LYS A 221 0.53 24.02 -38.57
C LYS A 221 0.40 23.36 -37.21
N TYR A 222 1.11 23.89 -36.22
CA TYR A 222 1.21 23.23 -34.93
C TYR A 222 -0.11 23.29 -34.19
N ASP A 223 -0.74 24.47 -34.15
CA ASP A 223 -2.00 24.63 -33.44
C ASP A 223 -3.18 24.22 -34.32
N GLY A 224 -3.04 24.32 -35.64
CA GLY A 224 -4.09 23.79 -36.50
C GLY A 224 -4.28 22.30 -36.35
N ARG A 225 -3.20 21.59 -36.00
CA ARG A 225 -3.32 20.15 -35.74
C ARG A 225 -4.20 19.90 -34.52
N PHE A 226 -4.11 20.75 -33.49
CA PHE A 226 -5.01 20.59 -32.35
C PHE A 226 -6.44 20.80 -32.77
N LYS A 227 -6.70 21.89 -33.48
CA LYS A 227 -8.02 22.19 -34.01
C LYS A 227 -8.55 21.05 -34.87
N ASP A 228 -7.74 20.58 -35.83
CA ASP A 228 -8.23 19.52 -36.73
C ASP A 228 -8.53 18.24 -35.98
N ILE A 229 -7.65 17.84 -35.05
CA ILE A 229 -7.85 16.57 -34.35
C ILE A 229 -9.06 16.63 -33.42
N PHE A 230 -9.26 17.76 -32.74
CA PHE A 230 -10.46 17.92 -31.92
C PHE A 230 -11.73 17.80 -32.78
N GLN A 231 -11.78 18.50 -33.90
CA GLN A 231 -12.98 18.49 -34.75
C GLN A 231 -13.21 17.12 -35.34
N GLU A 232 -12.14 16.43 -35.74
CA GLU A 232 -12.33 15.11 -36.33
C GLU A 232 -12.85 14.13 -35.27
N ILE A 233 -12.30 14.17 -34.05
CA ILE A 233 -12.78 13.24 -33.03
C ILE A 233 -14.19 13.61 -32.60
N TYR A 234 -14.49 14.90 -32.46
CA TYR A 234 -15.86 15.33 -32.17
C TYR A 234 -16.85 14.77 -33.21
N ASP A 235 -16.53 14.93 -34.50
CA ASP A 235 -17.45 14.52 -35.57
C ASP A 235 -17.68 13.02 -35.56
N LYS A 236 -16.61 12.23 -35.46
CA LYS A 236 -16.78 10.77 -35.50
C LYS A 236 -17.35 10.20 -34.21
N GLN A 237 -17.04 10.75 -33.04
CA GLN A 237 -17.26 10.00 -31.80
C GLN A 237 -18.13 10.67 -30.75
N TYR A 238 -18.37 11.98 -30.79
CA TYR A 238 -19.06 12.61 -29.68
C TYR A 238 -20.23 13.49 -30.06
N LYS A 239 -20.38 13.85 -31.33
CA LYS A 239 -21.36 14.85 -31.74
C LYS A 239 -22.77 14.44 -31.36
N SER A 240 -23.13 13.16 -31.55
CA SER A 240 -24.46 12.70 -31.16
C SER A 240 -24.65 12.80 -29.66
N GLN A 241 -23.64 12.41 -28.88
CA GLN A 241 -23.80 12.46 -27.44
C GLN A 241 -23.88 13.90 -26.95
N PHE A 242 -23.21 14.84 -27.64
CA PHE A 242 -23.34 16.25 -27.30
C PHE A 242 -24.72 16.77 -27.64
N GLU A 243 -25.23 16.42 -28.82
CA GLU A 243 -26.55 16.92 -29.22
C GLU A 243 -27.66 16.32 -28.37
N ALA A 244 -27.43 15.11 -27.84
CA ALA A 244 -28.39 14.50 -26.92
C ALA A 244 -28.50 15.29 -25.63
N GLN A 245 -27.41 15.88 -25.16
CA GLN A 245 -27.43 16.73 -23.97
C GLN A 245 -27.56 18.21 -24.31
N LYS A 246 -27.73 18.56 -25.58
CA LYS A 246 -27.84 19.96 -26.02
C LYS A 246 -26.63 20.78 -25.57
N ILE A 247 -25.45 20.16 -25.64
CA ILE A 247 -24.23 20.94 -25.50
C ILE A 247 -23.56 20.98 -26.86
N TRP A 248 -22.40 21.62 -26.94
CA TRP A 248 -21.75 21.83 -28.22
C TRP A 248 -20.26 22.00 -27.99
N TYR A 249 -19.51 21.94 -29.09
CA TYR A 249 -18.06 22.08 -29.02
C TYR A 249 -17.65 23.10 -30.08
N GLU A 250 -16.79 24.04 -29.70
CA GLU A 250 -16.28 25.00 -30.68
C GLU A 250 -14.82 25.34 -30.45
N HIS A 251 -14.14 25.69 -31.53
CA HIS A 251 -12.82 26.25 -31.46
C HIS A 251 -12.87 27.78 -31.35
N ARG A 252 -11.90 28.34 -30.61
CA ARG A 252 -11.73 29.78 -30.52
C ARG A 252 -10.25 30.11 -30.64
N LEU A 253 -9.95 31.20 -31.33
CA LEU A 253 -8.64 31.81 -31.19
C LEU A 253 -8.52 32.32 -29.76
N ILE A 254 -7.35 32.13 -29.15
CA ILE A 254 -7.17 32.49 -27.74
C ILE A 254 -7.53 33.97 -27.51
N ASP A 255 -7.10 34.86 -28.42
CA ASP A 255 -7.46 36.28 -28.26
C ASP A 255 -8.95 36.46 -28.03
N ASP A 256 -9.77 35.90 -28.93
CA ASP A 256 -11.21 36.01 -28.78
C ASP A 256 -11.72 35.24 -27.56
N MET A 257 -11.12 34.09 -27.24
CA MET A 257 -11.62 33.31 -26.12
C MET A 257 -11.54 34.11 -24.83
N VAL A 258 -10.41 34.77 -24.59
CA VAL A 258 -10.23 35.52 -23.35
C VAL A 258 -11.27 36.63 -23.24
N ALA A 259 -11.46 37.36 -24.33
CA ALA A 259 -12.42 38.47 -24.32
C ALA A 259 -13.84 37.93 -24.10
N GLN A 260 -14.19 36.87 -24.82
CA GLN A 260 -15.53 36.29 -24.69
C GLN A 260 -15.74 35.64 -23.33
N ALA A 261 -14.71 34.99 -22.80
CA ALA A 261 -14.86 34.34 -21.49
C ALA A 261 -15.14 35.38 -20.41
N MET A 262 -14.43 36.52 -20.45
CA MET A 262 -14.64 37.56 -19.45
C MET A 262 -16.02 38.22 -19.57
N LYS A 263 -16.63 38.19 -20.76
CA LYS A 263 -17.97 38.71 -20.91
C LYS A 263 -19.03 37.66 -20.65
N SER A 264 -18.61 36.41 -20.42
CA SER A 264 -19.49 35.29 -20.19
C SER A 264 -19.91 35.23 -18.73
N GLU A 265 -20.90 34.39 -18.46
CA GLU A 265 -21.33 34.12 -17.09
C GLU A 265 -20.77 32.81 -16.56
N GLY A 266 -19.95 32.11 -17.33
CA GLY A 266 -19.38 30.85 -16.89
C GLY A 266 -20.21 29.67 -17.35
N GLY A 267 -19.95 28.51 -16.72
CA GLY A 267 -20.64 27.28 -17.04
C GLY A 267 -20.26 26.71 -18.39
N PHE A 268 -18.96 26.65 -18.67
CA PHE A 268 -18.43 25.97 -19.85
C PHE A 268 -17.10 25.32 -19.49
N ILE A 269 -16.70 24.31 -20.30
CA ILE A 269 -15.36 23.73 -20.22
C ILE A 269 -14.46 24.47 -21.20
N TRP A 270 -13.24 24.76 -20.78
CA TRP A 270 -12.29 25.49 -21.61
C TRP A 270 -11.01 24.67 -21.70
N ALA A 271 -10.77 24.05 -22.85
CA ALA A 271 -9.52 23.36 -23.14
C ALA A 271 -8.57 24.34 -23.78
N CYS A 272 -7.38 24.44 -23.22
CA CYS A 272 -6.52 25.57 -23.44
C CYS A 272 -5.19 25.06 -23.98
N LYS A 273 -4.88 25.40 -25.21
CA LYS A 273 -3.60 25.03 -25.79
C LYS A 273 -2.73 26.28 -25.88
N ASN A 274 -1.59 26.26 -25.20
CA ASN A 274 -0.59 27.32 -25.35
C ASN A 274 0.75 26.76 -25.84
N GLN A 280 -1.32 27.31 -13.84
CA GLN A 280 -1.47 28.70 -14.26
C GLN A 280 -2.74 29.41 -13.69
N SER A 281 -3.90 28.77 -13.84
CA SER A 281 -5.11 29.26 -13.20
C SER A 281 -5.05 29.11 -11.67
N ASP A 282 -4.33 28.11 -11.16
CA ASP A 282 -4.14 28.02 -9.71
C ASP A 282 -3.25 29.15 -9.20
N SER A 283 -2.41 29.71 -10.06
CA SER A 283 -1.61 30.87 -9.68
C SER A 283 -2.47 32.13 -9.57
N VAL A 284 -3.47 32.29 -10.44
CA VAL A 284 -4.42 33.39 -10.30
C VAL A 284 -5.21 33.22 -9.00
N ALA A 285 -5.66 31.99 -8.71
CA ALA A 285 -6.38 31.72 -7.48
C ALA A 285 -5.56 32.10 -6.26
N GLN A 286 -4.27 31.75 -6.25
CA GLN A 286 -3.41 32.12 -5.15
C GLN A 286 -3.31 33.63 -5.00
N GLY A 287 -3.10 34.33 -6.12
CA GLY A 287 -3.08 35.79 -6.06
C GLY A 287 -4.38 36.35 -5.54
N TYR A 288 -5.50 35.76 -5.96
CA TYR A 288 -6.82 36.24 -5.55
C TYR A 288 -7.18 35.84 -4.12
N GLY A 289 -6.54 34.82 -3.56
CA GLY A 289 -6.85 34.35 -2.22
C GLY A 289 -7.94 33.31 -2.17
N SER A 290 -8.13 32.52 -3.23
CA SER A 290 -9.18 31.53 -3.28
C SER A 290 -8.66 30.13 -3.63
N LEU A 291 -7.38 29.84 -3.38
CA LEU A 291 -6.87 28.51 -3.69
C LEU A 291 -7.63 27.43 -2.94
N GLY A 292 -8.12 27.73 -1.73
CA GLY A 292 -8.86 26.74 -0.96
C GLY A 292 -10.22 26.42 -1.53
N MET A 293 -10.66 27.17 -2.54
CA MET A 293 -11.94 26.94 -3.19
C MET A 293 -11.77 26.44 -4.62
N MET A 294 -10.59 25.96 -4.98
CA MET A 294 -10.33 25.48 -6.33
C MET A 294 -10.02 23.99 -6.28
N THR A 295 -10.82 23.21 -6.96
CA THR A 295 -10.57 21.78 -6.99
C THR A 295 -9.89 21.40 -8.31
N SER A 296 -9.48 20.14 -8.39
CA SER A 296 -8.76 19.70 -9.57
C SER A 296 -9.03 18.22 -9.81
N VAL A 297 -9.04 17.83 -11.08
CA VAL A 297 -9.29 16.43 -11.42
C VAL A 297 -8.50 16.09 -12.69
N LEU A 298 -7.69 15.03 -12.61
CA LEU A 298 -7.06 14.43 -13.77
C LEU A 298 -8.10 13.54 -14.45
N VAL A 299 -8.35 13.79 -15.74
CA VAL A 299 -9.34 13.05 -16.52
C VAL A 299 -8.59 12.26 -17.59
N CYS A 300 -8.58 10.94 -17.44
CA CYS A 300 -7.97 10.05 -18.41
C CYS A 300 -8.86 9.92 -19.65
N PRO A 301 -8.25 9.74 -20.82
CA PRO A 301 -9.04 9.81 -22.07
C PRO A 301 -10.01 8.66 -22.22
N ASP A 302 -9.83 7.54 -21.48
CA ASP A 302 -10.78 6.44 -21.53
C ASP A 302 -12.14 6.79 -20.92
N GLY A 303 -12.28 7.91 -20.21
CA GLY A 303 -13.52 8.24 -19.54
C GLY A 303 -13.83 7.44 -18.30
N LYS A 304 -12.97 6.50 -17.91
CA LYS A 304 -13.21 5.66 -16.75
C LYS A 304 -12.41 6.06 -15.51
N THR A 305 -11.18 6.52 -15.69
CA THR A 305 -10.24 6.77 -14.60
C THR A 305 -10.12 8.26 -14.30
N VAL A 306 -10.28 8.63 -13.02
CA VAL A 306 -10.10 10.01 -12.55
C VAL A 306 -9.30 9.99 -11.25
N GLU A 307 -8.50 11.04 -11.07
CA GLU A 307 -7.78 11.30 -9.83
C GLU A 307 -8.15 12.69 -9.39
N ALA A 308 -8.83 12.82 -8.25
CA ALA A 308 -9.30 14.10 -7.75
C ALA A 308 -8.40 14.59 -6.62
N GLU A 309 -8.18 15.90 -6.56
CA GLU A 309 -7.37 16.49 -5.50
C GLU A 309 -7.67 17.97 -5.39
N ALA A 310 -7.25 18.56 -4.28
CA ALA A 310 -7.31 20.01 -4.15
C ALA A 310 -6.29 20.63 -5.09
N ALA A 311 -6.59 21.82 -5.61
CA ALA A 311 -5.59 22.45 -6.48
C ALA A 311 -4.42 23.04 -5.72
N HIS A 312 -4.53 23.19 -4.40
CA HIS A 312 -3.47 23.85 -3.65
C HIS A 312 -2.46 22.82 -3.14
N GLY A 313 -1.42 23.34 -2.51
CA GLY A 313 -0.40 22.50 -1.89
C GLY A 313 -0.73 22.15 -0.45
N THR A 314 0.31 21.76 0.29
CA THR A 314 0.16 21.32 1.67
C THR A 314 -0.05 22.48 2.63
N VAL A 315 0.02 23.73 2.17
CA VAL A 315 -0.18 24.90 3.02
C VAL A 315 0.84 24.90 4.16
N THR A 316 2.12 24.82 3.81
CA THR A 316 3.19 24.80 4.81
C THR A 316 3.10 25.96 5.78
N ARG A 317 2.83 27.17 5.29
CA ARG A 317 2.87 28.32 6.18
C ARG A 317 1.82 28.19 7.27
N HIS A 318 0.63 27.70 6.94
CA HIS A 318 -0.34 27.43 8.01
C HIS A 318 0.14 26.32 8.93
N TYR A 319 0.85 25.33 8.39
CA TYR A 319 1.27 24.20 9.20
C TYR A 319 2.33 24.61 10.22
N ARG A 320 3.26 25.50 9.84
CA ARG A 320 4.19 26.06 10.83
C ARG A 320 3.44 26.78 11.94
N MET A 321 2.42 27.55 11.58
CA MET A 321 1.59 28.20 12.61
C MET A 321 0.95 27.15 13.51
N TYR A 322 0.34 26.11 12.91
CA TYR A 322 -0.24 25.03 13.70
C TYR A 322 0.79 24.37 14.63
N GLN A 323 2.03 24.27 14.20
CA GLN A 323 3.05 23.61 14.99
C GLN A 323 3.50 24.43 16.17
N LYS A 324 3.36 25.73 16.03
CA LYS A 324 3.74 26.66 17.05
C LYS A 324 2.62 26.96 18.02
N GLY A 325 1.50 26.26 17.92
CA GLY A 325 0.41 26.47 18.84
C GLY A 325 -0.60 27.50 18.40
N GLN A 326 -0.28 28.29 17.39
CA GLN A 326 -1.20 29.29 16.89
C GLN A 326 -2.45 28.74 16.22
N GLU A 327 -3.43 29.61 16.03
CA GLU A 327 -4.66 29.19 15.42
C GLU A 327 -4.60 29.23 13.91
N THR A 328 -5.11 28.18 13.31
CA THR A 328 -5.13 28.02 11.87
C THR A 328 -6.56 28.12 11.36
N SER A 329 -6.73 28.86 10.29
CA SER A 329 -8.00 28.89 9.57
C SER A 329 -7.73 28.49 8.13
N THR A 330 -7.47 27.20 7.93
CA THR A 330 -7.20 26.65 6.61
C THR A 330 -8.52 26.18 6.01
N ASN A 331 -8.74 26.54 4.75
CA ASN A 331 -9.96 26.20 4.03
C ASN A 331 -9.94 24.73 3.60
N PRO A 332 -10.86 23.90 4.09
CA PRO A 332 -10.90 22.48 3.69
C PRO A 332 -11.78 22.17 2.48
N ILE A 333 -12.42 23.17 1.89
CA ILE A 333 -13.43 22.94 0.85
C ILE A 333 -12.82 22.19 -0.34
N ALA A 334 -11.72 22.70 -0.89
CA ALA A 334 -11.12 22.05 -2.05
C ALA A 334 -10.78 20.59 -1.75
N SER A 335 -10.26 20.30 -0.55
CA SER A 335 -9.98 18.91 -0.15
C SER A 335 -11.27 18.12 0.00
N ILE A 336 -12.31 18.73 0.56
CA ILE A 336 -13.60 18.04 0.65
C ILE A 336 -14.10 17.71 -0.74
N PHE A 337 -14.07 18.68 -1.66
CA PHE A 337 -14.57 18.42 -3.00
C PHE A 337 -13.72 17.42 -3.75
N ALA A 338 -12.48 17.17 -3.32
CA ALA A 338 -11.74 16.05 -3.90
C ALA A 338 -12.41 14.74 -3.56
N TRP A 339 -12.90 14.62 -2.32
CA TRP A 339 -13.62 13.42 -1.91
C TRP A 339 -14.96 13.29 -2.63
N THR A 340 -15.72 14.38 -2.70
CA THR A 340 -17.05 14.31 -3.30
C THR A 340 -16.98 14.02 -4.80
N ARG A 341 -16.00 14.64 -5.48
CA ARG A 341 -15.82 14.38 -6.91
C ARG A 341 -15.36 12.95 -7.17
N GLY A 342 -14.44 12.42 -6.34
CA GLY A 342 -14.07 11.02 -6.49
C GLY A 342 -15.23 10.08 -6.20
N LEU A 343 -15.94 10.33 -5.10
CA LEU A 343 -17.07 9.47 -4.76
C LEU A 343 -18.19 9.57 -5.80
N ALA A 344 -18.47 10.77 -6.31
CA ALA A 344 -19.52 10.90 -7.31
C ALA A 344 -19.15 10.11 -8.55
N HIS A 345 -17.87 10.11 -8.91
CA HIS A 345 -17.43 9.33 -10.06
C HIS A 345 -17.49 7.83 -9.79
N ARG A 346 -17.09 7.41 -8.60
CA ARG A 346 -17.30 6.02 -8.20
C ARG A 346 -18.77 5.65 -8.31
N ALA A 347 -19.66 6.54 -7.84
CA ALA A 347 -21.09 6.28 -7.93
C ALA A 347 -21.54 6.14 -9.38
N LYS A 348 -20.93 6.91 -10.29
CA LYS A 348 -21.35 6.84 -11.69
C LYS A 348 -20.91 5.52 -12.33
N LEU A 349 -19.67 5.10 -12.08
CA LEU A 349 -19.22 3.81 -12.59
C LEU A 349 -20.05 2.64 -12.05
N ASP A 350 -20.57 2.76 -10.83
CA ASP A 350 -21.22 1.64 -10.16
C ASP A 350 -22.75 1.72 -10.14
N ASN A 351 -23.36 2.78 -10.69
CA ASN A 351 -24.80 3.07 -10.51
C ASN A 351 -25.20 2.96 -9.05
N ASN A 352 -24.47 3.66 -8.20
CA ASN A 352 -24.74 3.69 -6.78
C ASN A 352 -25.48 4.96 -6.50
N LYS A 353 -26.78 4.86 -6.43
CA LYS A 353 -27.59 6.02 -6.20
C LYS A 353 -27.38 6.59 -4.83
N GLU A 354 -27.21 5.73 -3.86
CA GLU A 354 -26.97 6.19 -2.51
C GLU A 354 -25.70 6.98 -2.43
N LEU A 355 -24.64 6.50 -3.05
CA LEU A 355 -23.39 7.23 -3.01
C LEU A 355 -23.48 8.55 -3.74
N ALA A 356 -24.12 8.57 -4.89
CA ALA A 356 -24.25 9.78 -5.65
C ALA A 356 -24.95 10.83 -4.85
N PHE A 357 -25.98 10.43 -4.15
CA PHE A 357 -26.73 11.37 -3.31
C PHE A 357 -25.85 11.93 -2.20
N PHE A 358 -25.07 11.06 -1.55
CA PHE A 358 -24.18 11.54 -0.49
C PHE A 358 -23.17 12.55 -1.04
N ALA A 359 -22.50 12.20 -2.14
CA ALA A 359 -21.46 13.10 -2.67
C ALA A 359 -22.04 14.47 -3.01
N ASN A 360 -23.18 14.49 -3.70
CA ASN A 360 -23.82 15.76 -4.02
C ASN A 360 -24.23 16.49 -2.75
N ALA A 361 -24.81 15.77 -1.79
CA ALA A 361 -25.28 16.42 -0.56
C ALA A 361 -24.12 17.10 0.17
N LEU A 362 -22.94 16.48 0.16
CA LEU A 362 -21.81 17.06 0.89
C LEU A 362 -21.34 18.36 0.23
N GLU A 363 -21.38 18.41 -1.09
CA GLU A 363 -21.08 19.67 -1.79
C GLU A 363 -22.09 20.76 -1.45
N GLU A 364 -23.38 20.42 -1.48
CA GLU A 364 -24.42 21.40 -1.12
C GLU A 364 -24.22 21.91 0.30
N VAL A 365 -23.97 20.99 1.25
CA VAL A 365 -23.75 21.40 2.63
C VAL A 365 -22.60 22.39 2.70
N SER A 366 -21.52 22.13 1.96
CA SER A 366 -20.36 23.02 2.06
C SER A 366 -20.72 24.43 1.61
N ILE A 367 -21.47 24.52 0.51
CA ILE A 367 -21.82 25.81 -0.05
C ILE A 367 -22.89 26.49 0.79
N GLU A 368 -23.85 25.73 1.30
CA GLU A 368 -24.86 26.32 2.18
C GLU A 368 -24.22 26.90 3.44
N THR A 369 -23.25 26.19 4.00
CA THR A 369 -22.60 26.63 5.24
C THR A 369 -21.85 27.94 5.04
N ILE A 370 -21.08 28.05 3.95
CA ILE A 370 -20.43 29.31 3.61
C ILE A 370 -21.48 30.39 3.32
N GLU A 371 -22.55 30.03 2.60
CA GLU A 371 -23.51 31.06 2.21
C GLU A 371 -24.32 31.57 3.41
N ALA A 372 -24.37 30.82 4.51
CA ALA A 372 -24.98 31.28 5.75
C ALA A 372 -24.02 32.08 6.63
N GLY A 373 -22.83 32.39 6.13
CA GLY A 373 -21.88 33.21 6.85
C GLY A 373 -20.91 32.48 7.75
N PHE A 374 -20.79 31.16 7.65
CA PHE A 374 -19.81 30.41 8.41
C PHE A 374 -18.67 30.01 7.47
N MET A 375 -17.47 30.56 7.71
CA MET A 375 -16.42 30.44 6.71
C MET A 375 -15.05 30.58 7.38
N THR A 376 -14.03 30.20 6.63
CA THR A 376 -12.67 30.37 7.09
C THR A 376 -12.15 31.76 6.75
N LYS A 377 -10.97 32.07 7.26
CA LYS A 377 -10.45 33.43 7.19
C LYS A 377 -10.28 33.90 5.74
N ASP A 378 -9.83 33.00 4.85
CA ASP A 378 -9.64 33.37 3.45
C ASP A 378 -10.94 33.85 2.80
N LEU A 379 -12.05 33.15 3.06
CA LEU A 379 -13.32 33.58 2.49
C LEU A 379 -13.78 34.91 3.09
N ALA A 380 -13.59 35.10 4.40
CA ALA A 380 -13.93 36.40 5.00
C ALA A 380 -13.10 37.52 4.40
N ALA A 381 -11.79 37.29 4.24
CA ALA A 381 -10.95 38.29 3.60
C ALA A 381 -11.42 38.58 2.18
N CYS A 382 -11.92 37.56 1.50
CA CYS A 382 -12.43 37.78 0.15
C CYS A 382 -13.65 38.69 0.15
N ILE A 383 -14.48 38.62 1.19
CA ILE A 383 -15.65 39.51 1.28
C ILE A 383 -15.23 40.93 1.66
N LYS A 384 -14.45 41.06 2.74
CA LYS A 384 -14.19 42.34 3.40
C LYS A 384 -12.84 42.95 3.08
N GLY A 385 -11.90 42.17 2.54
CA GLY A 385 -10.52 42.61 2.48
C GLY A 385 -9.83 42.18 3.76
N LEU A 386 -8.62 41.62 3.65
CA LEU A 386 -7.96 41.09 4.83
C LEU A 386 -7.68 42.13 5.92
N PRO A 387 -7.20 43.35 5.61
CA PRO A 387 -7.02 44.36 6.68
C PRO A 387 -8.24 44.57 7.58
N ASN A 388 -9.46 44.54 7.04
CA ASN A 388 -10.68 44.76 7.81
C ASN A 388 -11.23 43.49 8.43
N VAL A 389 -10.53 42.37 8.33
CA VAL A 389 -11.04 41.13 8.90
C VAL A 389 -10.71 41.10 10.39
N GLN A 390 -11.74 40.91 11.17
CA GLN A 390 -11.57 40.73 12.58
C GLN A 390 -11.84 39.26 12.86
N ARG A 391 -11.24 38.73 13.92
CA ARG A 391 -11.39 37.31 14.27
C ARG A 391 -12.77 36.70 14.37
N SER A 392 -13.79 37.48 14.70
CA SER A 392 -15.14 36.96 14.81
C SER A 392 -15.86 36.80 13.47
N ASP A 393 -15.26 37.32 12.41
CA ASP A 393 -15.79 37.21 11.09
C ASP A 393 -15.47 35.84 10.52
N TYR A 394 -14.75 34.98 11.22
CA TYR A 394 -14.39 33.70 10.63
C TYR A 394 -14.24 32.64 11.71
N LEU A 395 -14.30 31.40 11.26
CA LEU A 395 -14.06 30.22 12.09
C LEU A 395 -12.64 29.71 11.84
N ASN A 396 -12.05 29.06 12.84
CA ASN A 396 -10.78 28.42 12.60
C ASN A 396 -11.03 27.03 12.02
N THR A 397 -9.94 26.38 11.61
CA THR A 397 -10.04 25.16 10.81
C THR A 397 -10.98 24.14 11.44
N PHE A 398 -10.85 23.96 12.75
CA PHE A 398 -11.57 22.88 13.43
C PHE A 398 -13.01 23.27 13.72
N GLU A 399 -13.25 24.53 14.13
CA GLU A 399 -14.62 25.05 14.24
C GLU A 399 -15.36 24.88 12.92
N PHE A 400 -14.73 25.28 11.82
CA PHE A 400 -15.39 25.17 10.52
C PHE A 400 -15.73 23.72 10.17
N MET A 401 -14.81 22.78 10.41
CA MET A 401 -15.10 21.38 10.14
C MET A 401 -16.25 20.87 11.01
N ASP A 402 -16.26 21.23 12.30
CA ASP A 402 -17.38 20.84 13.16
C ASP A 402 -18.71 21.38 12.63
N LYS A 403 -18.73 22.65 12.20
CA LYS A 403 -19.95 23.22 11.65
C LYS A 403 -20.38 22.46 10.40
N LEU A 404 -19.43 22.11 9.53
CA LEU A 404 -19.78 21.32 8.35
C LEU A 404 -20.31 19.95 8.75
N GLY A 405 -19.66 19.30 9.72
CA GLY A 405 -20.15 18.03 10.21
C GLY A 405 -21.56 18.13 10.78
N GLU A 406 -21.83 19.18 11.55
CA GLU A 406 -23.17 19.34 12.09
C GLU A 406 -24.19 19.56 10.97
N ASN A 407 -23.86 20.41 9.97
CA ASN A 407 -24.81 20.67 8.89
C ASN A 407 -24.99 19.46 7.99
N LEU A 408 -23.94 18.65 7.83
CA LEU A 408 -24.06 17.41 7.07
C LEU A 408 -24.98 16.42 7.76
N LYS A 409 -24.87 16.32 9.10
CA LYS A 409 -25.75 15.42 9.85
C LYS A 409 -27.22 15.79 9.65
N ILE A 410 -27.55 17.09 9.78
CA ILE A 410 -28.91 17.56 9.58
C ILE A 410 -29.40 17.23 8.18
N LYS A 411 -28.63 17.66 7.16
CA LYS A 411 -29.04 17.49 5.76
C LYS A 411 -29.32 16.02 5.43
N LEU A 412 -28.43 15.13 5.84
CA LEU A 412 -28.62 13.71 5.54
C LEU A 412 -29.79 13.12 6.32
N ALA A 413 -30.04 13.60 7.53
CA ALA A 413 -31.15 13.10 8.31
C ALA A 413 -32.49 13.51 7.70
N GLN A 414 -32.58 14.73 7.18
CA GLN A 414 -33.85 15.25 6.67
C GLN A 414 -34.34 14.52 5.43
N ALA A 415 -33.52 13.72 4.79
CA ALA A 415 -33.94 13.02 3.58
C ALA A 415 -34.32 11.56 3.86
N LYS B 7 2.68 81.04 -25.75
CA LYS B 7 2.47 79.60 -25.70
C LYS B 7 3.71 78.86 -25.22
N ILE B 8 3.53 77.58 -24.88
CA ILE B 8 4.65 76.75 -24.43
C ILE B 8 5.40 76.23 -25.65
N SER B 9 6.73 76.35 -25.61
CA SER B 9 7.54 75.77 -26.67
C SER B 9 7.69 74.28 -26.45
N GLY B 10 7.35 73.50 -27.46
CA GLY B 10 7.32 72.07 -27.29
C GLY B 10 8.55 71.37 -27.84
N GLY B 11 9.18 71.92 -28.86
CA GLY B 11 10.29 71.24 -29.48
C GLY B 11 9.82 70.27 -30.54
N SER B 12 10.68 69.29 -30.81
CA SER B 12 10.60 68.46 -32.01
C SER B 12 9.87 67.14 -31.72
N VAL B 13 8.72 66.95 -32.37
CA VAL B 13 7.92 65.76 -32.20
C VAL B 13 7.51 65.24 -33.58
N VAL B 14 7.75 63.96 -33.82
CA VAL B 14 7.24 63.29 -35.00
C VAL B 14 5.81 62.81 -34.74
N GLU B 15 4.90 63.20 -35.61
CA GLU B 15 3.49 62.85 -35.52
C GLU B 15 3.12 61.91 -36.68
N MET B 16 2.21 60.96 -36.42
CA MET B 16 1.74 60.02 -37.44
C MET B 16 0.22 59.98 -37.39
N GLN B 17 -0.42 60.59 -38.38
CA GLN B 17 -1.88 60.51 -38.46
C GLN B 17 -2.32 59.11 -38.89
N GLY B 18 -3.57 58.78 -38.59
CA GLY B 18 -4.05 57.42 -38.81
C GLY B 18 -5.44 57.30 -39.40
N ASP B 19 -6.16 56.24 -39.03
CA ASP B 19 -7.38 55.83 -39.73
C ASP B 19 -8.61 55.91 -38.85
N GLU B 20 -9.75 56.03 -39.52
CA GLU B 20 -11.10 55.74 -39.01
C GLU B 20 -11.35 56.54 -37.73
N MET B 21 -11.93 55.94 -36.69
CA MET B 21 -12.39 56.73 -35.55
C MET B 21 -11.24 57.46 -34.86
N THR B 22 -10.09 56.80 -34.75
CA THR B 22 -8.97 57.44 -34.06
C THR B 22 -8.49 58.68 -34.79
N ARG B 23 -8.43 58.65 -36.12
CA ARG B 23 -8.05 59.85 -36.87
C ARG B 23 -8.93 61.04 -36.50
N ILE B 24 -10.22 60.80 -36.34
CA ILE B 24 -11.11 61.90 -35.99
C ILE B 24 -10.86 62.39 -34.57
N ILE B 25 -10.72 61.45 -33.62
CA ILE B 25 -10.30 61.81 -32.27
C ILE B 25 -8.95 62.53 -32.29
N TRP B 26 -8.03 62.06 -33.15
CA TRP B 26 -6.69 62.61 -33.19
C TRP B 26 -6.68 64.11 -33.45
N GLU B 27 -7.52 64.57 -34.39
CA GLU B 27 -7.56 65.99 -34.75
C GLU B 27 -8.27 66.81 -33.70
N LEU B 28 -9.30 66.26 -33.06
CA LEU B 28 -9.93 66.96 -31.95
C LEU B 28 -8.94 67.21 -30.82
N ILE B 29 -7.97 66.31 -30.64
CA ILE B 29 -7.00 66.44 -29.55
C ILE B 29 -6.05 67.60 -29.82
N LYS B 30 -5.47 67.65 -31.03
CA LYS B 30 -4.54 68.71 -31.37
C LYS B 30 -5.24 70.07 -31.35
N GLU B 31 -6.43 70.14 -31.94
CA GLU B 31 -7.11 71.42 -32.11
C GLU B 31 -7.71 71.94 -30.80
N LYS B 32 -8.15 71.06 -29.91
CA LYS B 32 -8.77 71.48 -28.65
C LYS B 32 -7.83 71.42 -27.46
N LEU B 33 -6.88 70.49 -27.46
CA LEU B 33 -6.07 70.24 -26.26
C LEU B 33 -4.60 70.59 -26.41
N ILE B 34 -4.02 70.45 -27.60
CA ILE B 34 -2.58 70.66 -27.78
C ILE B 34 -2.30 72.06 -28.33
N PHE B 35 -2.73 72.32 -29.57
CA PHE B 35 -2.33 73.54 -30.26
C PHE B 35 -2.75 74.84 -29.57
N PRO B 36 -3.89 74.94 -28.87
CA PRO B 36 -4.18 76.19 -28.16
C PRO B 36 -3.15 76.59 -27.13
N TYR B 37 -2.33 75.66 -26.64
CA TYR B 37 -1.45 75.95 -25.51
C TYR B 37 0.02 75.64 -25.76
N VAL B 38 0.34 74.85 -26.78
CA VAL B 38 1.70 74.42 -27.09
C VAL B 38 1.92 74.68 -28.57
N GLU B 39 3.15 75.07 -28.93
CA GLU B 39 3.57 75.14 -30.32
C GLU B 39 4.75 74.20 -30.51
N LEU B 40 4.75 73.45 -31.60
CA LEU B 40 5.69 72.35 -31.76
C LEU B 40 6.37 72.42 -33.11
N ASP B 41 7.67 72.11 -33.12
CA ASP B 41 8.36 71.74 -34.35
C ASP B 41 7.84 70.36 -34.71
N LEU B 42 6.66 70.35 -35.34
CA LEU B 42 5.96 69.11 -35.64
C LEU B 42 6.41 68.55 -37.00
N HIS B 43 6.91 67.32 -37.00
CA HIS B 43 7.24 66.61 -38.24
C HIS B 43 6.12 65.61 -38.50
N SER B 44 5.17 65.98 -39.37
CA SER B 44 3.99 65.17 -39.62
C SER B 44 4.20 64.18 -40.76
N TYR B 45 3.56 63.02 -40.64
CA TYR B 45 3.59 61.98 -41.65
C TYR B 45 2.21 61.33 -41.67
N ASP B 46 1.61 61.21 -42.85
CA ASP B 46 0.24 60.74 -42.95
C ASP B 46 0.26 59.24 -43.25
N LEU B 47 0.11 58.44 -42.21
CA LEU B 47 -0.01 57.00 -42.36
C LEU B 47 -1.45 56.53 -42.43
N GLY B 48 -2.37 57.42 -42.82
CA GLY B 48 -3.67 56.98 -43.27
C GLY B 48 -3.50 55.96 -44.38
N ILE B 49 -4.50 55.10 -44.58
CA ILE B 49 -4.33 54.00 -45.52
C ILE B 49 -4.14 54.52 -46.95
N GLU B 50 -4.83 55.62 -47.30
CA GLU B 50 -4.72 56.14 -48.65
C GLU B 50 -3.33 56.68 -48.94
N ASN B 51 -2.84 57.60 -48.10
CA ASN B 51 -1.49 58.10 -48.25
C ASN B 51 -0.46 56.97 -48.16
N ARG B 52 -0.78 55.89 -47.44
CA ARG B 52 0.17 54.77 -47.31
C ARG B 52 0.21 53.94 -48.59
N ASP B 53 -0.92 53.77 -49.25
CA ASP B 53 -0.94 53.09 -50.54
C ASP B 53 -0.27 53.96 -51.61
N ALA B 54 -0.71 55.22 -51.70
CA ALA B 54 -0.28 56.17 -52.73
C ALA B 54 1.21 56.51 -52.64
N THR B 55 1.91 56.01 -51.62
CA THR B 55 3.36 56.14 -51.53
C THR B 55 4.04 54.79 -51.41
N ASN B 56 3.35 53.70 -51.68
CA ASN B 56 3.90 52.35 -51.54
C ASN B 56 4.48 52.13 -50.14
N ASP B 57 3.72 52.57 -49.12
CA ASP B 57 4.07 52.44 -47.71
C ASP B 57 5.43 53.09 -47.41
N GLN B 58 5.82 54.08 -48.22
CA GLN B 58 7.09 54.75 -48.01
C GLN B 58 6.98 55.80 -46.90
N VAL B 59 5.86 56.52 -46.84
CA VAL B 59 5.61 57.45 -45.75
C VAL B 59 5.82 56.78 -44.40
N THR B 60 5.52 55.48 -44.31
CA THR B 60 5.67 54.77 -43.04
C THR B 60 7.12 54.68 -42.61
N LYS B 61 8.03 54.36 -43.54
CA LYS B 61 9.42 54.19 -43.14
C LYS B 61 10.15 55.52 -43.02
N ASP B 62 9.69 56.56 -43.72
CA ASP B 62 10.16 57.91 -43.45
C ASP B 62 9.84 58.33 -42.03
N ALA B 63 8.60 58.08 -41.59
CA ALA B 63 8.16 58.45 -40.25
C ALA B 63 9.01 57.76 -39.20
N ALA B 64 9.34 56.49 -39.42
CA ALA B 64 10.17 55.77 -38.47
C ALA B 64 11.58 56.34 -38.42
N GLU B 65 12.10 56.83 -39.55
CA GLU B 65 13.41 57.44 -39.53
C GLU B 65 13.36 58.80 -38.84
N ALA B 66 12.29 59.56 -39.06
CA ALA B 66 12.13 60.82 -38.34
C ALA B 66 12.16 60.61 -36.83
N ILE B 67 11.51 59.54 -36.34
CA ILE B 67 11.53 59.24 -34.90
C ILE B 67 12.96 58.96 -34.46
N LYS B 68 13.64 58.09 -35.20
CA LYS B 68 15.04 57.79 -34.94
C LYS B 68 15.85 59.07 -34.78
N LYS B 69 15.64 60.03 -35.68
CA LYS B 69 16.40 61.27 -35.65
C LYS B 69 15.95 62.20 -34.51
N HIS B 70 14.64 62.38 -34.30
CA HIS B 70 14.17 63.39 -33.39
C HIS B 70 13.81 62.87 -31.99
N ASN B 71 13.79 61.54 -31.81
CA ASN B 71 13.70 60.85 -30.51
C ASN B 71 12.27 60.71 -29.95
N VAL B 72 11.31 61.51 -30.40
CA VAL B 72 9.95 61.46 -29.88
C VAL B 72 8.95 61.33 -31.04
N GLY B 73 8.19 60.24 -31.05
CA GLY B 73 7.08 60.07 -31.98
C GLY B 73 5.78 59.80 -31.26
N VAL B 74 4.68 60.36 -31.79
CA VAL B 74 3.34 60.05 -31.32
C VAL B 74 2.51 59.61 -32.52
N LYS B 75 1.84 58.46 -32.38
CA LYS B 75 1.22 57.77 -33.52
C LYS B 75 -0.25 57.47 -33.28
N CYS B 76 -1.09 57.88 -34.21
CA CYS B 76 -2.48 57.47 -34.27
C CYS B 76 -2.56 56.00 -34.69
N ALA B 77 -3.69 55.37 -34.36
CA ALA B 77 -3.90 53.97 -34.77
C ALA B 77 -4.09 53.89 -36.29
N THR B 78 -3.60 52.82 -36.88
CA THR B 78 -3.60 52.64 -38.33
C THR B 78 -4.20 51.30 -38.71
N ILE B 79 -4.94 51.29 -39.83
CA ILE B 79 -5.46 50.04 -40.37
C ILE B 79 -4.31 49.15 -40.82
N THR B 80 -4.31 47.90 -40.36
CA THR B 80 -3.48 46.88 -40.97
C THR B 80 -4.29 46.15 -42.04
N PRO B 81 -3.77 46.02 -43.27
CA PRO B 81 -4.59 45.46 -44.35
C PRO B 81 -4.74 43.94 -44.25
N ASP B 82 -5.96 43.49 -44.51
CA ASP B 82 -6.26 42.09 -44.80
C ASP B 82 -6.99 42.04 -46.14
N GLU B 83 -7.48 40.84 -46.51
CA GLU B 83 -8.12 40.68 -47.81
C GLU B 83 -9.37 41.53 -47.92
N LYS B 84 -10.09 41.76 -46.81
CA LYS B 84 -11.25 42.64 -46.88
C LYS B 84 -10.84 44.12 -46.98
N ARG B 85 -9.68 44.48 -46.43
CA ARG B 85 -9.22 45.86 -46.52
C ARG B 85 -8.84 46.23 -47.95
N VAL B 86 -8.15 45.33 -48.66
CA VAL B 86 -7.75 45.63 -50.03
C VAL B 86 -8.97 45.86 -50.90
N GLU B 87 -10.05 45.12 -50.63
CA GLU B 87 -11.31 45.33 -51.34
C GLU B 87 -11.92 46.70 -51.02
N GLU B 88 -11.66 47.22 -49.81
CA GLU B 88 -12.37 48.43 -49.37
C GLU B 88 -11.90 49.68 -50.12
N PHE B 89 -10.58 49.86 -50.23
CA PHE B 89 -10.02 51.05 -50.84
C PHE B 89 -9.51 50.80 -52.26
N LYS B 90 -9.71 49.58 -52.79
CA LYS B 90 -9.14 49.16 -54.06
C LYS B 90 -7.66 49.51 -54.11
N LEU B 91 -6.93 49.12 -53.06
CA LEU B 91 -5.53 49.49 -53.01
C LEU B 91 -4.66 48.34 -53.52
N LYS B 92 -3.38 48.67 -53.69
CA LYS B 92 -2.50 47.94 -54.60
C LYS B 92 -1.75 46.80 -53.94
N GLN B 93 -1.94 46.57 -52.64
CA GLN B 93 -1.18 45.52 -51.98
C GLN B 93 -1.69 45.39 -50.55
N MET B 94 -1.36 44.27 -49.94
CA MET B 94 -1.69 44.03 -48.57
C MET B 94 -0.45 44.40 -47.82
N TRP B 95 -0.26 45.70 -47.66
CA TRP B 95 0.90 46.23 -46.96
C TRP B 95 1.03 45.74 -45.54
N LYS B 96 2.26 45.68 -45.06
CA LYS B 96 2.48 45.23 -43.70
C LYS B 96 2.03 46.24 -42.65
N SER B 97 1.88 45.74 -41.44
CA SER B 97 1.56 46.54 -40.29
C SER B 97 2.52 47.73 -40.17
N PRO B 98 2.03 48.96 -40.16
CA PRO B 98 2.92 50.11 -39.92
C PRO B 98 3.67 50.01 -38.60
N ASN B 99 3.15 49.27 -37.62
CA ASN B 99 3.82 49.20 -36.32
C ASN B 99 4.98 48.20 -36.32
N GLY B 100 4.88 47.14 -37.12
CA GLY B 100 6.01 46.24 -37.27
C GLY B 100 7.14 46.89 -38.04
N THR B 101 6.82 47.58 -39.14
CA THR B 101 7.77 48.42 -39.84
C THR B 101 8.53 49.32 -38.87
N ILE B 102 7.78 50.11 -38.10
CA ILE B 102 8.38 51.07 -37.17
C ILE B 102 9.25 50.36 -36.14
N ARG B 103 8.79 49.22 -35.61
CA ARG B 103 9.52 48.63 -34.48
C ARG B 103 10.84 48.02 -34.92
N ASN B 104 10.91 47.48 -36.14
CA ASN B 104 12.20 46.92 -36.56
C ASN B 104 13.15 47.97 -37.11
N ILE B 105 12.67 49.19 -37.36
CA ILE B 105 13.60 50.30 -37.62
C ILE B 105 14.17 50.84 -36.32
N LEU B 106 13.31 50.99 -35.30
CA LEU B 106 13.73 51.56 -34.02
C LEU B 106 14.23 50.54 -33.01
N GLY B 107 13.73 49.30 -33.05
CA GLY B 107 13.98 48.37 -31.98
C GLY B 107 13.26 48.80 -30.71
N GLY B 108 13.43 48.00 -29.67
CA GLY B 108 12.88 48.36 -28.37
C GLY B 108 11.65 47.55 -27.99
N THR B 109 11.17 47.85 -26.80
CA THR B 109 10.20 47.06 -26.07
C THR B 109 8.92 47.85 -25.91
N VAL B 110 7.79 47.23 -26.23
CA VAL B 110 6.48 47.85 -26.00
C VAL B 110 6.12 47.71 -24.54
N PHE B 111 5.78 48.82 -23.90
CA PHE B 111 5.31 48.81 -22.52
C PHE B 111 3.87 49.30 -22.51
N ARG B 112 3.01 48.57 -21.80
CA ARG B 112 1.61 48.92 -21.71
C ARG B 112 1.30 49.37 -20.31
N GLU B 113 0.39 50.33 -20.22
CA GLU B 113 0.04 50.89 -18.92
C GLU B 113 -1.41 51.38 -18.94
N ALA B 114 -2.18 50.96 -17.95
CA ALA B 114 -3.56 51.37 -17.84
C ALA B 114 -3.68 52.69 -17.08
N ILE B 115 -4.66 53.48 -17.46
CA ILE B 115 -4.99 54.71 -16.75
C ILE B 115 -6.07 54.40 -15.72
N ILE B 116 -5.81 54.77 -14.47
CA ILE B 116 -6.65 54.43 -13.33
C ILE B 116 -7.39 55.69 -12.85
N CYS B 117 -8.70 55.53 -12.60
CA CYS B 117 -9.54 56.55 -12.00
C CYS B 117 -10.22 55.95 -10.76
N LYS B 118 -10.39 56.77 -9.73
CA LYS B 118 -10.87 56.24 -8.44
C LYS B 118 -12.29 55.72 -8.52
N ASN B 119 -13.12 56.25 -9.41
CA ASN B 119 -14.51 55.87 -9.48
C ASN B 119 -14.76 54.81 -10.54
N ILE B 120 -13.73 54.33 -11.20
CA ILE B 120 -13.83 53.33 -12.26
C ILE B 120 -13.27 52.03 -11.70
N PRO B 121 -14.11 51.01 -11.44
CA PRO B 121 -13.62 49.79 -10.77
C PRO B 121 -12.47 49.14 -11.52
N ARG B 122 -11.51 48.60 -10.77
CA ARG B 122 -10.39 47.83 -11.31
C ARG B 122 -10.68 46.34 -11.21
N LEU B 123 -10.12 45.58 -12.14
CA LEU B 123 -10.32 44.13 -12.14
C LEU B 123 -9.79 43.50 -10.85
N VAL B 124 -8.64 43.97 -10.37
CA VAL B 124 -8.14 43.64 -9.05
C VAL B 124 -8.28 44.90 -8.20
N SER B 125 -9.17 44.84 -7.20
CA SER B 125 -9.54 46.05 -6.47
C SER B 125 -8.33 46.70 -5.84
N GLY B 126 -7.38 45.89 -5.35
CA GLY B 126 -6.21 46.41 -4.65
C GLY B 126 -5.24 47.17 -5.52
N TRP B 127 -5.43 47.12 -6.84
CA TRP B 127 -4.56 47.82 -7.78
C TRP B 127 -4.97 49.29 -7.83
N VAL B 128 -4.33 50.12 -7.00
CA VAL B 128 -4.58 51.56 -7.05
C VAL B 128 -3.53 52.31 -7.88
N LYS B 129 -2.37 51.72 -8.10
CA LYS B 129 -1.36 52.32 -8.96
C LYS B 129 -1.21 51.48 -10.22
N PRO B 130 -0.96 52.10 -11.38
CA PRO B 130 -0.81 51.31 -12.61
C PRO B 130 0.32 50.29 -12.51
N ILE B 131 0.16 49.19 -13.23
CA ILE B 131 1.21 48.21 -13.46
C ILE B 131 1.60 48.34 -14.92
N ILE B 132 2.90 48.36 -15.18
CA ILE B 132 3.43 48.54 -16.51
C ILE B 132 4.02 47.21 -16.97
N ILE B 133 3.46 46.67 -18.04
CA ILE B 133 3.83 45.35 -18.56
C ILE B 133 4.72 45.55 -19.77
N GLY B 134 5.94 45.04 -19.70
CA GLY B 134 6.80 45.03 -20.88
C GLY B 134 6.88 43.67 -21.53
N HIS B 135 6.46 43.60 -22.79
CA HIS B 135 6.44 42.36 -23.54
C HIS B 135 7.61 42.32 -24.51
N HIS B 136 8.32 41.20 -24.53
CA HIS B 136 9.37 40.96 -25.53
C HIS B 136 8.72 40.54 -26.84
N ALA B 137 8.89 41.35 -27.89
CA ALA B 137 8.26 41.04 -29.18
C ALA B 137 8.87 41.83 -30.33
N ARG B 143 7.38 34.44 -33.97
CA ARG B 143 8.44 34.22 -34.94
C ARG B 143 8.90 32.73 -35.03
N ALA B 144 8.05 31.80 -34.61
CA ALA B 144 8.40 30.38 -34.63
C ALA B 144 8.31 29.79 -36.04
N THR B 145 8.95 28.64 -36.21
CA THR B 145 8.84 27.86 -37.42
C THR B 145 8.20 26.52 -37.07
N ASP B 146 6.97 26.29 -37.53
CA ASP B 146 6.23 25.10 -37.14
C ASP B 146 5.78 24.32 -38.38
N PHE B 147 5.60 23.01 -38.21
CA PHE B 147 5.22 22.18 -39.34
C PHE B 147 4.55 20.90 -38.83
N VAL B 148 3.81 20.26 -39.72
CA VAL B 148 3.20 18.96 -39.46
C VAL B 148 4.22 17.87 -39.67
N VAL B 149 4.28 16.91 -38.75
CA VAL B 149 5.07 15.69 -38.92
C VAL B 149 4.14 14.61 -39.45
N PRO B 150 4.27 14.17 -40.70
CA PRO B 150 3.21 13.36 -41.32
C PRO B 150 3.23 11.88 -40.95
N GLY B 151 4.33 11.39 -40.40
CA GLY B 151 4.45 10.01 -40.07
C GLY B 151 5.75 9.76 -39.35
N PRO B 152 6.05 8.48 -39.10
CA PRO B 152 7.24 8.15 -38.30
C PRO B 152 8.51 8.73 -38.90
N GLY B 153 9.42 9.10 -38.01
CA GLY B 153 10.68 9.66 -38.44
C GLY B 153 11.28 10.52 -37.34
N LYS B 154 12.39 11.16 -37.69
CA LYS B 154 13.24 11.87 -36.74
C LYS B 154 13.13 13.37 -36.96
N VAL B 155 12.84 14.11 -35.90
CA VAL B 155 12.93 15.57 -35.92
C VAL B 155 14.14 15.97 -35.10
N GLU B 156 15.07 16.71 -35.74
CA GLU B 156 16.30 17.21 -35.15
C GLU B 156 16.34 18.71 -35.29
N ILE B 157 17.08 19.36 -34.41
CA ILE B 157 17.34 20.79 -34.51
C ILE B 157 18.85 20.95 -34.42
N THR B 158 19.42 21.72 -35.36
CA THR B 158 20.87 21.78 -35.50
C THR B 158 21.36 23.23 -35.57
N TYR B 159 22.61 23.43 -35.14
CA TYR B 159 23.29 24.72 -35.17
C TYR B 159 24.57 24.59 -36.00
N THR B 160 24.64 25.36 -37.08
CA THR B 160 25.79 25.32 -37.97
C THR B 160 26.55 26.63 -37.84
N PRO B 161 27.73 26.66 -37.22
CA PRO B 161 28.47 27.93 -37.10
C PRO B 161 28.77 28.54 -38.46
N SER B 162 28.73 29.87 -38.54
CA SER B 162 29.04 30.52 -39.81
C SER B 162 30.53 30.53 -40.15
N ASP B 163 31.41 30.08 -39.24
CA ASP B 163 32.85 30.09 -39.49
C ASP B 163 33.35 28.74 -39.99
N GLY B 164 32.44 27.89 -40.45
CA GLY B 164 32.79 26.60 -41.00
C GLY B 164 33.10 25.51 -40.01
N THR B 165 33.08 25.78 -38.70
CA THR B 165 33.34 24.72 -37.73
C THR B 165 32.12 23.78 -37.60
N GLN B 166 32.24 22.84 -36.67
CA GLN B 166 31.40 21.64 -36.62
C GLN B 166 29.95 21.95 -36.21
N LYS B 167 29.00 21.56 -37.06
CA LYS B 167 27.59 21.67 -36.72
C LYS B 167 27.23 20.82 -35.50
N VAL B 168 26.28 21.32 -34.71
CA VAL B 168 25.84 20.65 -33.49
C VAL B 168 24.38 20.24 -33.68
N THR B 169 24.06 18.98 -33.34
CA THR B 169 22.75 18.40 -33.59
C THR B 169 22.09 18.03 -32.27
N TYR B 170 20.82 18.40 -32.14
CA TYR B 170 20.00 18.08 -30.97
C TYR B 170 18.79 17.27 -31.42
N LEU B 171 18.56 16.13 -30.77
CA LEU B 171 17.35 15.35 -31.03
C LEU B 171 16.15 16.05 -30.44
N VAL B 172 15.18 16.38 -31.27
CA VAL B 172 13.87 16.80 -30.76
C VAL B 172 12.99 15.60 -30.45
N HIS B 173 12.77 14.70 -31.43
CA HIS B 173 11.94 13.53 -31.15
C HIS B 173 12.08 12.50 -32.27
N ASN B 174 12.14 11.22 -31.88
CA ASN B 174 11.92 10.13 -32.82
C ASN B 174 10.45 9.75 -32.77
N PHE B 175 9.71 10.05 -33.83
CA PHE B 175 8.33 9.61 -33.92
C PHE B 175 8.40 8.17 -34.36
N GLU B 176 8.14 7.24 -33.44
CA GLU B 176 8.20 5.82 -33.80
C GLU B 176 6.88 5.31 -34.38
N GLU B 177 5.74 5.80 -33.91
CA GLU B 177 4.47 5.53 -34.56
C GLU B 177 3.75 6.84 -34.83
N GLY B 178 2.99 6.88 -35.91
CA GLY B 178 2.23 8.08 -36.24
C GLY B 178 3.06 9.33 -36.39
N GLY B 179 2.38 10.46 -36.63
CA GLY B 179 3.08 11.71 -36.70
C GLY B 179 2.67 12.67 -35.59
N GLY B 180 2.62 13.95 -35.95
CA GLY B 180 2.30 14.96 -34.99
C GLY B 180 2.71 16.31 -35.51
N VAL B 181 3.37 17.10 -34.66
CA VAL B 181 3.76 18.46 -35.00
C VAL B 181 5.07 18.75 -34.31
N ALA B 182 5.80 19.71 -34.86
CA ALA B 182 7.01 20.18 -34.22
C ALA B 182 7.23 21.63 -34.60
N MET B 183 8.10 22.30 -33.85
CA MET B 183 8.44 23.67 -34.15
C MET B 183 9.76 24.03 -33.49
N GLY B 184 10.37 25.07 -34.03
CA GLY B 184 11.54 25.67 -33.43
C GLY B 184 11.34 27.16 -33.21
N MET B 185 11.97 27.66 -32.14
CA MET B 185 11.95 29.06 -31.74
C MET B 185 13.37 29.49 -31.41
N TYR B 186 13.58 30.80 -31.42
CA TYR B 186 14.90 31.36 -31.16
C TYR B 186 14.74 32.75 -30.55
N ASN B 187 15.84 33.23 -29.97
CA ASN B 187 15.97 34.61 -29.51
C ASN B 187 17.43 35.01 -29.57
N GLN B 188 17.67 36.24 -30.03
CA GLN B 188 19.02 36.78 -30.11
C GLN B 188 19.41 37.44 -28.80
N ASP B 189 20.69 37.28 -28.44
CA ASP B 189 21.23 38.00 -27.28
C ASP B 189 20.96 39.49 -27.38
N LYS B 190 21.17 40.08 -28.55
CA LYS B 190 20.99 41.52 -28.70
C LYS B 190 19.55 41.93 -28.39
N SER B 191 18.56 41.16 -28.88
CA SER B 191 17.17 41.44 -28.52
C SER B 191 16.97 41.34 -27.01
N ILE B 192 17.60 40.36 -26.38
CA ILE B 192 17.47 40.18 -24.94
C ILE B 192 18.15 41.33 -24.19
N GLU B 193 19.33 41.74 -24.67
CA GLU B 193 20.01 42.87 -24.05
C GLU B 193 19.22 44.16 -24.22
N ASP B 194 18.67 44.40 -25.42
CA ASP B 194 17.82 45.57 -25.65
C ASP B 194 16.61 45.56 -24.72
N PHE B 195 15.95 44.41 -24.61
CA PHE B 195 14.83 44.22 -23.70
C PHE B 195 15.21 44.60 -22.28
N ALA B 196 16.36 44.11 -21.81
CA ALA B 196 16.85 44.44 -20.48
C ALA B 196 17.05 45.95 -20.32
N HIS B 197 17.82 46.56 -21.22
CA HIS B 197 18.07 47.99 -21.15
C HIS B 197 16.76 48.76 -21.15
N SER B 198 15.90 48.52 -22.16
CA SER B 198 14.60 49.19 -22.20
C SER B 198 13.86 49.06 -20.87
N SER B 199 13.94 47.89 -20.23
CA SER B 199 13.20 47.67 -18.99
C SER B 199 13.81 48.43 -17.83
N PHE B 200 15.15 48.42 -17.71
CA PHE B 200 15.79 49.21 -16.67
C PHE B 200 15.56 50.70 -16.91
N GLN B 201 15.70 51.17 -18.15
CA GLN B 201 15.41 52.56 -18.47
C GLN B 201 14.02 52.94 -17.98
N MET B 202 13.04 52.11 -18.32
CA MET B 202 11.65 52.40 -17.97
C MET B 202 11.47 52.38 -16.46
N ALA B 203 12.17 51.52 -15.75
CA ALA B 203 12.00 51.52 -14.31
C ALA B 203 12.65 52.74 -13.67
N LEU B 204 13.72 53.26 -14.26
CA LEU B 204 14.39 54.44 -13.72
C LEU B 204 13.59 55.71 -14.00
N SER B 205 12.99 55.81 -15.20
CA SER B 205 12.26 57.01 -15.56
C SER B 205 11.05 57.19 -14.64
N LYS B 206 10.41 56.10 -14.24
CA LYS B 206 9.23 56.19 -13.41
C LYS B 206 9.53 56.09 -11.92
N GLY B 207 10.70 55.60 -11.54
CA GLY B 207 10.99 55.38 -10.12
C GLY B 207 10.21 54.26 -9.48
N TRP B 208 10.00 53.15 -10.19
CA TRP B 208 9.32 51.96 -9.70
C TRP B 208 10.24 50.76 -9.85
N PRO B 209 10.18 49.79 -8.95
CA PRO B 209 11.00 48.59 -9.10
C PRO B 209 10.60 47.82 -10.33
N LEU B 210 11.42 46.81 -10.65
CA LEU B 210 11.25 46.04 -11.88
C LEU B 210 11.34 44.56 -11.57
N TYR B 211 10.48 43.78 -12.22
CA TYR B 211 10.52 42.34 -12.11
C TYR B 211 10.55 41.73 -13.51
N LEU B 212 11.44 40.77 -13.71
CA LEU B 212 11.44 39.93 -14.89
C LEU B 212 10.87 38.57 -14.50
N SER B 213 9.96 38.04 -15.33
CA SER B 213 9.39 36.72 -15.12
C SER B 213 9.76 35.79 -16.28
N THR B 214 10.16 34.58 -15.95
CA THR B 214 10.51 33.56 -16.92
C THR B 214 10.03 32.22 -16.37
N LYS B 215 10.20 31.18 -17.17
CA LYS B 215 10.02 29.84 -16.64
C LYS B 215 11.35 29.11 -16.69
N ASN B 216 12.39 29.71 -16.11
CA ASN B 216 13.71 29.12 -16.29
C ASN B 216 13.92 27.83 -15.51
N THR B 217 12.90 27.33 -14.80
CA THR B 217 12.97 26.01 -14.18
C THR B 217 12.75 24.89 -15.18
N ILE B 218 12.09 25.17 -16.30
CA ILE B 218 11.77 24.17 -17.32
C ILE B 218 12.64 24.36 -18.55
N LEU B 219 12.75 25.59 -19.03
CA LEU B 219 13.62 25.96 -20.14
C LEU B 219 14.85 26.61 -19.53
N LYS B 220 15.72 25.76 -18.95
CA LYS B 220 16.83 26.26 -18.14
C LYS B 220 17.89 26.96 -18.99
N LYS B 221 18.03 26.57 -20.25
CA LYS B 221 18.98 27.25 -21.11
C LYS B 221 18.32 28.44 -21.81
N TYR B 222 17.15 28.21 -22.38
CA TYR B 222 16.44 29.26 -23.10
C TYR B 222 16.06 30.42 -22.18
N ASP B 223 15.24 30.14 -21.15
CA ASP B 223 14.81 31.20 -20.26
C ASP B 223 15.92 31.64 -19.30
N GLY B 224 16.81 30.71 -18.94
CA GLY B 224 17.94 31.09 -18.10
C GLY B 224 18.81 32.13 -18.76
N ARG B 225 18.81 32.17 -20.10
CA ARG B 225 19.55 33.20 -20.83
C ARG B 225 18.99 34.59 -20.54
N PHE B 226 17.65 34.71 -20.50
CA PHE B 226 17.03 35.98 -20.17
C PHE B 226 17.41 36.43 -18.76
N LYS B 227 17.27 35.51 -17.79
CA LYS B 227 17.61 35.81 -16.41
C LYS B 227 19.07 36.25 -16.27
N ASP B 228 19.99 35.56 -16.97
CA ASP B 228 21.41 35.91 -16.86
C ASP B 228 21.71 37.26 -17.49
N ILE B 229 21.14 37.55 -18.66
CA ILE B 229 21.45 38.82 -19.33
C ILE B 229 20.92 39.99 -18.51
N PHE B 230 19.70 39.86 -17.96
CA PHE B 230 19.15 40.93 -17.13
C PHE B 230 20.03 41.20 -15.92
N GLN B 231 20.45 40.13 -15.24
CA GLN B 231 21.23 40.29 -14.02
C GLN B 231 22.60 40.88 -14.30
N GLU B 232 23.30 40.36 -15.33
CA GLU B 232 24.58 40.92 -15.71
C GLU B 232 24.49 42.42 -15.97
N ILE B 233 23.55 42.81 -16.84
CA ILE B 233 23.40 44.22 -17.21
C ILE B 233 22.98 45.05 -16.00
N TYR B 234 22.10 44.51 -15.16
CA TYR B 234 21.69 45.23 -13.95
C TYR B 234 22.91 45.60 -13.09
N ASP B 235 23.76 44.61 -12.78
CA ASP B 235 24.94 44.84 -11.93
C ASP B 235 25.94 45.79 -12.59
N LYS B 236 26.25 45.58 -13.87
CA LYS B 236 27.32 46.38 -14.46
C LYS B 236 26.90 47.83 -14.70
N GLN B 237 25.60 48.10 -14.97
CA GLN B 237 25.22 49.42 -15.44
C GLN B 237 24.02 50.06 -14.75
N TYR B 238 23.38 49.39 -13.79
CA TYR B 238 22.14 49.98 -13.28
C TYR B 238 21.92 49.88 -11.77
N LYS B 239 22.50 48.89 -11.09
CA LYS B 239 22.22 48.70 -9.66
C LYS B 239 22.42 49.99 -8.86
N SER B 240 23.45 50.77 -9.19
CA SER B 240 23.74 51.98 -8.42
C SER B 240 22.65 53.03 -8.61
N GLN B 241 22.25 53.27 -9.86
CA GLN B 241 21.16 54.20 -10.14
C GLN B 241 19.83 53.74 -9.54
N PHE B 242 19.59 52.43 -9.49
CA PHE B 242 18.39 51.90 -8.86
C PHE B 242 18.40 52.17 -7.37
N GLU B 243 19.51 51.85 -6.70
CA GLU B 243 19.62 52.08 -5.26
C GLU B 243 19.55 53.56 -4.90
N ALA B 244 19.71 54.46 -5.88
CA ALA B 244 19.59 55.90 -5.67
C ALA B 244 18.18 56.43 -5.93
N GLN B 245 17.26 55.59 -6.38
CA GLN B 245 15.84 55.93 -6.39
C GLN B 245 15.05 54.99 -5.49
N LYS B 246 15.74 54.26 -4.61
CA LYS B 246 15.12 53.38 -3.62
C LYS B 246 14.32 52.26 -4.26
N ILE B 247 14.70 51.88 -5.49
CA ILE B 247 14.04 50.80 -6.22
C ILE B 247 15.05 49.68 -6.46
N TRP B 248 14.57 48.57 -7.01
CA TRP B 248 15.41 47.39 -7.23
C TRP B 248 14.95 46.67 -8.49
N TYR B 249 15.70 45.63 -8.84
CA TYR B 249 15.32 44.68 -9.88
C TYR B 249 15.40 43.27 -9.29
N GLU B 250 14.41 42.44 -9.61
CA GLU B 250 14.44 41.05 -9.19
C GLU B 250 13.78 40.16 -10.24
N HIS B 251 14.22 38.91 -10.30
CA HIS B 251 13.68 37.93 -11.22
C HIS B 251 12.68 37.05 -10.49
N ARG B 252 11.57 36.72 -11.16
CA ARG B 252 10.54 35.86 -10.59
C ARG B 252 10.17 34.74 -11.56
N LEU B 253 9.97 33.53 -11.03
CA LEU B 253 9.24 32.53 -11.79
C LEU B 253 7.82 33.01 -12.04
N ILE B 254 7.28 32.67 -13.21
CA ILE B 254 6.03 33.29 -13.65
C ILE B 254 4.89 32.98 -12.67
N ASP B 255 4.84 31.76 -12.12
CA ASP B 255 3.81 31.42 -11.15
C ASP B 255 3.83 32.37 -9.96
N ASP B 256 5.00 32.53 -9.33
CA ASP B 256 5.14 33.45 -8.20
C ASP B 256 4.82 34.88 -8.60
N MET B 257 5.18 35.29 -9.82
CA MET B 257 4.95 36.66 -10.26
C MET B 257 3.47 36.98 -10.39
N VAL B 258 2.69 36.05 -10.96
CA VAL B 258 1.24 36.25 -11.07
C VAL B 258 0.61 36.43 -9.69
N ALA B 259 0.92 35.52 -8.77
CA ALA B 259 0.42 35.64 -7.40
C ALA B 259 0.87 36.95 -6.75
N GLN B 260 2.19 37.21 -6.74
CA GLN B 260 2.70 38.46 -6.17
C GLN B 260 1.99 39.66 -6.77
N ALA B 261 1.85 39.70 -8.11
CA ALA B 261 1.26 40.87 -8.76
C ALA B 261 -0.18 41.10 -8.31
N MET B 262 -0.97 40.04 -8.24
CA MET B 262 -2.36 40.17 -7.80
C MET B 262 -2.48 40.56 -6.32
N LYS B 263 -1.50 40.23 -5.48
CA LYS B 263 -1.50 40.71 -4.10
C LYS B 263 -0.90 42.11 -3.97
N SER B 264 -0.28 42.62 -5.02
CA SER B 264 0.38 43.91 -4.96
C SER B 264 -0.65 45.04 -4.98
N GLU B 265 -0.12 46.24 -4.75
CA GLU B 265 -0.85 47.49 -4.93
C GLU B 265 -0.63 48.10 -6.32
N GLY B 266 0.24 47.50 -7.13
CA GLY B 266 0.60 48.09 -8.39
C GLY B 266 1.84 48.94 -8.25
N GLY B 267 2.11 49.71 -9.28
CA GLY B 267 3.27 50.59 -9.25
C GLY B 267 4.58 49.85 -9.36
N PHE B 268 4.69 48.94 -10.32
CA PHE B 268 5.95 48.30 -10.65
C PHE B 268 5.99 48.05 -12.15
N ILE B 269 7.19 47.74 -12.64
CA ILE B 269 7.39 47.32 -14.02
C ILE B 269 7.48 45.82 -14.04
N TRP B 270 6.79 45.21 -14.99
CA TRP B 270 6.78 43.76 -15.18
C TRP B 270 7.30 43.49 -16.59
N ALA B 271 8.58 43.13 -16.69
CA ALA B 271 9.12 42.62 -17.94
C ALA B 271 8.73 41.15 -18.07
N CYS B 272 8.01 40.84 -19.13
CA CYS B 272 7.36 39.55 -19.30
C CYS B 272 7.93 38.88 -20.53
N LYS B 273 8.38 37.64 -20.37
CA LYS B 273 8.83 36.80 -21.48
C LYS B 273 7.84 35.65 -21.74
N SER B 281 -3.15 40.20 -22.22
CA SER B 281 -3.04 41.57 -21.71
C SER B 281 -3.94 42.58 -22.44
N ASP B 282 -3.75 42.72 -23.76
CA ASP B 282 -4.70 43.44 -24.60
C ASP B 282 -6.07 42.78 -24.54
N SER B 283 -6.09 41.44 -24.66
CA SER B 283 -7.35 40.69 -24.66
C SER B 283 -8.09 40.86 -23.35
N VAL B 284 -7.37 40.87 -22.22
CA VAL B 284 -8.02 41.06 -20.93
C VAL B 284 -8.66 42.45 -20.88
N ALA B 285 -7.96 43.46 -21.42
CA ALA B 285 -8.52 44.81 -21.46
C ALA B 285 -9.79 44.84 -22.30
N GLN B 286 -9.78 44.15 -23.44
CA GLN B 286 -10.97 44.10 -24.28
C GLN B 286 -12.14 43.38 -23.60
N GLY B 287 -11.86 42.27 -22.90
CA GLY B 287 -12.92 41.60 -22.16
C GLY B 287 -13.41 42.41 -20.96
N TYR B 288 -12.48 43.02 -20.23
CA TYR B 288 -12.87 43.91 -19.15
C TYR B 288 -13.57 45.17 -19.67
N GLY B 289 -13.40 45.50 -20.94
CA GLY B 289 -13.95 46.73 -21.50
C GLY B 289 -13.17 48.01 -21.20
N SER B 290 -11.83 47.96 -21.16
CA SER B 290 -11.03 49.14 -20.82
C SER B 290 -9.89 49.42 -21.82
N LEU B 291 -10.00 48.95 -23.06
CA LEU B 291 -8.99 49.29 -24.06
C LEU B 291 -8.87 50.78 -24.29
N GLY B 292 -9.94 51.54 -24.05
CA GLY B 292 -9.87 52.98 -24.15
C GLY B 292 -9.02 53.64 -23.08
N MET B 293 -8.69 52.92 -22.00
CA MET B 293 -7.87 53.44 -20.92
C MET B 293 -6.51 52.76 -20.87
N MET B 294 -6.06 52.24 -22.00
CA MET B 294 -4.83 51.48 -22.09
C MET B 294 -3.87 52.25 -22.98
N THR B 295 -2.72 52.59 -22.45
CA THR B 295 -1.75 53.30 -23.26
C THR B 295 -0.50 52.44 -23.47
N SER B 296 0.26 52.84 -24.46
CA SER B 296 1.42 52.08 -24.89
C SER B 296 2.56 53.05 -25.21
N VAL B 297 3.78 52.56 -25.09
CA VAL B 297 4.93 53.33 -25.54
C VAL B 297 6.05 52.36 -25.93
N LEU B 298 6.57 52.54 -27.14
CA LEU B 298 7.76 51.83 -27.60
C LEU B 298 9.00 52.54 -27.01
N VAL B 299 9.77 51.83 -26.19
CA VAL B 299 10.89 52.40 -25.46
C VAL B 299 12.18 51.79 -25.98
N CYS B 300 12.95 52.56 -26.75
CA CYS B 300 14.15 52.05 -27.37
C CYS B 300 15.27 51.88 -26.34
N PRO B 301 16.22 51.01 -26.60
CA PRO B 301 17.29 50.71 -25.66
C PRO B 301 18.22 51.86 -25.28
N ASP B 302 18.27 52.93 -26.06
CA ASP B 302 19.15 54.03 -25.76
C ASP B 302 18.65 54.90 -24.63
N GLY B 303 17.37 54.84 -24.36
CA GLY B 303 16.77 55.66 -23.34
C GLY B 303 16.40 57.04 -23.83
N LYS B 304 16.49 57.26 -25.13
CA LYS B 304 16.24 58.52 -25.73
C LYS B 304 15.04 58.52 -26.62
N THR B 305 14.83 57.44 -27.33
CA THR B 305 13.73 57.37 -28.26
C THR B 305 12.49 56.62 -27.77
N VAL B 306 11.34 57.26 -27.85
CA VAL B 306 10.08 56.62 -27.54
C VAL B 306 9.15 56.86 -28.73
N GLU B 307 8.23 55.93 -28.94
CA GLU B 307 7.07 56.17 -29.79
C GLU B 307 5.84 55.82 -28.97
N ALA B 308 4.94 56.77 -28.80
CA ALA B 308 3.83 56.59 -27.91
C ALA B 308 2.53 56.53 -28.71
N GLU B 309 1.58 55.72 -28.22
CA GLU B 309 0.32 55.54 -28.91
C GLU B 309 -0.70 54.91 -27.96
N ALA B 310 -1.96 54.95 -28.38
CA ALA B 310 -3.00 54.19 -27.69
C ALA B 310 -2.76 52.72 -27.94
N ALA B 311 -3.06 51.90 -26.93
CA ALA B 311 -2.87 50.46 -27.15
C ALA B 311 -3.95 49.86 -28.02
N HIS B 312 -5.06 50.56 -28.23
CA HIS B 312 -6.16 50.06 -29.02
C HIS B 312 -5.97 50.42 -30.50
N GLY B 313 -6.94 50.07 -31.33
CA GLY B 313 -6.89 50.30 -32.75
C GLY B 313 -7.78 51.45 -33.20
N THR B 314 -8.10 51.44 -34.48
CA THR B 314 -8.84 52.53 -35.10
C THR B 314 -10.30 52.56 -34.71
N VAL B 315 -10.77 51.56 -33.95
CA VAL B 315 -12.15 51.45 -33.51
C VAL B 315 -13.07 51.51 -34.74
N THR B 316 -12.88 50.55 -35.65
CA THR B 316 -13.67 50.50 -36.88
C THR B 316 -15.16 50.56 -36.58
N ARG B 317 -15.62 49.78 -35.61
CA ARG B 317 -17.06 49.64 -35.36
C ARG B 317 -17.69 50.97 -35.01
N HIS B 318 -17.01 51.80 -34.22
CA HIS B 318 -17.56 53.11 -33.93
C HIS B 318 -17.49 54.01 -35.15
N TYR B 319 -16.46 53.85 -35.99
CA TYR B 319 -16.31 54.70 -37.16
C TYR B 319 -17.48 54.51 -38.12
N ARG B 320 -17.98 53.27 -38.24
CA ARG B 320 -19.15 52.99 -39.05
C ARG B 320 -20.39 53.69 -38.51
N MET B 321 -20.58 53.68 -37.18
CA MET B 321 -21.71 54.42 -36.62
C MET B 321 -21.57 55.92 -36.90
N TYR B 322 -20.34 56.42 -36.97
CA TYR B 322 -20.14 57.84 -37.23
C TYR B 322 -20.53 58.21 -38.65
N GLN B 323 -20.24 57.33 -39.61
CA GLN B 323 -20.57 57.61 -41.01
C GLN B 323 -22.08 57.56 -41.25
N LYS B 324 -22.77 56.60 -40.64
CA LYS B 324 -24.21 56.44 -40.77
C LYS B 324 -25.00 57.45 -39.92
N GLY B 325 -24.40 58.59 -39.56
CA GLY B 325 -25.09 59.59 -38.76
C GLY B 325 -25.39 59.21 -37.32
N GLN B 326 -24.87 58.08 -36.85
CA GLN B 326 -25.14 57.65 -35.48
C GLN B 326 -24.22 58.36 -34.48
N GLU B 327 -24.77 58.69 -33.31
CA GLU B 327 -23.97 59.26 -32.23
C GLU B 327 -23.02 58.22 -31.68
N THR B 328 -21.78 58.63 -31.44
CA THR B 328 -20.72 57.77 -30.95
C THR B 328 -20.22 58.29 -29.60
N SER B 329 -19.65 57.39 -28.80
CA SER B 329 -19.03 57.76 -27.53
C SER B 329 -17.74 56.96 -27.40
N THR B 330 -16.76 57.28 -28.24
CA THR B 330 -15.46 56.62 -28.26
C THR B 330 -14.52 57.29 -27.25
N ASN B 331 -13.88 56.47 -26.43
CA ASN B 331 -12.99 57.00 -25.39
C ASN B 331 -11.71 57.56 -25.99
N PRO B 332 -11.37 58.82 -25.76
CA PRO B 332 -10.13 59.41 -26.29
C PRO B 332 -8.93 59.38 -25.34
N ILE B 333 -9.13 58.94 -24.09
CA ILE B 333 -8.08 59.08 -23.07
C ILE B 333 -6.76 58.46 -23.52
N ALA B 334 -6.81 57.24 -24.05
CA ALA B 334 -5.55 56.59 -24.41
C ALA B 334 -4.85 57.33 -25.55
N SER B 335 -5.62 57.93 -26.46
CA SER B 335 -5.02 58.75 -27.51
C SER B 335 -4.43 60.04 -26.92
N ILE B 336 -5.15 60.68 -26.00
CA ILE B 336 -4.59 61.84 -25.30
C ILE B 336 -3.28 61.49 -24.61
N PHE B 337 -3.22 60.31 -23.98
CA PHE B 337 -2.01 59.92 -23.24
C PHE B 337 -0.87 59.55 -24.17
N ALA B 338 -1.16 59.22 -25.44
CA ALA B 338 -0.07 59.12 -26.40
C ALA B 338 0.66 60.45 -26.52
N TRP B 339 -0.12 61.54 -26.60
CA TRP B 339 0.46 62.89 -26.65
C TRP B 339 1.17 63.23 -25.34
N THR B 340 0.49 63.05 -24.20
CA THR B 340 1.10 63.47 -22.94
C THR B 340 2.38 62.70 -22.63
N ARG B 341 2.41 61.40 -22.95
CA ARG B 341 3.63 60.65 -22.69
C ARG B 341 4.72 60.98 -23.69
N GLY B 342 4.35 61.21 -24.96
CA GLY B 342 5.32 61.72 -25.92
C GLY B 342 5.87 63.07 -25.50
N LEU B 343 4.98 63.97 -25.08
CA LEU B 343 5.37 65.31 -24.66
C LEU B 343 6.17 65.30 -23.35
N ALA B 344 5.83 64.42 -22.41
CA ALA B 344 6.60 64.33 -21.17
C ALA B 344 8.02 63.89 -21.46
N HIS B 345 8.18 62.92 -22.36
CA HIS B 345 9.53 62.45 -22.70
C HIS B 345 10.29 63.52 -23.49
N ARG B 346 9.62 64.22 -24.41
CA ARG B 346 10.24 65.36 -25.07
C ARG B 346 10.65 66.43 -24.07
N ALA B 347 9.84 66.62 -23.02
CA ALA B 347 10.20 67.61 -21.99
C ALA B 347 11.40 67.14 -21.17
N LYS B 348 11.55 65.84 -20.97
CA LYS B 348 12.68 65.38 -20.16
C LYS B 348 13.98 65.51 -20.92
N LEU B 349 13.94 65.27 -22.23
CA LEU B 349 15.14 65.40 -23.06
C LEU B 349 15.62 66.85 -23.10
N ASP B 350 14.69 67.80 -23.19
CA ASP B 350 15.00 69.22 -23.36
C ASP B 350 15.07 69.99 -22.06
N ASN B 351 14.90 69.34 -20.91
CA ASN B 351 14.80 70.02 -19.62
C ASN B 351 13.83 71.20 -19.65
N ASN B 352 12.69 70.97 -20.31
CA ASN B 352 11.65 71.97 -20.54
C ASN B 352 10.61 71.79 -19.43
N LYS B 353 10.76 72.56 -18.36
CA LYS B 353 9.87 72.41 -17.21
C LYS B 353 8.45 72.83 -17.55
N GLU B 354 8.29 73.83 -18.42
CA GLU B 354 6.97 74.33 -18.78
C GLU B 354 6.18 73.28 -19.55
N LEU B 355 6.87 72.47 -20.38
CA LEU B 355 6.18 71.45 -21.18
C LEU B 355 5.92 70.21 -20.37
N ALA B 356 6.82 69.87 -19.44
CA ALA B 356 6.56 68.82 -18.47
C ALA B 356 5.33 69.13 -17.62
N PHE B 357 5.14 70.38 -17.24
CA PHE B 357 3.93 70.74 -16.48
C PHE B 357 2.67 70.53 -17.32
N PHE B 358 2.69 70.93 -18.59
CA PHE B 358 1.50 70.80 -19.43
C PHE B 358 1.13 69.35 -19.64
N ALA B 359 2.12 68.52 -19.98
CA ALA B 359 1.89 67.08 -20.11
C ALA B 359 1.23 66.52 -18.86
N ASN B 360 1.82 66.81 -17.68
CA ASN B 360 1.24 66.29 -16.44
C ASN B 360 -0.17 66.83 -16.21
N ALA B 361 -0.38 68.12 -16.49
CA ALA B 361 -1.69 68.71 -16.21
C ALA B 361 -2.77 68.16 -17.13
N LEU B 362 -2.44 67.89 -18.41
CA LEU B 362 -3.43 67.31 -19.32
C LEU B 362 -3.84 65.90 -18.87
N GLU B 363 -2.88 65.12 -18.36
CA GLU B 363 -3.21 63.82 -17.76
C GLU B 363 -4.12 63.99 -16.54
N GLU B 364 -3.81 64.96 -15.67
CA GLU B 364 -4.62 65.12 -14.46
C GLU B 364 -6.01 65.65 -14.81
N VAL B 365 -6.11 66.54 -15.79
CA VAL B 365 -7.42 67.00 -16.24
C VAL B 365 -8.25 65.81 -16.71
N SER B 366 -7.64 64.91 -17.49
CA SER B 366 -8.37 63.76 -18.02
C SER B 366 -8.87 62.90 -16.89
N ILE B 367 -7.99 62.56 -15.95
CA ILE B 367 -8.36 61.72 -14.83
C ILE B 367 -9.45 62.39 -14.01
N GLU B 368 -9.29 63.68 -13.72
CA GLU B 368 -10.23 64.36 -12.81
C GLU B 368 -11.60 64.52 -13.45
N THR B 369 -11.66 64.77 -14.76
CA THR B 369 -12.95 64.92 -15.43
C THR B 369 -13.78 63.65 -15.28
N ILE B 370 -13.12 62.49 -15.44
CA ILE B 370 -13.79 61.22 -15.25
C ILE B 370 -14.21 61.05 -13.80
N GLU B 371 -13.28 61.31 -12.88
CA GLU B 371 -13.57 61.17 -11.46
C GLU B 371 -14.68 62.11 -10.98
N ALA B 372 -14.96 63.16 -11.74
CA ALA B 372 -16.07 64.06 -11.44
C ALA B 372 -17.38 63.63 -12.08
N GLY B 373 -17.39 62.51 -12.80
CA GLY B 373 -18.62 61.95 -13.34
C GLY B 373 -18.87 62.20 -14.81
N PHE B 374 -17.89 62.71 -15.55
CA PHE B 374 -18.05 63.04 -16.95
C PHE B 374 -17.20 62.07 -17.75
N MET B 375 -17.86 61.16 -18.46
CA MET B 375 -17.15 60.03 -19.03
C MET B 375 -17.89 59.52 -20.27
N THR B 376 -17.15 58.78 -21.09
CA THR B 376 -17.74 58.15 -22.26
C THR B 376 -18.42 56.84 -21.87
N LYS B 377 -19.06 56.20 -22.85
CA LYS B 377 -20.00 55.13 -22.53
C LYS B 377 -19.30 53.88 -21.98
N ASP B 378 -18.08 53.57 -22.45
CA ASP B 378 -17.35 52.43 -21.90
C ASP B 378 -17.07 52.62 -20.40
N LEU B 379 -16.66 53.82 -19.99
CA LEU B 379 -16.36 54.03 -18.59
C LEU B 379 -17.62 53.89 -17.75
N ALA B 380 -18.72 54.45 -18.22
CA ALA B 380 -20.00 54.30 -17.55
C ALA B 380 -20.38 52.83 -17.41
N ALA B 381 -19.96 52.00 -18.37
CA ALA B 381 -20.30 50.58 -18.34
C ALA B 381 -19.46 49.82 -17.33
N CYS B 382 -18.23 50.27 -17.03
CA CYS B 382 -17.48 49.67 -15.95
C CYS B 382 -18.16 49.90 -14.61
N ILE B 383 -18.90 51.00 -14.48
CA ILE B 383 -19.60 51.26 -13.21
C ILE B 383 -20.89 50.46 -13.13
N LYS B 384 -21.73 50.58 -14.17
CA LYS B 384 -23.09 50.07 -14.14
C LYS B 384 -23.22 48.63 -14.65
N GLY B 385 -22.22 48.14 -15.38
CA GLY B 385 -22.31 46.86 -16.06
C GLY B 385 -22.52 47.09 -17.56
N LEU B 386 -21.87 46.27 -18.38
CA LEU B 386 -21.90 46.46 -19.84
C LEU B 386 -23.30 46.67 -20.42
N PRO B 387 -24.33 45.87 -20.09
CA PRO B 387 -25.65 46.11 -20.69
C PRO B 387 -26.48 47.22 -20.04
N ASN B 388 -26.03 47.87 -18.96
CA ASN B 388 -26.91 48.69 -18.12
C ASN B 388 -26.65 50.18 -18.24
N VAL B 389 -26.05 50.64 -19.32
CA VAL B 389 -25.76 52.05 -19.50
C VAL B 389 -26.94 52.73 -20.19
N GLN B 390 -27.27 53.93 -19.76
CA GLN B 390 -28.23 54.73 -20.51
C GLN B 390 -27.63 56.07 -20.94
N ARG B 391 -28.30 56.73 -21.89
CA ARG B 391 -27.69 57.87 -22.55
C ARG B 391 -27.36 58.98 -21.55
N SER B 392 -28.12 59.07 -20.46
CA SER B 392 -27.84 60.08 -19.45
C SER B 392 -26.61 59.74 -18.62
N ASP B 393 -26.11 58.52 -18.66
CA ASP B 393 -24.94 58.14 -17.87
C ASP B 393 -23.62 58.66 -18.45
N TYR B 394 -23.58 59.10 -19.70
CA TYR B 394 -22.30 59.38 -20.34
C TYR B 394 -22.40 60.55 -21.31
N LEU B 395 -21.24 60.92 -21.85
CA LEU B 395 -21.13 61.92 -22.89
C LEU B 395 -20.73 61.25 -24.20
N ASN B 396 -21.14 61.84 -25.32
CA ASN B 396 -20.64 61.33 -26.59
C ASN B 396 -19.23 61.85 -26.85
N THR B 397 -18.61 61.37 -27.93
CA THR B 397 -17.21 61.66 -28.21
C THR B 397 -16.91 63.16 -28.14
N PHE B 398 -17.67 63.96 -28.88
CA PHE B 398 -17.41 65.40 -28.98
C PHE B 398 -17.83 66.15 -27.73
N GLU B 399 -18.88 65.68 -27.06
CA GLU B 399 -19.26 66.27 -25.79
C GLU B 399 -18.16 66.12 -24.77
N PHE B 400 -17.53 64.93 -24.74
CA PHE B 400 -16.48 64.65 -23.77
C PHE B 400 -15.24 65.51 -24.03
N MET B 401 -14.83 65.62 -25.28
CA MET B 401 -13.71 66.49 -25.65
C MET B 401 -13.94 67.93 -25.20
N ASP B 402 -15.14 68.48 -25.46
CA ASP B 402 -15.41 69.85 -24.99
C ASP B 402 -15.19 69.98 -23.49
N LYS B 403 -15.67 69.01 -22.72
CA LYS B 403 -15.57 69.09 -21.28
C LYS B 403 -14.11 69.00 -20.84
N LEU B 404 -13.32 68.13 -21.46
CA LEU B 404 -11.88 68.15 -21.23
C LEU B 404 -11.30 69.52 -21.55
N GLY B 405 -11.66 70.06 -22.72
CA GLY B 405 -11.16 71.36 -23.13
C GLY B 405 -11.47 72.46 -22.12
N GLU B 406 -12.70 72.47 -21.59
CA GLU B 406 -13.05 73.45 -20.56
C GLU B 406 -12.27 73.21 -19.29
N ASN B 407 -12.16 71.95 -18.86
CA ASN B 407 -11.42 71.70 -17.62
C ASN B 407 -9.94 71.99 -17.81
N LEU B 408 -9.42 71.85 -19.03
CA LEU B 408 -8.00 72.09 -19.24
C LEU B 408 -7.68 73.57 -19.19
N LYS B 409 -8.57 74.39 -19.76
CA LYS B 409 -8.41 75.84 -19.67
C LYS B 409 -8.37 76.29 -18.20
N ILE B 410 -9.31 75.78 -17.39
CA ILE B 410 -9.41 76.19 -15.97
C ILE B 410 -8.16 75.82 -15.20
N LYS B 411 -7.60 74.62 -15.46
CA LYS B 411 -6.43 74.19 -14.69
C LYS B 411 -5.19 75.00 -15.06
N LEU B 412 -5.05 75.34 -16.34
CA LEU B 412 -3.89 76.09 -16.78
C LEU B 412 -3.95 77.55 -16.32
N ALA B 413 -5.15 78.08 -16.11
CA ALA B 413 -5.28 79.43 -15.56
C ALA B 413 -4.87 79.45 -14.09
N GLN B 414 -5.31 78.46 -13.31
CA GLN B 414 -5.07 78.41 -11.87
C GLN B 414 -3.65 77.99 -11.51
N ALA B 415 -2.80 77.73 -12.51
CA ALA B 415 -1.46 77.23 -12.25
C ALA B 415 -0.41 78.33 -12.11
N LYS B 416 -0.69 79.54 -12.58
CA LYS B 416 0.31 80.60 -12.53
C LYS B 416 0.33 81.31 -11.19
N LEU B 417 0.45 80.56 -10.08
CA LEU B 417 0.38 81.17 -8.74
C LEU B 417 1.42 80.59 -7.76
N LYS C 6 27.35 4.10 -1.00
CA LYS C 6 26.05 3.57 -1.40
C LYS C 6 25.81 2.17 -0.81
N LYS C 7 24.55 1.75 -0.80
CA LYS C 7 24.11 0.53 -0.13
C LYS C 7 23.78 -0.54 -1.16
N ILE C 8 23.43 -1.72 -0.66
CA ILE C 8 23.00 -2.80 -1.52
C ILE C 8 21.66 -2.45 -2.16
N SER C 9 21.54 -2.75 -3.44
CA SER C 9 20.29 -2.59 -4.17
C SER C 9 19.48 -3.86 -4.01
N GLY C 10 18.39 -3.77 -3.25
CA GLY C 10 17.66 -4.97 -2.85
C GLY C 10 16.53 -5.38 -3.78
N GLY C 11 16.01 -4.44 -4.55
CA GLY C 11 14.90 -4.76 -5.42
C GLY C 11 13.56 -4.75 -4.69
N SER C 12 12.62 -5.51 -5.24
CA SER C 12 11.20 -5.42 -4.93
C SER C 12 10.83 -6.38 -3.80
N VAL C 13 10.41 -5.84 -2.66
CA VAL C 13 10.04 -6.63 -1.49
C VAL C 13 8.68 -6.15 -0.97
N VAL C 14 7.75 -7.08 -0.74
CA VAL C 14 6.48 -6.75 -0.10
C VAL C 14 6.59 -6.97 1.41
N GLU C 15 6.28 -5.95 2.18
CA GLU C 15 6.42 -5.96 3.63
C GLU C 15 5.04 -5.73 4.26
N MET C 16 4.68 -6.52 5.26
CA MET C 16 3.41 -6.32 5.96
C MET C 16 3.66 -6.00 7.42
N GLN C 17 3.27 -4.78 7.83
CA GLN C 17 3.39 -4.34 9.21
C GLN C 17 2.25 -4.93 10.04
N GLY C 18 2.54 -5.13 11.33
CA GLY C 18 1.67 -5.90 12.20
C GLY C 18 1.33 -5.13 13.47
N ASP C 19 1.19 -5.88 14.56
CA ASP C 19 0.57 -5.43 15.80
C ASP C 19 1.46 -5.66 17.02
N GLU C 20 1.17 -4.90 18.08
CA GLU C 20 1.66 -5.15 19.42
C GLU C 20 3.17 -5.37 19.48
N MET C 21 3.64 -6.35 20.24
CA MET C 21 5.07 -6.39 20.51
C MET C 21 5.88 -6.63 19.23
N THR C 22 5.41 -7.50 18.34
CA THR C 22 6.16 -7.76 17.11
C THR C 22 6.25 -6.52 16.22
N ARG C 23 5.24 -5.65 16.26
CA ARG C 23 5.31 -4.42 15.49
CA ARG C 23 5.33 -4.42 15.48
C ARG C 23 6.49 -3.55 15.94
N ILE C 24 6.70 -3.47 17.26
CA ILE C 24 7.84 -2.75 17.84
C ILE C 24 9.14 -3.33 17.34
N ILE C 25 9.26 -4.65 17.39
CA ILE C 25 10.49 -5.31 17.00
C ILE C 25 10.72 -5.19 15.49
N TRP C 26 9.65 -5.29 14.70
CA TRP C 26 9.72 -5.11 13.26
C TRP C 26 10.37 -3.79 12.87
N GLU C 27 9.96 -2.70 13.50
CA GLU C 27 10.52 -1.40 13.13
C GLU C 27 11.99 -1.30 13.52
N LEU C 28 12.38 -1.89 14.65
CA LEU C 28 13.80 -1.92 15.00
C LEU C 28 14.61 -2.74 13.99
N ILE C 29 14.12 -3.92 13.62
CA ILE C 29 14.81 -4.70 12.59
C ILE C 29 15.05 -3.84 11.35
N LYS C 30 14.01 -3.13 10.89
CA LYS C 30 14.15 -2.29 9.71
C LYS C 30 15.15 -1.16 9.93
N GLU C 31 15.04 -0.43 11.04
CA GLU C 31 15.89 0.75 11.19
C GLU C 31 17.34 0.37 11.46
N LYS C 32 17.57 -0.71 12.21
CA LYS C 32 18.91 -1.03 12.69
C LYS C 32 19.63 -2.08 11.85
N LEU C 33 18.91 -3.01 11.24
CA LEU C 33 19.55 -4.14 10.59
C LEU C 33 19.39 -4.17 9.09
N ILE C 34 18.34 -3.56 8.53
CA ILE C 34 18.06 -3.68 7.10
C ILE C 34 18.35 -2.37 6.37
N PHE C 35 17.62 -1.30 6.71
CA PHE C 35 17.77 -0.03 6.01
C PHE C 35 19.20 0.54 6.01
N PRO C 36 20.03 0.40 7.06
CA PRO C 36 21.39 0.95 6.94
C PRO C 36 22.24 0.26 5.89
N TYR C 37 21.86 -0.92 5.39
CA TYR C 37 22.70 -1.63 4.45
C TYR C 37 22.02 -1.96 3.13
N VAL C 38 20.69 -1.89 3.03
CA VAL C 38 19.97 -2.31 1.84
C VAL C 38 18.95 -1.24 1.46
N GLU C 39 18.88 -0.90 0.17
CA GLU C 39 17.81 -0.06 -0.37
C GLU C 39 16.82 -0.95 -1.08
N LEU C 40 15.54 -0.80 -0.75
CA LEU C 40 14.49 -1.66 -1.28
C LEU C 40 13.47 -0.82 -2.03
N ASP C 41 12.98 -1.35 -3.15
CA ASP C 41 11.71 -0.89 -3.72
C ASP C 41 10.63 -1.52 -2.84
N LEU C 42 10.27 -0.82 -1.78
CA LEU C 42 9.50 -1.41 -0.71
C LEU C 42 8.02 -1.20 -0.98
N HIS C 43 7.29 -2.31 -1.14
CA HIS C 43 5.83 -2.32 -1.22
C HIS C 43 5.33 -2.63 0.19
N SER C 44 5.03 -1.58 0.94
CA SER C 44 4.78 -1.70 2.37
C SER C 44 3.29 -1.56 2.63
N TYR C 45 2.70 -2.58 3.27
CA TYR C 45 1.27 -2.63 3.61
C TYR C 45 1.10 -2.69 5.13
N ASP C 46 0.23 -1.84 5.67
CA ASP C 46 0.01 -1.76 7.12
C ASP C 46 -1.17 -2.64 7.51
N LEU C 47 -0.89 -3.81 8.08
CA LEU C 47 -1.91 -4.72 8.59
C LEU C 47 -2.10 -4.59 10.09
N GLY C 48 -1.68 -3.47 10.66
CA GLY C 48 -2.17 -3.08 11.96
C GLY C 48 -3.68 -3.23 12.03
N ILE C 49 -4.18 -3.70 13.18
CA ILE C 49 -5.59 -4.02 13.32
C ILE C 49 -6.46 -2.80 13.03
N GLU C 50 -6.01 -1.60 13.46
CA GLU C 50 -6.83 -0.40 13.26
C GLU C 50 -6.90 0.01 11.78
N ASN C 51 -5.84 -0.22 11.01
CA ASN C 51 -5.87 0.07 9.59
C ASN C 51 -6.63 -1.00 8.81
N ARG C 52 -6.61 -2.24 9.27
CA ARG C 52 -7.49 -3.24 8.68
C ARG C 52 -8.95 -2.84 8.90
N ASP C 53 -9.27 -2.38 10.12
CA ASP C 53 -10.63 -1.94 10.41
C ASP C 53 -10.99 -0.75 9.54
N ALA C 54 -10.11 0.26 9.47
CA ALA C 54 -10.42 1.48 8.75
C ALA C 54 -10.63 1.22 7.26
N THR C 55 -9.85 0.32 6.67
CA THR C 55 -9.93 -0.03 5.26
C THR C 55 -10.87 -1.21 5.01
N ASN C 56 -11.66 -1.62 6.00
CA ASN C 56 -12.56 -2.77 5.87
C ASN C 56 -11.82 -4.01 5.37
N ASP C 57 -10.61 -4.20 5.87
CA ASP C 57 -9.73 -5.31 5.57
C ASP C 57 -9.25 -5.34 4.12
N GLN C 58 -9.46 -4.26 3.36
CA GLN C 58 -8.99 -4.21 1.97
C GLN C 58 -7.46 -4.20 1.88
N VAL C 59 -6.79 -3.59 2.85
CA VAL C 59 -5.32 -3.62 2.86
C VAL C 59 -4.80 -5.05 2.90
N THR C 60 -5.49 -5.96 3.58
CA THR C 60 -4.99 -7.34 3.64
C THR C 60 -5.07 -8.00 2.26
N LYS C 61 -6.20 -7.86 1.58
CA LYS C 61 -6.34 -8.39 0.23
C LYS C 61 -5.34 -7.74 -0.72
N ASP C 62 -5.09 -6.44 -0.56
CA ASP C 62 -4.13 -5.77 -1.43
C ASP C 62 -2.72 -6.31 -1.18
N ALA C 63 -2.36 -6.58 0.07
CA ALA C 63 -1.05 -7.14 0.37
C ALA C 63 -0.85 -8.49 -0.29
N ALA C 64 -1.82 -9.39 -0.16
CA ALA C 64 -1.73 -10.69 -0.80
C ALA C 64 -1.59 -10.57 -2.31
N GLU C 65 -2.35 -9.64 -2.91
CA GLU C 65 -2.19 -9.33 -4.32
C GLU C 65 -0.74 -8.96 -4.64
N ALA C 66 -0.17 -8.02 -3.87
CA ALA C 66 1.21 -7.59 -4.09
C ALA C 66 2.20 -8.74 -3.99
N ILE C 67 2.00 -9.66 -3.05
CA ILE C 67 2.91 -10.79 -2.94
C ILE C 67 2.86 -11.64 -4.20
N LYS C 68 1.65 -11.91 -4.69
CA LYS C 68 1.52 -12.62 -5.97
C LYS C 68 2.28 -11.92 -7.08
N LYS C 69 2.27 -10.58 -7.10
CA LYS C 69 2.87 -9.92 -8.25
C LYS C 69 4.37 -9.74 -8.12
N HIS C 70 4.91 -9.63 -6.90
CA HIS C 70 6.34 -9.40 -6.74
C HIS C 70 7.12 -10.58 -6.20
N ASN C 71 6.44 -11.63 -5.76
CA ASN C 71 6.99 -12.95 -5.45
C ASN C 71 7.62 -13.02 -4.05
N VAL C 72 7.86 -11.91 -3.38
CA VAL C 72 8.56 -11.89 -2.09
C VAL C 72 7.74 -11.10 -1.06
N GLY C 73 7.22 -11.80 -0.06
CA GLY C 73 6.54 -11.16 1.06
C GLY C 73 7.21 -11.49 2.39
N VAL C 74 7.33 -10.48 3.25
CA VAL C 74 7.78 -10.65 4.62
C VAL C 74 6.73 -10.04 5.55
N LYS C 75 6.19 -10.85 6.45
CA LYS C 75 5.00 -10.48 7.21
C LYS C 75 5.27 -10.41 8.70
N CYS C 76 4.92 -9.29 9.31
CA CYS C 76 4.87 -9.14 10.75
C CYS C 76 3.63 -9.83 11.30
N ALA C 77 3.73 -10.32 12.53
CA ALA C 77 2.60 -11.01 13.14
C ALA C 77 1.43 -10.04 13.33
N THR C 78 0.20 -10.54 13.19
CA THR C 78 -0.97 -9.70 13.36
C THR C 78 -1.96 -10.28 14.38
N ILE C 79 -2.78 -9.39 14.94
CA ILE C 79 -3.91 -9.80 15.76
C ILE C 79 -4.99 -10.39 14.86
N THR C 80 -5.36 -11.64 15.11
CA THR C 80 -6.57 -12.20 14.55
C THR C 80 -7.74 -11.88 15.48
N PRO C 81 -8.75 -11.14 15.04
CA PRO C 81 -9.78 -10.68 15.96
C PRO C 81 -10.65 -11.83 16.46
N ASP C 82 -11.01 -11.72 17.75
CA ASP C 82 -12.06 -12.50 18.40
C ASP C 82 -12.93 -11.51 19.16
N GLU C 83 -13.88 -12.01 19.94
CA GLU C 83 -14.84 -11.13 20.61
C GLU C 83 -14.15 -10.14 21.52
N LYS C 84 -13.16 -10.60 22.28
CA LYS C 84 -12.38 -9.70 23.11
C LYS C 84 -11.72 -8.60 22.27
N ARG C 85 -11.14 -8.97 21.12
CA ARG C 85 -10.50 -7.98 20.27
C ARG C 85 -11.52 -7.01 19.67
N VAL C 86 -12.71 -7.50 19.31
CA VAL C 86 -13.77 -6.62 18.81
C VAL C 86 -14.11 -5.56 19.84
N GLU C 87 -14.18 -5.95 21.11
CA GLU C 87 -14.45 -4.99 22.17
C GLU C 87 -13.24 -4.08 22.40
N GLU C 88 -12.04 -4.67 22.47
CA GLU C 88 -10.84 -3.89 22.76
C GLU C 88 -10.66 -2.74 21.77
N PHE C 89 -10.97 -2.97 20.48
CA PHE C 89 -10.71 -1.98 19.45
C PHE C 89 -11.98 -1.40 18.84
N LYS C 90 -13.15 -1.76 19.36
CA LYS C 90 -14.43 -1.40 18.74
C LYS C 90 -14.38 -1.68 17.23
N LEU C 91 -14.21 -2.96 16.88
CA LEU C 91 -14.06 -3.32 15.48
C LEU C 91 -15.42 -3.37 14.79
N LYS C 92 -15.43 -2.99 13.51
CA LYS C 92 -16.69 -3.00 12.76
C LYS C 92 -17.25 -4.41 12.60
N GLN C 93 -16.38 -5.42 12.61
CA GLN C 93 -16.80 -6.82 12.58
C GLN C 93 -15.59 -7.66 12.95
N MET C 94 -15.84 -8.95 13.17
CA MET C 94 -14.76 -9.85 13.58
C MET C 94 -14.01 -10.30 12.33
N TRP C 95 -13.11 -9.43 11.87
CA TRP C 95 -12.38 -9.67 10.61
C TRP C 95 -11.65 -11.00 10.65
N LYS C 96 -11.56 -11.64 9.48
CA LYS C 96 -10.85 -12.90 9.42
C LYS C 96 -9.35 -12.69 9.57
N SER C 97 -8.67 -13.75 10.00
CA SER C 97 -7.23 -13.83 10.11
C SER C 97 -6.54 -13.32 8.84
N PRO C 98 -5.67 -12.31 8.95
CA PRO C 98 -4.88 -11.92 7.77
C PRO C 98 -4.18 -13.11 7.14
N ASN C 99 -3.70 -14.02 7.99
CA ASN C 99 -2.91 -15.16 7.52
C ASN C 99 -3.77 -16.10 6.68
N GLY C 100 -5.01 -16.35 7.11
CA GLY C 100 -5.88 -17.18 6.30
C GLY C 100 -6.25 -16.52 4.99
N THR C 101 -6.48 -15.20 5.02
CA THR C 101 -6.76 -14.49 3.78
C THR C 101 -5.59 -14.61 2.82
N ILE C 102 -4.37 -14.35 3.28
CA ILE C 102 -3.21 -14.42 2.40
C ILE C 102 -2.99 -15.84 1.92
N ARG C 103 -3.17 -16.82 2.80
CA ARG C 103 -2.89 -18.20 2.40
C ARG C 103 -3.92 -18.68 1.38
N ASN C 104 -5.19 -18.30 1.56
CA ASN C 104 -6.22 -18.60 0.55
C ASN C 104 -5.85 -18.04 -0.81
N ILE C 105 -5.47 -16.76 -0.86
CA ILE C 105 -5.15 -16.14 -2.14
C ILE C 105 -3.91 -16.76 -2.77
N LEU C 106 -2.87 -17.05 -1.98
CA LEU C 106 -1.60 -17.48 -2.56
C LEU C 106 -1.49 -18.99 -2.73
N GLY C 107 -2.17 -19.78 -1.89
CA GLY C 107 -1.91 -21.21 -1.82
C GLY C 107 -0.48 -21.62 -1.53
N GLY C 108 -0.23 -22.92 -1.45
CA GLY C 108 1.11 -23.42 -1.23
C GLY C 108 1.25 -24.27 0.01
N THR C 109 2.49 -24.46 0.42
CA THR C 109 2.89 -25.37 1.49
C THR C 109 3.67 -24.56 2.52
N VAL C 110 3.31 -24.70 3.78
CA VAL C 110 4.02 -23.99 4.85
C VAL C 110 5.14 -24.88 5.38
N PHE C 111 6.35 -24.33 5.45
CA PHE C 111 7.50 -25.02 6.04
C PHE C 111 7.96 -24.26 7.27
N ARG C 112 8.12 -24.98 8.39
CA ARG C 112 8.67 -24.40 9.60
C ARG C 112 10.05 -24.97 9.83
N GLU C 113 10.92 -24.15 10.41
CA GLU C 113 12.32 -24.52 10.64
C GLU C 113 12.78 -23.84 11.92
N ALA C 114 13.40 -24.60 12.81
CA ALA C 114 14.00 -24.04 14.01
C ALA C 114 15.35 -23.43 13.68
N ILE C 115 15.68 -22.35 14.38
CA ILE C 115 17.02 -21.77 14.29
C ILE C 115 17.87 -22.34 15.42
N ILE C 116 18.94 -23.04 15.06
CA ILE C 116 19.70 -23.88 15.99
C ILE C 116 21.01 -23.16 16.35
N CYS C 117 21.28 -23.08 17.65
CA CYS C 117 22.54 -22.56 18.17
C CYS C 117 23.24 -23.64 19.01
N LYS C 118 24.58 -23.61 18.97
CA LYS C 118 25.38 -24.59 19.72
C LYS C 118 25.10 -24.54 21.22
N ASN C 119 24.90 -23.35 21.81
CA ASN C 119 24.77 -23.23 23.25
C ASN C 119 23.32 -23.28 23.74
N ILE C 120 22.35 -23.51 22.88
CA ILE C 120 20.93 -23.58 23.24
C ILE C 120 20.48 -25.04 23.08
N PRO C 121 19.87 -25.63 24.09
CA PRO C 121 19.57 -27.07 24.00
C PRO C 121 18.43 -27.37 23.06
N ARG C 122 18.43 -28.58 22.52
CA ARG C 122 17.34 -29.07 21.69
C ARG C 122 16.50 -30.09 22.48
N LEU C 123 15.23 -30.22 22.11
CA LEU C 123 14.37 -31.22 22.74
C LEU C 123 15.03 -32.61 22.70
N VAL C 124 15.51 -33.00 21.52
CA VAL C 124 16.38 -34.16 21.37
C VAL C 124 17.79 -33.63 21.17
N SER C 125 18.69 -33.93 22.12
CA SER C 125 19.98 -33.28 22.07
C SER C 125 20.80 -33.75 20.85
N GLY C 126 20.50 -34.93 20.33
CA GLY C 126 21.17 -35.41 19.11
C GLY C 126 20.87 -34.57 17.87
N TRP C 127 19.82 -33.77 17.92
CA TRP C 127 19.55 -32.85 16.82
C TRP C 127 20.57 -31.72 16.85
N VAL C 128 21.49 -31.72 15.90
CA VAL C 128 22.41 -30.60 15.69
C VAL C 128 22.22 -29.91 14.35
N LYS C 129 21.37 -30.43 13.48
CA LYS C 129 20.95 -29.72 12.28
C LYS C 129 19.44 -29.47 12.33
N PRO C 130 18.98 -28.34 11.81
CA PRO C 130 17.54 -28.05 11.82
C PRO C 130 16.76 -29.10 11.05
N ILE C 131 15.50 -29.24 11.43
CA ILE C 131 14.53 -30.10 10.78
C ILE C 131 13.45 -29.20 10.18
N ILE C 132 13.10 -29.45 8.93
CA ILE C 132 12.11 -28.64 8.22
C ILE C 132 10.87 -29.51 8.05
N ILE C 133 9.76 -29.10 8.67
CA ILE C 133 8.47 -29.77 8.58
C ILE C 133 7.60 -28.97 7.63
N GLY C 134 6.98 -29.67 6.67
CA GLY C 134 6.02 -29.03 5.79
C GLY C 134 4.62 -29.59 5.97
N HIS C 135 3.64 -28.70 6.02
CA HIS C 135 2.21 -29.02 5.96
C HIS C 135 1.64 -28.32 4.73
N HIS C 136 0.64 -28.93 4.10
CA HIS C 136 -0.03 -28.17 3.03
C HIS C 136 -0.96 -27.11 3.66
N ARG C 143 -11.12 -27.67 6.45
CA ARG C 143 -12.27 -27.50 5.56
C ARG C 143 -13.27 -28.65 5.70
N ALA C 144 -13.25 -29.34 6.82
CA ALA C 144 -14.16 -30.47 7.05
C ALA C 144 -15.58 -29.98 7.30
N THR C 145 -16.54 -30.90 7.18
CA THR C 145 -17.94 -30.66 7.47
C THR C 145 -18.33 -31.65 8.56
N ASP C 146 -18.51 -31.17 9.77
CA ASP C 146 -18.88 -32.00 10.90
C ASP C 146 -20.29 -31.63 11.35
N PHE C 147 -20.95 -32.58 11.99
CA PHE C 147 -22.29 -32.31 12.47
C PHE C 147 -22.62 -33.29 13.59
N VAL C 148 -23.64 -32.94 14.39
CA VAL C 148 -24.15 -33.82 15.43
C VAL C 148 -25.14 -34.80 14.82
N VAL C 149 -25.02 -36.07 15.18
CA VAL C 149 -26.02 -37.08 14.86
C VAL C 149 -26.97 -37.16 16.06
N PRO C 150 -28.23 -36.69 15.94
CA PRO C 150 -29.08 -36.56 17.14
C PRO C 150 -29.66 -37.87 17.64
N GLY C 151 -29.74 -38.91 16.82
CA GLY C 151 -30.28 -40.17 17.24
C GLY C 151 -30.11 -41.21 16.15
N PRO C 152 -30.73 -42.37 16.32
CA PRO C 152 -30.49 -43.49 15.39
C PRO C 152 -30.80 -43.12 13.94
N GLY C 153 -30.05 -43.73 13.04
CA GLY C 153 -30.17 -43.43 11.63
C GLY C 153 -28.90 -43.83 10.89
N LYS C 154 -28.81 -43.33 9.66
CA LYS C 154 -27.80 -43.75 8.70
C LYS C 154 -27.02 -42.52 8.26
N VAL C 155 -25.69 -42.60 8.30
CA VAL C 155 -24.83 -41.59 7.69
C VAL C 155 -24.15 -42.23 6.47
N GLU C 156 -24.37 -41.63 5.31
CA GLU C 156 -23.71 -42.08 4.09
C GLU C 156 -22.96 -40.90 3.47
N ILE C 157 -22.00 -41.23 2.63
CA ILE C 157 -21.24 -40.24 1.90
C ILE C 157 -21.21 -40.70 0.46
N THR C 158 -21.54 -39.81 -0.47
CA THR C 158 -21.73 -40.21 -1.86
C THR C 158 -20.91 -39.34 -2.80
N TYR C 159 -20.57 -39.92 -3.93
CA TYR C 159 -19.85 -39.26 -5.00
C TYR C 159 -20.71 -39.28 -6.25
N THR C 160 -20.99 -38.11 -6.81
CA THR C 160 -21.85 -37.98 -7.98
C THR C 160 -21.09 -37.38 -9.15
N PRO C 161 -20.64 -38.19 -10.11
CA PRO C 161 -19.85 -37.64 -11.23
C PRO C 161 -20.57 -36.54 -11.97
N SER C 162 -19.78 -35.61 -12.50
CA SER C 162 -20.29 -34.51 -13.29
C SER C 162 -20.81 -34.94 -14.66
N ASP C 163 -20.52 -36.17 -15.10
CA ASP C 163 -20.91 -36.57 -16.44
C ASP C 163 -22.21 -37.34 -16.46
N GLY C 164 -22.94 -37.33 -15.34
CA GLY C 164 -24.22 -38.00 -15.26
C GLY C 164 -24.15 -39.49 -15.03
N THR C 165 -22.95 -40.08 -14.96
CA THR C 165 -22.83 -41.52 -14.75
C THR C 165 -23.13 -41.86 -13.28
N GLN C 166 -23.06 -43.15 -12.97
CA GLN C 166 -23.65 -43.73 -11.76
C GLN C 166 -22.98 -43.19 -10.51
N LYS C 167 -23.78 -42.60 -9.62
CA LYS C 167 -23.27 -42.15 -8.34
C LYS C 167 -22.88 -43.35 -7.47
N VAL C 168 -21.96 -43.12 -6.54
CA VAL C 168 -21.40 -44.16 -5.69
C VAL C 168 -21.71 -43.80 -4.25
N THR C 169 -22.22 -44.77 -3.50
CA THR C 169 -22.65 -44.52 -2.13
C THR C 169 -21.80 -45.35 -1.19
N TYR C 170 -21.31 -44.72 -0.14
CA TYR C 170 -20.52 -45.40 0.88
C TYR C 170 -21.20 -45.18 2.22
N LEU C 171 -21.41 -46.26 2.96
CA LEU C 171 -21.96 -46.18 4.31
C LEU C 171 -20.86 -45.76 5.28
N VAL C 172 -21.07 -44.63 5.96
CA VAL C 172 -20.17 -44.24 7.03
C VAL C 172 -20.50 -45.01 8.30
N HIS C 173 -21.77 -44.94 8.74
CA HIS C 173 -22.20 -45.69 9.92
C HIS C 173 -23.72 -45.75 9.99
N ASN C 174 -24.22 -46.89 10.50
CA ASN C 174 -25.60 -47.06 10.92
C ASN C 174 -25.64 -46.92 12.43
N PHE C 175 -26.14 -45.79 12.92
CA PHE C 175 -26.39 -45.61 14.34
C PHE C 175 -27.65 -46.40 14.68
N GLU C 176 -27.49 -47.61 15.21
CA GLU C 176 -28.64 -48.45 15.53
C GLU C 176 -29.34 -47.98 16.80
N GLU C 177 -28.59 -47.51 17.78
CA GLU C 177 -29.17 -46.85 18.95
C GLU C 177 -28.32 -45.64 19.33
N GLY C 178 -29.00 -44.61 19.83
CA GLY C 178 -28.33 -43.40 20.25
C GLY C 178 -27.89 -42.52 19.08
N GLY C 179 -27.29 -41.38 19.44
CA GLY C 179 -26.67 -40.51 18.46
C GLY C 179 -25.16 -40.54 18.48
N GLY C 180 -24.56 -39.39 18.19
CA GLY C 180 -23.12 -39.31 18.00
C GLY C 180 -22.77 -38.08 17.18
N VAL C 181 -21.71 -38.23 16.39
CA VAL C 181 -21.18 -37.19 15.52
C VAL C 181 -20.63 -37.85 14.26
N ALA C 182 -20.55 -37.08 13.19
CA ALA C 182 -19.97 -37.58 11.96
C ALA C 182 -19.43 -36.39 11.19
N MET C 183 -18.62 -36.68 10.17
CA MET C 183 -18.00 -35.62 9.40
C MET C 183 -17.47 -36.15 8.06
N GLY C 184 -17.44 -35.25 7.09
CA GLY C 184 -16.81 -35.51 5.81
C GLY C 184 -15.58 -34.63 5.62
N MET C 185 -14.60 -35.17 4.91
CA MET C 185 -13.31 -34.53 4.70
C MET C 185 -12.88 -34.82 3.27
N TYR C 186 -12.08 -33.93 2.71
CA TYR C 186 -11.69 -34.10 1.31
C TYR C 186 -10.34 -33.47 1.08
N ASN C 187 -9.71 -33.87 -0.02
CA ASN C 187 -8.48 -33.26 -0.48
C ASN C 187 -8.39 -33.46 -1.97
N GLN C 188 -7.85 -32.46 -2.68
CA GLN C 188 -7.72 -32.52 -4.13
C GLN C 188 -6.34 -33.03 -4.51
N ASP C 189 -6.29 -33.79 -5.61
CA ASP C 189 -5.04 -34.24 -6.19
C ASP C 189 -4.04 -33.09 -6.38
N LYS C 190 -4.52 -31.95 -6.91
CA LYS C 190 -3.65 -30.84 -7.25
C LYS C 190 -2.94 -30.30 -6.02
N SER C 191 -3.63 -30.19 -4.89
CA SER C 191 -3.00 -29.82 -3.62
C SER C 191 -1.93 -30.82 -3.23
N ILE C 192 -2.24 -32.11 -3.33
CA ILE C 192 -1.26 -33.13 -2.97
C ILE C 192 -0.04 -33.01 -3.88
N GLU C 193 -0.26 -32.83 -5.18
CA GLU C 193 0.86 -32.68 -6.11
C GLU C 193 1.69 -31.42 -5.81
N ASP C 194 1.03 -30.29 -5.52
CA ASP C 194 1.76 -29.08 -5.15
C ASP C 194 2.59 -29.30 -3.88
N PHE C 195 1.97 -29.89 -2.86
CA PHE C 195 2.67 -30.34 -1.66
C PHE C 195 3.91 -31.16 -2.03
N ALA C 196 3.76 -32.12 -2.94
CA ALA C 196 4.89 -32.96 -3.32
C ALA C 196 5.99 -32.14 -3.99
N HIS C 197 5.63 -31.35 -5.02
CA HIS C 197 6.64 -30.60 -5.77
C HIS C 197 7.35 -29.59 -4.86
N SER C 198 6.59 -28.88 -4.03
CA SER C 198 7.23 -27.98 -3.08
C SER C 198 8.19 -28.74 -2.18
N SER C 199 7.83 -29.97 -1.77
CA SER C 199 8.68 -30.70 -0.84
C SER C 199 9.93 -31.24 -1.53
N PHE C 200 9.78 -31.83 -2.72
CA PHE C 200 10.96 -32.33 -3.43
C PHE C 200 11.92 -31.19 -3.74
N GLN C 201 11.39 -30.03 -4.17
CA GLN C 201 12.27 -28.93 -4.54
C GLN C 201 12.99 -28.38 -3.32
N MET C 202 12.27 -28.22 -2.21
CA MET C 202 12.89 -27.79 -0.97
C MET C 202 14.06 -28.69 -0.59
N ALA C 203 13.88 -30.01 -0.76
CA ALA C 203 14.92 -30.95 -0.35
C ALA C 203 16.16 -30.83 -1.22
N LEU C 204 15.99 -30.66 -2.54
CA LEU C 204 17.12 -30.46 -3.42
C LEU C 204 17.79 -29.11 -3.16
N SER C 205 17.01 -28.09 -2.80
CA SER C 205 17.59 -26.80 -2.46
C SER C 205 18.55 -26.92 -1.28
N LYS C 206 18.09 -27.52 -0.18
CA LYS C 206 18.93 -27.73 0.99
C LYS C 206 19.99 -28.79 0.78
N GLY C 207 19.80 -29.72 -0.14
CA GLY C 207 20.69 -30.85 -0.19
C GLY C 207 20.42 -31.84 0.93
N TRP C 208 19.18 -31.95 1.39
CA TRP C 208 18.77 -32.83 2.46
C TRP C 208 17.76 -33.88 1.97
N PRO C 209 17.72 -35.04 2.60
CA PRO C 209 16.68 -36.03 2.27
C PRO C 209 15.29 -35.53 2.67
N LEU C 210 14.28 -36.19 2.10
CA LEU C 210 12.88 -35.90 2.37
C LEU C 210 12.17 -37.16 2.84
N TYR C 211 11.35 -37.01 3.87
CA TYR C 211 10.44 -38.05 4.31
C TYR C 211 9.01 -37.53 4.24
N LEU C 212 8.11 -38.36 3.75
CA LEU C 212 6.68 -38.14 3.91
C LEU C 212 6.17 -39.12 4.95
N SER C 213 5.47 -38.62 5.96
CA SER C 213 4.78 -39.51 6.88
C SER C 213 3.28 -39.45 6.62
N THR C 214 2.66 -40.59 6.73
CA THR C 214 1.23 -40.76 6.66
C THR C 214 0.81 -41.88 7.59
N LYS C 215 -0.46 -42.20 7.50
CA LYS C 215 -1.02 -43.27 8.25
C LYS C 215 -1.74 -44.16 7.27
N ASN C 216 -1.07 -44.52 6.20
CA ASN C 216 -1.69 -45.32 5.17
C ASN C 216 -2.08 -46.72 5.58
N THR C 217 -1.61 -47.20 6.70
CA THR C 217 -2.07 -48.52 7.13
C THR C 217 -3.50 -48.47 7.63
N ILE C 218 -3.94 -47.30 8.10
CA ILE C 218 -5.30 -47.12 8.61
C ILE C 218 -6.17 -46.41 7.59
N LEU C 219 -5.73 -45.26 7.07
CA LEU C 219 -6.43 -44.57 5.98
C LEU C 219 -5.85 -45.05 4.65
N LYS C 220 -6.30 -46.23 4.23
CA LYS C 220 -5.63 -46.90 3.11
C LYS C 220 -5.88 -46.20 1.78
N LYS C 221 -7.05 -45.58 1.58
CA LYS C 221 -7.27 -44.87 0.32
C LYS C 221 -6.87 -43.41 0.42
N TYR C 222 -7.24 -42.77 1.53
CA TYR C 222 -7.03 -41.34 1.68
C TYR C 222 -5.55 -41.02 1.79
N ASP C 223 -4.86 -41.60 2.77
CA ASP C 223 -3.41 -41.44 2.89
C ASP C 223 -2.64 -42.25 1.86
N GLY C 224 -3.19 -43.38 1.39
CA GLY C 224 -2.56 -44.09 0.28
C GLY C 224 -2.40 -43.21 -0.94
N ARG C 225 -3.33 -42.26 -1.15
CA ARG C 225 -3.24 -41.34 -2.26
C ARG C 225 -2.05 -40.40 -2.11
N PHE C 226 -1.81 -39.88 -0.90
CA PHE C 226 -0.62 -39.03 -0.68
C PHE C 226 0.64 -39.81 -0.97
N LYS C 227 0.72 -41.02 -0.40
CA LYS C 227 1.89 -41.88 -0.61
C LYS C 227 2.10 -42.14 -2.09
N ASP C 228 1.04 -42.48 -2.81
CA ASP C 228 1.18 -42.80 -4.23
C ASP C 228 1.55 -41.59 -5.07
N ILE C 229 0.94 -40.43 -4.80
CA ILE C 229 1.24 -39.24 -5.61
C ILE C 229 2.68 -38.79 -5.39
N PHE C 230 3.13 -38.75 -4.13
CA PHE C 230 4.53 -38.44 -3.84
C PHE C 230 5.46 -39.42 -4.54
N GLN C 231 5.15 -40.72 -4.47
CA GLN C 231 6.04 -41.73 -5.02
C GLN C 231 6.15 -41.62 -6.55
N GLU C 232 5.03 -41.37 -7.24
CA GLU C 232 5.06 -41.24 -8.69
C GLU C 232 5.84 -40.01 -9.09
N ILE C 233 5.57 -38.88 -8.43
CA ILE C 233 6.29 -37.66 -8.75
C ILE C 233 7.77 -37.86 -8.51
N TYR C 234 8.12 -38.49 -7.38
CA TYR C 234 9.52 -38.78 -7.10
C TYR C 234 10.13 -39.66 -8.19
N ASP C 235 9.56 -40.85 -8.42
CA ASP C 235 10.13 -41.82 -9.36
C ASP C 235 10.38 -41.22 -10.74
N LYS C 236 9.41 -40.47 -11.29
CA LYS C 236 9.52 -39.98 -12.66
C LYS C 236 10.23 -38.63 -12.78
N GLN C 237 10.18 -37.77 -11.76
CA GLN C 237 10.58 -36.38 -11.93
C GLN C 237 11.72 -35.90 -11.03
N TYR C 238 12.09 -36.64 -9.97
CA TYR C 238 13.14 -36.12 -9.10
C TYR C 238 14.15 -37.16 -8.65
N LYS C 239 13.92 -38.45 -8.90
CA LYS C 239 14.75 -39.51 -8.33
C LYS C 239 16.21 -39.37 -8.73
N SER C 240 16.47 -39.00 -9.98
CA SER C 240 17.86 -38.99 -10.44
C SER C 240 18.58 -37.69 -10.06
N GLN C 241 17.86 -36.56 -9.91
CA GLN C 241 18.49 -35.38 -9.31
C GLN C 241 18.78 -35.59 -7.83
N PHE C 242 17.98 -36.41 -7.14
CA PHE C 242 18.24 -36.74 -5.74
C PHE C 242 19.49 -37.61 -5.61
N GLU C 243 19.58 -38.65 -6.43
CA GLU C 243 20.74 -39.54 -6.39
C GLU C 243 22.02 -38.85 -6.81
N ALA C 244 21.91 -37.84 -7.69
CA ALA C 244 23.07 -37.04 -8.06
C ALA C 244 23.62 -36.26 -6.87
N GLN C 245 22.74 -35.86 -5.94
CA GLN C 245 23.15 -35.14 -4.74
C GLN C 245 23.28 -36.05 -3.53
N LYS C 246 23.19 -37.37 -3.71
CA LYS C 246 23.34 -38.38 -2.68
C LYS C 246 22.27 -38.29 -1.59
N ILE C 247 21.19 -37.56 -1.83
CA ILE C 247 20.04 -37.58 -0.93
C ILE C 247 19.02 -38.57 -1.46
N TRP C 248 17.91 -38.72 -0.76
CA TRP C 248 16.91 -39.72 -1.13
C TRP C 248 15.54 -39.23 -0.66
N TYR C 249 14.50 -39.96 -1.08
CA TYR C 249 13.13 -39.74 -0.64
C TYR C 249 12.56 -41.06 -0.16
N GLU C 250 11.80 -41.02 0.92
CA GLU C 250 11.29 -42.24 1.50
C GLU C 250 9.97 -41.93 2.22
N HIS C 251 8.96 -42.77 2.00
CA HIS C 251 7.75 -42.73 2.80
C HIS C 251 7.92 -43.50 4.10
N ARG C 252 7.35 -42.96 5.19
CA ARG C 252 7.36 -43.62 6.50
C ARG C 252 5.97 -43.57 7.13
N LEU C 253 5.59 -44.66 7.81
CA LEU C 253 4.46 -44.54 8.73
C LEU C 253 4.81 -43.55 9.81
N ILE C 254 3.83 -42.75 10.23
CA ILE C 254 4.10 -41.68 11.18
C ILE C 254 4.76 -42.23 12.44
N ASP C 255 4.38 -43.45 12.85
CA ASP C 255 4.98 -44.04 14.05
C ASP C 255 6.45 -44.36 13.84
N ASP C 256 6.80 -44.96 12.71
CA ASP C 256 8.21 -45.17 12.40
C ASP C 256 8.94 -43.84 12.27
N MET C 257 8.28 -42.83 11.69
CA MET C 257 8.93 -41.56 11.42
C MET C 257 9.28 -40.81 12.71
N VAL C 258 8.39 -40.86 13.71
CA VAL C 258 8.69 -40.22 14.99
C VAL C 258 9.91 -40.87 15.63
N ALA C 259 9.95 -42.20 15.64
CA ALA C 259 11.10 -42.90 16.20
C ALA C 259 12.36 -42.55 15.43
N GLN C 260 12.28 -42.63 14.09
CA GLN C 260 13.44 -42.34 13.25
C GLN C 260 13.91 -40.91 13.47
N ALA C 261 12.99 -39.94 13.45
CA ALA C 261 13.36 -38.55 13.68
C ALA C 261 14.09 -38.38 15.00
N MET C 262 13.63 -39.05 16.06
CA MET C 262 14.26 -38.89 17.36
C MET C 262 15.63 -39.55 17.46
N LYS C 263 15.93 -40.54 16.63
CA LYS C 263 17.27 -41.10 16.60
C LYS C 263 18.19 -40.39 15.61
N SER C 264 17.65 -39.40 14.89
CA SER C 264 18.35 -38.67 13.84
C SER C 264 19.23 -37.56 14.41
N GLU C 265 20.12 -37.04 13.57
CA GLU C 265 20.87 -35.82 13.87
C GLU C 265 20.19 -34.56 13.35
N GLY C 266 19.03 -34.66 12.74
CA GLY C 266 18.44 -33.51 12.06
C GLY C 266 18.93 -33.40 10.63
N GLY C 267 18.60 -32.28 10.00
CA GLY C 267 19.03 -32.11 8.62
C GLY C 267 18.22 -32.89 7.59
N PHE C 268 16.90 -32.90 7.71
CA PHE C 268 16.06 -33.53 6.70
C PHE C 268 14.78 -32.70 6.57
N ILE C 269 14.10 -32.86 5.41
CA ILE C 269 12.77 -32.30 5.21
C ILE C 269 11.74 -33.35 5.60
N TRP C 270 10.71 -32.93 6.34
CA TRP C 270 9.65 -33.83 6.83
C TRP C 270 8.31 -33.31 6.32
N ALA C 271 7.79 -33.95 5.26
CA ALA C 271 6.45 -33.63 4.79
C ALA C 271 5.48 -34.41 5.67
N CYS C 272 4.62 -33.69 6.38
CA CYS C 272 3.77 -34.27 7.41
C CYS C 272 2.33 -34.17 6.94
N LYS C 273 1.66 -35.30 6.82
CA LYS C 273 0.28 -35.27 6.36
C LYS C 273 -0.67 -35.34 7.56
N SER C 281 3.67 -28.26 15.87
CA SER C 281 5.04 -27.75 15.95
C SER C 281 5.15 -26.43 16.71
N ASP C 282 4.25 -25.47 16.44
CA ASP C 282 4.30 -24.19 17.17
C ASP C 282 4.03 -24.39 18.66
N SER C 283 3.08 -25.25 18.99
CA SER C 283 2.72 -25.47 20.39
C SER C 283 3.83 -26.19 21.13
N VAL C 284 4.49 -27.16 20.48
CA VAL C 284 5.66 -27.79 21.08
C VAL C 284 6.73 -26.73 21.37
N ALA C 285 7.02 -25.89 20.37
CA ALA C 285 8.00 -24.82 20.54
C ALA C 285 7.59 -23.85 21.63
N GLN C 286 6.31 -23.47 21.65
CA GLN C 286 5.80 -22.62 22.73
C GLN C 286 6.05 -23.27 24.08
N GLY C 287 5.56 -24.51 24.25
CA GLY C 287 5.81 -25.23 25.50
C GLY C 287 7.28 -25.30 25.85
N TYR C 288 8.11 -25.62 24.85
CA TYR C 288 9.55 -25.71 25.07
C TYR C 288 10.17 -24.35 25.35
N GLY C 289 9.50 -23.27 24.96
CA GLY C 289 10.04 -21.95 25.17
C GLY C 289 10.97 -21.46 24.07
N SER C 290 10.79 -21.93 22.83
CA SER C 290 11.66 -21.54 21.72
C SER C 290 10.85 -21.04 20.52
N LEU C 291 9.64 -20.53 20.74
CA LEU C 291 8.87 -19.95 19.64
C LEU C 291 9.63 -18.79 19.00
N GLY C 292 10.41 -18.06 19.78
CA GLY C 292 11.19 -16.96 19.24
C GLY C 292 12.27 -17.39 18.27
N MET C 293 12.51 -18.70 18.14
CA MET C 293 13.54 -19.27 17.28
C MET C 293 12.96 -20.13 16.17
N MET C 294 11.67 -20.01 15.89
CA MET C 294 11.07 -20.75 14.80
C MET C 294 10.58 -19.82 13.70
N THR C 295 10.98 -20.12 12.49
CA THR C 295 10.56 -19.33 11.36
C THR C 295 9.59 -20.14 10.51
N SER C 296 8.91 -19.44 9.62
CA SER C 296 7.86 -20.04 8.80
C SER C 296 7.92 -19.46 7.39
N VAL C 297 7.76 -20.31 6.38
CA VAL C 297 7.75 -19.82 5.01
C VAL C 297 6.63 -20.54 4.24
N LEU C 298 5.80 -19.76 3.54
CA LEU C 298 4.77 -20.27 2.64
C LEU C 298 5.34 -20.32 1.22
N VAL C 299 5.42 -21.53 0.66
CA VAL C 299 6.05 -21.77 -0.64
C VAL C 299 4.93 -22.04 -1.64
N CYS C 300 4.73 -21.11 -2.58
CA CYS C 300 3.58 -21.12 -3.47
C CYS C 300 3.76 -22.17 -4.58
N PRO C 301 2.64 -22.62 -5.19
CA PRO C 301 2.76 -23.65 -6.26
C PRO C 301 3.50 -23.17 -7.50
N ASP C 302 3.59 -21.85 -7.73
CA ASP C 302 4.26 -21.40 -8.94
C ASP C 302 5.78 -21.61 -8.91
N GLY C 303 6.34 -22.06 -7.79
CA GLY C 303 7.78 -22.18 -7.67
C GLY C 303 8.54 -20.88 -7.58
N LYS C 304 7.86 -19.74 -7.44
CA LYS C 304 8.56 -18.46 -7.53
C LYS C 304 8.21 -17.50 -6.37
N THR C 305 7.04 -17.68 -5.77
CA THR C 305 6.51 -16.77 -4.76
C THR C 305 6.65 -17.38 -3.37
N VAL C 306 7.28 -16.64 -2.45
CA VAL C 306 7.38 -17.05 -1.04
C VAL C 306 6.87 -15.93 -0.16
N GLU C 307 6.28 -16.33 0.98
CA GLU C 307 5.95 -15.42 2.06
C GLU C 307 6.63 -15.92 3.32
N ALA C 308 7.41 -15.06 3.95
CA ALA C 308 8.22 -15.45 5.09
C ALA C 308 7.71 -14.71 6.32
N GLU C 309 7.69 -15.40 7.46
CA GLU C 309 7.20 -14.81 8.69
C GLU C 309 7.77 -15.58 9.86
N ALA C 310 7.73 -14.96 11.03
CA ALA C 310 7.97 -15.69 12.27
C ALA C 310 6.86 -16.71 12.52
N ALA C 311 7.20 -17.83 13.16
CA ALA C 311 6.17 -18.79 13.51
C ALA C 311 5.28 -18.32 14.66
N HIS C 312 5.73 -17.36 15.47
CA HIS C 312 4.95 -16.98 16.64
C HIS C 312 3.99 -15.85 16.29
N GLY C 313 3.18 -15.46 17.27
CA GLY C 313 2.24 -14.35 17.18
C GLY C 313 2.81 -13.01 17.60
N THR C 314 1.91 -12.10 18.02
CA THR C 314 2.30 -10.73 18.36
C THR C 314 2.86 -10.59 19.76
N VAL C 315 2.90 -11.68 20.54
CA VAL C 315 3.47 -11.68 21.90
C VAL C 315 2.74 -10.66 22.76
N THR C 316 1.42 -10.76 22.78
CA THR C 316 0.57 -9.89 23.52
C THR C 316 1.01 -9.68 24.96
N ARG C 317 1.32 -10.76 25.63
CA ARG C 317 1.75 -10.72 27.02
C ARG C 317 2.92 -9.80 27.24
N HIS C 318 3.92 -9.85 26.38
CA HIS C 318 5.06 -8.97 26.51
C HIS C 318 4.65 -7.55 26.22
N TYR C 319 3.82 -7.34 25.23
CA TYR C 319 3.35 -6.01 24.92
C TYR C 319 2.64 -5.40 26.13
N ARG C 320 1.78 -6.16 26.80
CA ARG C 320 1.13 -5.67 28.02
C ARG C 320 2.16 -5.27 29.07
N MET C 321 3.23 -6.08 29.23
CA MET C 321 4.31 -5.71 30.13
C MET C 321 4.92 -4.37 29.73
N TYR C 322 5.28 -4.23 28.46
CA TYR C 322 5.78 -2.97 27.93
C TYR C 322 4.81 -1.82 28.20
N GLN C 323 3.51 -2.01 27.99
CA GLN C 323 2.55 -0.93 28.25
C GLN C 323 2.50 -0.54 29.73
N LYS C 324 2.80 -1.47 30.65
CA LYS C 324 2.87 -1.17 32.07
C LYS C 324 4.26 -0.74 32.54
N GLY C 325 5.19 -0.51 31.62
CA GLY C 325 6.52 -0.08 32.01
C GLY C 325 7.46 -1.15 32.49
N GLN C 326 7.09 -2.43 32.38
CA GLN C 326 8.00 -3.50 32.76
C GLN C 326 9.01 -3.74 31.66
N GLU C 327 10.21 -4.12 32.07
CA GLU C 327 11.23 -4.52 31.10
C GLU C 327 10.78 -5.77 30.35
N THR C 328 11.00 -5.77 29.04
CA THR C 328 10.67 -6.90 28.19
C THR C 328 11.94 -7.52 27.62
N SER C 329 11.87 -8.82 27.34
CA SER C 329 12.97 -9.52 26.68
C SER C 329 12.30 -10.41 25.63
N THR C 330 11.99 -9.80 24.48
CA THR C 330 11.28 -10.49 23.41
C THR C 330 12.28 -10.87 22.33
N ASN C 331 12.23 -12.10 21.91
CA ASN C 331 13.22 -12.62 20.98
C ASN C 331 12.92 -12.16 19.55
N PRO C 332 13.81 -11.41 18.90
CA PRO C 332 13.57 -10.93 17.53
C PRO C 332 14.11 -11.85 16.44
N ILE C 333 14.66 -12.99 16.81
CA ILE C 333 15.40 -13.81 15.85
C ILE C 333 14.48 -14.33 14.75
N ALA C 334 13.33 -14.90 15.12
CA ALA C 334 12.39 -15.40 14.09
C ALA C 334 11.93 -14.27 13.17
N SER C 335 11.63 -13.10 13.72
CA SER C 335 11.28 -11.94 12.90
C SER C 335 12.44 -11.58 11.99
N ILE C 336 13.66 -11.60 12.51
CA ILE C 336 14.85 -11.35 11.69
C ILE C 336 14.97 -12.37 10.58
N PHE C 337 14.75 -13.65 10.88
CA PHE C 337 14.87 -14.65 9.83
C PHE C 337 13.73 -14.57 8.83
N ALA C 338 12.64 -13.90 9.18
CA ALA C 338 11.64 -13.65 8.14
C ALA C 338 12.20 -12.71 7.09
N TRP C 339 12.91 -11.67 7.53
CA TRP C 339 13.58 -10.79 6.59
C TRP C 339 14.70 -11.50 5.81
N THR C 340 15.55 -12.26 6.47
CA THR C 340 16.68 -12.86 5.77
C THR C 340 16.22 -13.90 4.77
N ARG C 341 15.18 -14.66 5.12
CA ARG C 341 14.66 -15.63 4.16
CA ARG C 341 14.63 -15.63 4.18
C ARG C 341 13.97 -14.93 2.99
N GLY C 342 13.22 -13.85 3.26
CA GLY C 342 12.62 -13.12 2.15
C GLY C 342 13.67 -12.51 1.25
N LEU C 343 14.75 -11.97 1.85
CA LEU C 343 15.79 -11.32 1.06
C LEU C 343 16.62 -12.35 0.31
N ALA C 344 16.85 -13.53 0.92
CA ALA C 344 17.54 -14.61 0.22
C ALA C 344 16.78 -15.03 -1.02
N HIS C 345 15.45 -15.13 -0.92
CA HIS C 345 14.68 -15.54 -2.08
C HIS C 345 14.65 -14.45 -3.14
N ARG C 346 14.45 -13.19 -2.73
CA ARG C 346 14.61 -12.07 -3.67
C ARG C 346 15.96 -12.16 -4.38
N ALA C 347 17.03 -12.42 -3.62
CA ALA C 347 18.37 -12.47 -4.21
C ALA C 347 18.51 -13.62 -5.19
N LYS C 348 17.87 -14.76 -4.90
CA LYS C 348 17.90 -15.89 -5.81
C LYS C 348 17.15 -15.60 -7.11
N LEU C 349 15.97 -14.99 -7.00
CA LEU C 349 15.21 -14.63 -8.20
C LEU C 349 15.96 -13.66 -9.07
N ASP C 350 16.75 -12.76 -8.46
CA ASP C 350 17.41 -11.65 -9.15
C ASP C 350 18.87 -11.92 -9.48
N ASN C 351 19.43 -13.06 -9.04
CA ASN C 351 20.88 -13.29 -9.07
C ASN C 351 21.65 -12.10 -8.49
N ASN C 352 21.23 -11.66 -7.33
CA ASN C 352 21.85 -10.55 -6.66
C ASN C 352 22.80 -11.11 -5.67
N LYS C 353 24.08 -11.17 -6.01
CA LYS C 353 25.06 -11.75 -5.12
C LYS C 353 25.28 -10.93 -3.87
N GLU C 354 25.20 -9.64 -4.02
CA GLU C 354 25.38 -8.74 -2.93
C GLU C 354 24.31 -8.96 -1.88
N LEU C 355 23.07 -8.99 -2.32
CA LEU C 355 21.94 -9.22 -1.43
C LEU C 355 22.03 -10.59 -0.77
N ALA C 356 22.40 -11.63 -1.52
CA ALA C 356 22.49 -12.97 -0.94
C ALA C 356 23.56 -13.02 0.15
N PHE C 357 24.72 -12.40 -0.10
CA PHE C 357 25.74 -12.30 0.93
C PHE C 357 25.23 -11.61 2.18
N PHE C 358 24.52 -10.48 2.02
CA PHE C 358 24.00 -9.76 3.18
C PHE C 358 23.04 -10.64 3.98
N ALA C 359 22.11 -11.30 3.28
CA ALA C 359 21.08 -12.06 3.98
C ALA C 359 21.71 -13.16 4.81
N ASN C 360 22.66 -13.89 4.23
CA ASN C 360 23.32 -14.97 4.97
C ASN C 360 24.14 -14.42 6.12
N ALA C 361 24.81 -13.28 5.91
CA ALA C 361 25.61 -12.69 6.98
C ALA C 361 24.75 -12.26 8.16
N LEU C 362 23.52 -11.80 7.92
CA LEU C 362 22.69 -11.41 9.06
C LEU C 362 22.22 -12.62 9.85
N GLU C 363 21.95 -13.74 9.18
CA GLU C 363 21.63 -14.97 9.90
C GLU C 363 22.81 -15.40 10.75
N GLU C 364 24.03 -15.42 10.16
CA GLU C 364 25.23 -15.81 10.90
C GLU C 364 25.44 -14.91 12.12
N VAL C 365 25.28 -13.60 11.95
CA VAL C 365 25.46 -12.65 13.06
C VAL C 365 24.48 -12.95 14.19
N SER C 366 23.22 -13.20 13.85
CA SER C 366 22.23 -13.55 14.88
C SER C 366 22.67 -14.78 15.66
N ILE C 367 23.08 -15.84 14.94
CA ILE C 367 23.46 -17.08 15.60
C ILE C 367 24.74 -16.89 16.41
N GLU C 368 25.74 -16.22 15.81
CA GLU C 368 27.00 -15.93 16.48
C GLU C 368 26.79 -15.15 17.77
N THR C 369 25.86 -14.19 17.76
CA THR C 369 25.62 -13.34 18.92
C THR C 369 25.10 -14.17 20.07
N ILE C 370 24.18 -15.09 19.79
CA ILE C 370 23.62 -15.95 20.82
C ILE C 370 24.67 -16.94 21.32
N GLU C 371 25.52 -17.44 20.43
CA GLU C 371 26.51 -18.44 20.82
C GLU C 371 27.67 -17.81 21.57
N ALA C 372 27.84 -16.50 21.47
CA ALA C 372 28.81 -15.80 22.29
C ALA C 372 28.22 -15.37 23.63
N GLY C 373 27.02 -15.82 23.97
CA GLY C 373 26.48 -15.61 25.31
C GLY C 373 25.48 -14.47 25.45
N PHE C 374 25.25 -13.68 24.40
CA PHE C 374 24.32 -12.55 24.45
C PHE C 374 22.97 -12.97 23.87
N MET C 375 21.94 -12.99 24.71
CA MET C 375 20.67 -13.60 24.35
C MET C 375 19.53 -12.98 25.15
N THR C 376 18.32 -13.11 24.63
CA THR C 376 17.14 -12.64 25.35
C THR C 376 16.73 -13.67 26.41
N LYS C 377 15.75 -13.29 27.24
CA LYS C 377 15.42 -14.08 28.43
C LYS C 377 14.83 -15.44 28.08
N ASP C 378 14.08 -15.57 26.98
CA ASP C 378 13.53 -16.88 26.66
C ASP C 378 14.65 -17.89 26.47
N LEU C 379 15.73 -17.49 25.80
CA LEU C 379 16.83 -18.40 25.57
C LEU C 379 17.56 -18.71 26.88
N ALA C 380 17.78 -17.69 27.72
CA ALA C 380 18.45 -17.92 28.99
C ALA C 380 17.67 -18.93 29.84
N ALA C 381 16.35 -18.75 29.90
CA ALA C 381 15.50 -19.71 30.59
C ALA C 381 15.59 -21.09 29.96
N CYS C 382 15.78 -21.16 28.64
CA CYS C 382 15.89 -22.45 27.99
C CYS C 382 17.15 -23.19 28.45
N ILE C 383 18.25 -22.45 28.68
CA ILE C 383 19.49 -23.06 29.14
C ILE C 383 19.36 -23.48 30.61
N LYS C 384 19.13 -22.49 31.48
CA LYS C 384 19.25 -22.63 32.93
C LYS C 384 17.96 -23.05 33.63
N GLY C 385 16.79 -22.89 33.00
CA GLY C 385 15.51 -23.02 33.69
C GLY C 385 15.09 -21.66 34.23
N LEU C 386 13.81 -21.33 34.13
CA LEU C 386 13.38 -19.98 34.50
C LEU C 386 13.70 -19.61 35.95
N PRO C 387 13.54 -20.48 36.96
CA PRO C 387 13.96 -20.09 38.32
C PRO C 387 15.41 -19.66 38.43
N ASN C 388 16.28 -20.18 37.58
CA ASN C 388 17.70 -19.96 37.74
C ASN C 388 18.23 -18.79 36.92
N VAL C 389 17.37 -18.09 36.19
CA VAL C 389 17.84 -17.00 35.36
C VAL C 389 18.05 -15.77 36.22
N GLN C 390 19.18 -15.10 36.02
CA GLN C 390 19.50 -13.82 36.61
C GLN C 390 19.52 -12.76 35.54
N ARG C 391 19.24 -11.52 35.94
CA ARG C 391 19.20 -10.43 34.98
C ARG C 391 20.50 -10.36 34.20
N SER C 392 21.61 -10.81 34.78
CA SER C 392 22.88 -10.79 34.08
C SER C 392 22.96 -11.89 33.02
N ASP C 393 22.07 -12.87 33.06
CA ASP C 393 22.05 -13.96 32.09
C ASP C 393 21.50 -13.56 30.73
N TYR C 394 20.87 -12.39 30.60
CA TYR C 394 20.17 -12.07 29.36
C TYR C 394 20.19 -10.58 29.13
N LEU C 395 19.73 -10.19 27.94
CA LEU C 395 19.56 -8.80 27.59
C LEU C 395 18.07 -8.51 27.40
N ASN C 396 17.69 -7.24 27.53
CA ASN C 396 16.31 -6.90 27.23
C ASN C 396 16.16 -6.66 25.73
N THR C 397 14.93 -6.36 25.31
CA THR C 397 14.61 -6.32 23.88
C THR C 397 15.49 -5.33 23.13
N PHE C 398 15.67 -4.14 23.68
CA PHE C 398 16.43 -3.13 22.96
C PHE C 398 17.93 -3.34 23.09
N GLU C 399 18.38 -3.89 24.23
CA GLU C 399 19.79 -4.22 24.41
C GLU C 399 20.22 -5.27 23.41
N PHE C 400 19.42 -6.33 23.27
CA PHE C 400 19.73 -7.37 22.30
C PHE C 400 19.77 -6.81 20.88
N MET C 401 18.78 -5.98 20.51
CA MET C 401 18.79 -5.38 19.18
C MET C 401 20.03 -4.51 18.98
N ASP C 402 20.40 -3.70 20.00
CA ASP C 402 21.64 -2.94 19.89
C ASP C 402 22.86 -3.86 19.70
N LYS C 403 22.92 -4.96 20.46
CA LYS C 403 24.03 -5.90 20.30
C LYS C 403 24.09 -6.47 18.88
N LEU C 404 22.95 -6.87 18.32
CA LEU C 404 22.96 -7.39 16.95
C LEU C 404 23.44 -6.33 15.96
N GLY C 405 22.93 -5.11 16.08
CA GLY C 405 23.34 -4.04 15.19
C GLY C 405 24.84 -3.78 15.24
N GLU C 406 25.43 -3.80 16.44
CA GLU C 406 26.87 -3.61 16.57
C GLU C 406 27.65 -4.74 15.90
N ASN C 407 27.24 -5.99 16.15
CA ASN C 407 27.90 -7.11 15.50
C ASN C 407 27.66 -7.15 14.00
N LEU C 408 26.48 -6.74 13.55
CA LEU C 408 26.25 -6.70 12.10
C LEU C 408 27.16 -5.69 11.43
N LYS C 409 27.35 -4.52 12.05
CA LYS C 409 28.27 -3.54 11.50
C LYS C 409 29.68 -4.12 11.35
N ILE C 410 30.17 -4.80 12.40
CA ILE C 410 31.51 -5.39 12.35
C ILE C 410 31.59 -6.49 11.29
N LYS C 411 30.61 -7.39 11.30
CA LYS C 411 30.59 -8.49 10.34
C LYS C 411 30.71 -7.98 8.91
N LEU C 412 29.93 -6.95 8.57
CA LEU C 412 29.82 -6.52 7.19
C LEU C 412 31.01 -5.69 6.75
N ALA C 413 31.63 -4.96 7.70
CA ALA C 413 32.86 -4.23 7.42
C ALA C 413 34.01 -5.19 7.10
N GLN C 414 34.16 -6.26 7.90
CA GLN C 414 35.28 -7.22 7.77
C GLN C 414 35.51 -7.69 6.34
N ALA C 415 34.55 -7.51 5.45
CA ALA C 415 34.74 -7.89 4.05
C ALA C 415 35.39 -6.76 3.26
N LYS D 7 3.02 -64.07 54.51
CA LYS D 7 2.73 -64.01 53.08
C LYS D 7 1.45 -63.26 52.82
N ILE D 8 1.55 -62.25 51.99
CA ILE D 8 0.41 -61.42 51.64
C ILE D 8 -0.54 -62.11 50.71
N SER D 9 -1.81 -62.01 51.04
CA SER D 9 -2.88 -62.57 50.26
C SER D 9 -3.17 -61.60 49.16
N GLY D 10 -3.21 -62.08 47.94
CA GLY D 10 -3.43 -61.20 46.82
C GLY D 10 -4.89 -61.01 46.45
N GLY D 11 -5.57 -62.12 46.24
CA GLY D 11 -6.88 -62.10 45.62
C GLY D 11 -6.80 -62.62 44.19
N SER D 12 -7.88 -62.37 43.46
CA SER D 12 -8.03 -62.91 42.11
C SER D 12 -7.32 -62.02 41.10
N VAL D 13 -6.43 -62.62 40.28
CA VAL D 13 -5.74 -61.92 39.22
C VAL D 13 -5.64 -62.84 37.99
N VAL D 14 -5.99 -62.29 36.81
CA VAL D 14 -5.86 -63.01 35.54
C VAL D 14 -4.47 -62.74 34.97
N GLU D 15 -3.78 -63.81 34.58
CA GLU D 15 -2.44 -63.70 34.00
C GLU D 15 -2.44 -64.24 32.57
N MET D 16 -1.79 -63.50 31.67
CA MET D 16 -1.64 -63.91 30.28
C MET D 16 -0.15 -63.96 29.93
N GLN D 17 0.34 -65.16 29.64
CA GLN D 17 1.72 -65.42 29.29
C GLN D 17 1.92 -65.23 27.78
N GLY D 18 3.08 -64.69 27.39
CA GLY D 18 3.37 -64.32 26.01
C GLY D 18 4.56 -64.99 25.35
N ASP D 19 5.47 -64.22 24.75
CA ASP D 19 6.43 -64.77 23.82
C ASP D 19 7.81 -64.13 23.97
N GLU D 20 8.81 -64.90 23.57
CA GLU D 20 10.19 -64.45 23.30
C GLU D 20 10.78 -63.84 24.57
N MET D 21 11.53 -62.76 24.44
CA MET D 21 12.22 -62.20 25.58
C MET D 21 11.34 -61.86 26.75
N THR D 22 10.15 -61.37 26.47
CA THR D 22 9.25 -61.03 27.55
C THR D 22 8.85 -62.23 28.39
N ARG D 23 8.67 -63.39 27.78
CA ARG D 23 8.30 -64.58 28.51
C ARG D 23 9.36 -64.93 29.53
N ILE D 24 10.61 -64.86 29.11
CA ILE D 24 11.70 -65.18 29.99
C ILE D 24 11.68 -64.26 31.17
N ILE D 25 11.66 -62.98 30.88
CA ILE D 25 11.61 -61.95 31.92
C ILE D 25 10.43 -62.18 32.85
N TRP D 26 9.25 -62.45 32.28
CA TRP D 26 8.03 -62.53 33.08
C TRP D 26 8.10 -63.63 34.13
N GLU D 27 8.69 -64.79 33.79
CA GLU D 27 8.83 -65.86 34.79
C GLU D 27 9.82 -65.48 35.88
N LEU D 28 10.90 -64.80 35.52
CA LEU D 28 11.81 -64.28 36.51
C LEU D 28 11.11 -63.33 37.47
N ILE D 29 10.19 -62.50 36.96
CA ILE D 29 9.46 -61.57 37.83
C ILE D 29 8.58 -62.35 38.81
N LYS D 30 7.83 -63.33 38.31
CA LYS D 30 6.92 -64.08 39.18
C LYS D 30 7.69 -64.86 40.23
N GLU D 31 8.77 -65.53 39.84
CA GLU D 31 9.47 -66.39 40.78
C GLU D 31 10.34 -65.62 41.76
N LYS D 32 10.92 -64.49 41.34
CA LYS D 32 11.84 -63.78 42.22
C LYS D 32 11.23 -62.57 42.90
N LEU D 33 10.20 -61.97 42.31
CA LEU D 33 9.64 -60.75 42.86
C LEU D 33 8.24 -60.91 43.46
N ILE D 34 7.40 -61.78 42.91
CA ILE D 34 6.00 -61.77 43.33
C ILE D 34 5.68 -62.94 44.26
N PHE D 35 5.95 -64.17 43.81
CA PHE D 35 5.58 -65.35 44.60
C PHE D 35 6.25 -65.46 45.96
N PRO D 36 7.56 -65.22 46.14
CA PRO D 36 8.13 -65.32 47.50
C PRO D 36 7.42 -64.49 48.56
N TYR D 37 6.52 -63.57 48.18
CA TYR D 37 5.91 -62.64 49.12
C TYR D 37 4.40 -62.56 49.02
N VAL D 38 3.78 -63.11 47.99
CA VAL D 38 2.36 -62.96 47.72
C VAL D 38 1.86 -64.26 47.11
N GLU D 39 0.76 -64.79 47.64
CA GLU D 39 0.03 -65.87 46.98
C GLU D 39 -1.25 -65.29 46.41
N LEU D 40 -1.52 -65.61 45.14
CA LEU D 40 -2.65 -65.05 44.41
C LEU D 40 -3.65 -66.15 44.08
N ASP D 41 -4.93 -65.75 43.98
CA ASP D 41 -5.90 -66.56 43.26
C ASP D 41 -5.63 -66.32 41.78
N LEU D 42 -4.66 -67.07 41.26
CA LEU D 42 -4.12 -66.81 39.92
C LEU D 42 -4.83 -67.67 38.89
N HIS D 43 -5.34 -67.02 37.85
CA HIS D 43 -5.94 -67.70 36.70
C HIS D 43 -5.04 -67.46 35.49
N SER D 44 -4.35 -68.51 35.03
CA SER D 44 -3.29 -68.37 34.03
C SER D 44 -3.75 -68.83 32.66
N TYR D 45 -3.51 -67.99 31.64
CA TYR D 45 -3.76 -68.32 30.24
C TYR D 45 -2.47 -68.13 29.46
N ASP D 46 -2.08 -69.14 28.68
CA ASP D 46 -0.84 -69.07 27.91
C ASP D 46 -1.15 -68.55 26.51
N LEU D 47 -0.96 -67.24 26.30
CA LEU D 47 -1.13 -66.63 24.99
C LEU D 47 0.15 -66.73 24.14
N GLY D 48 1.07 -67.65 24.49
CA GLY D 48 2.21 -67.95 23.66
C GLY D 48 1.79 -68.25 22.23
N ILE D 49 2.70 -68.06 21.26
CA ILE D 49 2.28 -68.14 19.87
C ILE D 49 1.84 -69.55 19.51
N GLU D 50 2.53 -70.56 20.02
CA GLU D 50 2.23 -71.92 19.62
C GLU D 50 0.97 -72.47 20.30
N ASN D 51 0.71 -72.03 21.53
CA ASN D 51 -0.55 -72.38 22.18
C ASN D 51 -1.73 -71.64 21.55
N ARG D 52 -1.50 -70.40 21.09
CA ARG D 52 -2.55 -69.69 20.35
C ARG D 52 -2.86 -70.38 19.03
N ASP D 53 -1.83 -70.88 18.33
CA ASP D 53 -2.06 -71.58 17.08
C ASP D 53 -2.86 -72.86 17.29
N ALA D 54 -2.59 -73.57 18.39
CA ALA D 54 -3.34 -74.78 18.70
C ALA D 54 -4.80 -74.45 18.98
N THR D 55 -5.05 -73.61 19.99
CA THR D 55 -6.39 -73.27 20.39
C THR D 55 -7.16 -72.49 19.31
N ASN D 56 -6.61 -72.35 18.09
CA ASN D 56 -7.25 -71.48 17.09
C ASN D 56 -7.53 -70.10 17.67
N ASP D 57 -6.55 -69.58 18.42
CA ASP D 57 -6.60 -68.29 19.12
C ASP D 57 -7.70 -68.26 20.18
N GLN D 58 -8.15 -69.44 20.61
CA GLN D 58 -9.29 -69.52 21.52
C GLN D 58 -8.92 -69.12 22.92
N VAL D 59 -7.69 -69.42 23.34
CA VAL D 59 -7.24 -69.05 24.68
C VAL D 59 -7.28 -67.53 24.87
N THR D 60 -7.11 -66.79 23.77
CA THR D 60 -7.16 -65.34 23.85
C THR D 60 -8.53 -64.86 24.32
N LYS D 61 -9.61 -65.49 23.83
CA LYS D 61 -10.93 -64.96 24.18
C LYS D 61 -11.32 -65.40 25.58
N ASP D 62 -10.94 -66.62 25.97
CA ASP D 62 -11.15 -67.06 27.35
C ASP D 62 -10.44 -66.12 28.32
N ALA D 63 -9.18 -65.81 28.03
CA ALA D 63 -8.42 -64.85 28.83
C ALA D 63 -9.17 -63.53 28.96
N ALA D 64 -9.74 -63.03 27.86
CA ALA D 64 -10.53 -61.82 27.88
C ALA D 64 -11.70 -61.93 28.85
N GLU D 65 -12.58 -62.91 28.60
CA GLU D 65 -13.75 -63.13 29.47
C GLU D 65 -13.34 -63.35 30.91
N ALA D 66 -12.18 -63.97 31.14
CA ALA D 66 -11.67 -64.16 32.48
C ALA D 66 -11.37 -62.82 33.17
N ILE D 67 -11.00 -61.79 32.41
CA ILE D 67 -10.67 -60.50 33.02
C ILE D 67 -11.93 -59.80 33.52
N LYS D 68 -13.06 -60.00 32.85
CA LYS D 68 -14.30 -59.38 33.29
C LYS D 68 -14.76 -59.91 34.64
N LYS D 69 -14.71 -61.23 34.86
CA LYS D 69 -15.18 -61.80 36.12
C LYS D 69 -14.42 -61.20 37.29
N HIS D 70 -13.09 -61.14 37.17
CA HIS D 70 -12.21 -60.91 38.31
C HIS D 70 -11.57 -59.53 38.33
N ASN D 71 -11.74 -58.73 37.27
CA ASN D 71 -11.48 -57.29 37.24
C ASN D 71 -10.03 -56.93 36.95
N VAL D 72 -9.05 -57.74 37.38
CA VAL D 72 -7.63 -57.38 37.26
C VAL D 72 -6.93 -58.44 36.42
N GLY D 73 -6.35 -58.01 35.31
CA GLY D 73 -5.50 -58.88 34.51
C GLY D 73 -4.15 -58.26 34.24
N VAL D 74 -3.13 -59.12 34.12
CA VAL D 74 -1.77 -58.70 33.80
C VAL D 74 -1.28 -59.51 32.61
N LYS D 75 -0.74 -58.83 31.60
CA LYS D 75 -0.42 -59.44 30.31
C LYS D 75 1.05 -59.24 29.95
N CYS D 76 1.67 -60.33 29.50
CA CYS D 76 2.99 -60.34 28.90
C CYS D 76 2.88 -60.07 27.41
N ALA D 77 3.88 -59.38 26.85
CA ALA D 77 3.86 -59.09 25.42
C ALA D 77 3.84 -60.39 24.60
N THR D 78 3.17 -60.32 23.44
CA THR D 78 2.89 -61.47 22.59
C THR D 78 3.24 -61.15 21.13
N ILE D 79 3.69 -62.17 20.40
CA ILE D 79 3.85 -62.02 18.96
C ILE D 79 2.51 -61.74 18.32
N THR D 80 2.48 -60.76 17.41
CA THR D 80 1.34 -60.58 16.51
C THR D 80 1.73 -61.10 15.13
N PRO D 81 1.01 -62.06 14.57
CA PRO D 81 1.51 -62.76 13.38
C PRO D 81 1.46 -61.91 12.11
N ASP D 82 2.51 -62.01 11.31
CA ASP D 82 2.52 -61.46 9.96
C ASP D 82 3.02 -62.57 9.04
N GLU D 83 3.44 -62.19 7.83
CA GLU D 83 3.87 -63.18 6.84
C GLU D 83 5.08 -63.95 7.31
N LYS D 84 6.03 -63.28 7.96
CA LYS D 84 7.21 -63.96 8.48
C LYS D 84 6.83 -64.93 9.60
N ARG D 85 5.90 -64.54 10.47
CA ARG D 85 5.50 -65.39 11.59
C ARG D 85 4.68 -66.59 11.14
N VAL D 86 3.83 -66.41 10.12
CA VAL D 86 3.12 -67.55 9.54
C VAL D 86 4.13 -68.60 9.09
N GLU D 87 5.18 -68.17 8.39
CA GLU D 87 6.20 -69.08 7.89
C GLU D 87 7.12 -69.58 9.00
N GLU D 88 7.38 -68.75 10.02
CA GLU D 88 8.32 -69.11 11.07
C GLU D 88 7.82 -70.28 11.90
N PHE D 89 6.60 -70.17 12.42
CA PHE D 89 6.01 -71.19 13.27
C PHE D 89 5.12 -72.16 12.50
N LYS D 90 4.99 -71.99 11.18
CA LYS D 90 4.08 -72.77 10.34
C LYS D 90 2.66 -72.72 10.91
N LEU D 91 2.11 -71.51 10.86
CA LEU D 91 0.82 -71.23 11.46
C LEU D 91 -0.32 -71.62 10.53
N LYS D 92 -1.38 -72.17 11.11
CA LYS D 92 -2.57 -72.49 10.33
C LYS D 92 -3.17 -71.25 9.69
N GLN D 93 -3.04 -70.11 10.36
CA GLN D 93 -3.71 -68.90 9.95
C GLN D 93 -2.97 -67.72 10.55
N MET D 94 -2.99 -66.59 9.86
CA MET D 94 -2.42 -65.36 10.39
C MET D 94 -3.41 -64.78 11.41
N TRP D 95 -3.31 -65.28 12.64
CA TRP D 95 -4.23 -64.84 13.69
C TRP D 95 -4.10 -63.34 13.93
N LYS D 96 -5.21 -62.76 14.35
CA LYS D 96 -5.24 -61.33 14.61
C LYS D 96 -4.55 -61.03 15.93
N SER D 97 -3.90 -59.86 15.98
CA SER D 97 -3.27 -59.33 17.17
C SER D 97 -4.05 -59.70 18.42
N PRO D 98 -3.45 -60.51 19.30
CA PRO D 98 -4.15 -60.89 20.55
C PRO D 98 -4.61 -59.68 21.34
N ASN D 99 -3.85 -58.59 21.28
CA ASN D 99 -4.18 -57.39 22.04
C ASN D 99 -5.48 -56.76 21.55
N GLY D 100 -5.77 -56.86 20.24
CA GLY D 100 -6.99 -56.27 19.72
C GLY D 100 -8.22 -57.06 20.14
N THR D 101 -8.12 -58.38 20.14
CA THR D 101 -9.22 -59.21 20.63
C THR D 101 -9.61 -58.82 22.05
N ILE D 102 -8.62 -58.49 22.90
CA ILE D 102 -8.92 -58.22 24.32
C ILE D 102 -9.60 -56.87 24.49
N ARG D 103 -9.08 -55.81 23.83
CA ARG D 103 -9.75 -54.51 23.91
C ARG D 103 -11.15 -54.60 23.33
N ASN D 104 -11.28 -55.31 22.20
CA ASN D 104 -12.59 -55.51 21.57
C ASN D 104 -13.56 -56.20 22.51
N ILE D 105 -13.08 -57.01 23.45
CA ILE D 105 -13.99 -57.73 24.33
C ILE D 105 -14.23 -56.98 25.64
N LEU D 106 -13.26 -56.22 26.14
CA LEU D 106 -13.48 -55.46 27.36
C LEU D 106 -13.91 -54.01 27.12
N GLY D 107 -13.45 -53.39 26.02
CA GLY D 107 -13.64 -51.96 25.85
C GLY D 107 -12.73 -51.16 26.78
N GLY D 108 -13.03 -49.87 26.90
CA GLY D 108 -12.23 -48.97 27.69
C GLY D 108 -11.12 -48.28 26.92
N THR D 109 -10.34 -47.50 27.66
CA THR D 109 -9.31 -46.60 27.13
C THR D 109 -7.93 -47.05 27.61
N VAL D 110 -6.96 -47.10 26.72
CA VAL D 110 -5.58 -47.41 27.09
C VAL D 110 -4.88 -46.16 27.61
N PHE D 111 -4.30 -46.26 28.80
CA PHE D 111 -3.51 -45.15 29.35
C PHE D 111 -2.05 -45.59 29.51
N ARG D 112 -1.14 -44.72 29.10
CA ARG D 112 0.29 -45.02 29.20
C ARG D 112 0.94 -44.14 30.26
N GLU D 113 1.91 -44.73 30.96
CA GLU D 113 2.57 -44.06 32.06
C GLU D 113 4.06 -44.42 32.05
N ALA D 114 4.91 -43.40 32.18
CA ALA D 114 6.35 -43.59 32.20
C ALA D 114 6.87 -43.70 33.63
N ILE D 115 7.94 -44.45 33.79
CA ILE D 115 8.60 -44.62 35.09
C ILE D 115 9.82 -43.69 35.14
N ILE D 116 9.80 -42.75 36.08
CA ILE D 116 10.82 -41.72 36.18
C ILE D 116 11.79 -42.07 37.31
N CYS D 117 13.09 -42.08 37.00
CA CYS D 117 14.14 -42.21 37.99
C CYS D 117 14.98 -40.94 37.96
N LYS D 118 15.47 -40.52 39.14
CA LYS D 118 16.04 -39.18 39.19
C LYS D 118 17.37 -39.08 38.46
N ASN D 119 18.06 -40.21 38.24
CA ASN D 119 19.35 -40.21 37.54
C ASN D 119 19.23 -40.52 36.05
N ILE D 120 18.02 -40.78 35.55
CA ILE D 120 17.80 -41.06 34.14
C ILE D 120 17.26 -39.78 33.51
N PRO D 121 17.96 -39.21 32.52
CA PRO D 121 17.50 -37.95 31.93
C PRO D 121 16.13 -38.10 31.29
N ARG D 122 15.35 -37.04 31.35
CA ARG D 122 14.02 -37.03 30.77
C ARG D 122 14.01 -36.13 29.55
N LEU D 123 12.98 -36.30 28.72
CA LEU D 123 12.87 -35.52 27.49
C LEU D 123 12.53 -34.07 27.80
N VAL D 124 11.66 -33.85 28.79
CA VAL D 124 11.42 -32.53 29.37
C VAL D 124 11.92 -32.58 30.80
N SER D 125 12.89 -31.71 31.13
CA SER D 125 13.50 -31.76 32.46
C SER D 125 12.48 -31.44 33.54
N GLY D 126 11.58 -30.49 33.28
CA GLY D 126 10.57 -30.08 34.24
C GLY D 126 9.62 -31.18 34.66
N TRP D 127 9.64 -32.34 34.01
CA TRP D 127 8.68 -33.42 34.29
C TRP D 127 9.16 -34.19 35.52
N VAL D 128 8.90 -33.59 36.69
CA VAL D 128 9.15 -34.23 37.98
C VAL D 128 8.45 -35.58 38.06
N LYS D 129 7.09 -35.58 37.90
CA LYS D 129 6.15 -36.67 38.04
C LYS D 129 5.74 -37.19 36.67
N PRO D 130 5.30 -38.45 36.59
CA PRO D 130 4.79 -38.95 35.31
C PRO D 130 3.55 -38.18 34.84
N ILE D 131 3.41 -38.12 33.52
CA ILE D 131 2.18 -37.72 32.85
C ILE D 131 1.55 -38.99 32.29
N ILE D 132 0.24 -39.16 32.51
CA ILE D 132 -0.48 -40.32 32.01
C ILE D 132 -1.34 -39.87 30.84
N ILE D 133 -1.15 -40.53 29.69
CA ILE D 133 -1.78 -40.11 28.44
C ILE D 133 -2.64 -41.26 27.92
N GLY D 134 -3.88 -40.96 27.57
CA GLY D 134 -4.74 -41.91 26.91
C GLY D 134 -5.45 -41.27 25.74
N HIS D 135 -5.45 -41.94 24.60
CA HIS D 135 -6.16 -41.42 23.44
C HIS D 135 -7.41 -42.27 23.20
N HIS D 136 -8.38 -41.66 22.51
CA HIS D 136 -9.61 -42.33 22.15
C HIS D 136 -9.34 -43.29 20.98
N ALA D 137 -9.53 -44.58 21.20
CA ALA D 137 -9.25 -45.56 20.16
C ALA D 137 -10.41 -46.13 19.35
N TYR D 138 -11.59 -45.53 19.41
CA TYR D 138 -12.72 -46.01 18.61
C TYR D 138 -13.23 -44.91 17.73
N GLY D 139 -13.96 -45.28 16.69
CA GLY D 139 -14.48 -44.31 15.74
C GLY D 139 -13.37 -43.67 14.95
N ASP D 140 -13.54 -42.40 14.64
CA ASP D 140 -12.53 -41.64 13.92
C ASP D 140 -11.79 -42.36 12.79
N GLN D 141 -10.46 -42.41 12.82
CA GLN D 141 -9.73 -43.00 11.71
C GLN D 141 -9.89 -44.52 11.59
N TYR D 142 -10.26 -45.21 12.67
CA TYR D 142 -10.20 -46.67 12.66
C TYR D 142 -11.40 -47.34 12.00
N ARG D 143 -12.57 -46.68 11.93
CA ARG D 143 -13.63 -47.11 11.03
C ARG D 143 -14.05 -46.01 10.06
N ALA D 144 -13.12 -45.11 9.70
CA ALA D 144 -13.44 -44.14 8.66
C ALA D 144 -13.70 -44.86 7.33
N THR D 145 -14.58 -44.29 6.53
CA THR D 145 -14.82 -44.78 5.18
C THR D 145 -14.17 -43.79 4.21
N ASP D 146 -12.99 -44.15 3.69
CA ASP D 146 -12.29 -43.29 2.76
C ASP D 146 -12.34 -43.89 1.37
N PHE D 147 -12.18 -43.03 0.36
CA PHE D 147 -12.24 -43.46 -1.03
C PHE D 147 -11.56 -42.41 -1.90
N VAL D 148 -11.28 -42.81 -3.14
CA VAL D 148 -10.63 -41.98 -4.13
C VAL D 148 -11.70 -41.39 -5.05
N VAL D 149 -11.61 -40.08 -5.31
CA VAL D 149 -12.52 -39.39 -6.22
C VAL D 149 -11.84 -39.38 -7.59
N PRO D 150 -12.37 -40.12 -8.58
CA PRO D 150 -11.62 -40.29 -9.84
C PRO D 150 -11.67 -39.07 -10.76
N GLY D 151 -12.62 -38.16 -10.62
CA GLY D 151 -12.72 -37.03 -11.51
C GLY D 151 -13.75 -36.06 -11.00
N PRO D 152 -14.12 -35.09 -11.80
CA PRO D 152 -15.10 -34.09 -11.40
C PRO D 152 -16.41 -34.67 -10.92
N GLY D 153 -16.92 -34.11 -9.85
CA GLY D 153 -18.14 -34.56 -9.25
C GLY D 153 -18.36 -33.97 -7.89
N LYS D 154 -19.49 -34.27 -7.32
CA LYS D 154 -19.85 -33.74 -6.03
C LYS D 154 -19.80 -34.77 -4.93
N VAL D 155 -19.24 -34.42 -3.80
CA VAL D 155 -19.18 -35.32 -2.68
C VAL D 155 -20.06 -34.75 -1.58
N GLU D 156 -21.03 -35.53 -1.15
CA GLU D 156 -21.99 -35.09 -0.13
C GLU D 156 -22.06 -36.13 0.97
N ILE D 157 -22.48 -35.68 2.15
CA ILE D 157 -22.68 -36.56 3.29
C ILE D 157 -24.09 -36.31 3.84
N THR D 158 -24.84 -37.39 4.02
CA THR D 158 -26.27 -37.33 4.33
C THR D 158 -26.58 -38.11 5.59
N TYR D 159 -27.32 -37.49 6.50
CA TYR D 159 -27.86 -38.17 7.68
C TYR D 159 -29.35 -38.40 7.49
N THR D 160 -29.76 -39.65 7.52
CA THR D 160 -31.16 -40.04 7.38
C THR D 160 -31.63 -40.66 8.67
N PRO D 161 -32.44 -39.97 9.48
CA PRO D 161 -32.91 -40.55 10.74
C PRO D 161 -33.77 -41.80 10.52
N SER D 162 -33.69 -42.71 11.49
CA SER D 162 -34.47 -43.94 11.44
C SER D 162 -35.97 -43.68 11.53
N ASP D 163 -36.34 -42.62 12.23
CA ASP D 163 -37.72 -42.30 12.40
C ASP D 163 -38.19 -41.27 11.40
N GLY D 164 -37.44 -41.07 10.34
CA GLY D 164 -37.83 -40.12 9.30
C GLY D 164 -37.83 -38.62 9.50
N THR D 165 -37.88 -38.14 10.75
CA THR D 165 -37.97 -36.75 11.10
C THR D 165 -37.23 -35.73 10.28
N GLN D 166 -35.93 -35.67 10.42
CA GLN D 166 -35.21 -34.65 9.72
C GLN D 166 -33.96 -35.16 9.05
N LYS D 167 -33.99 -35.19 7.74
CA LYS D 167 -32.84 -35.62 6.94
C LYS D 167 -32.01 -34.40 6.52
N VAL D 168 -30.69 -34.49 6.68
CA VAL D 168 -29.79 -33.41 6.28
C VAL D 168 -28.77 -33.96 5.29
N THR D 169 -28.58 -33.25 4.18
CA THR D 169 -27.50 -33.48 3.23
C THR D 169 -26.53 -32.31 3.25
N TYR D 170 -25.26 -32.59 3.60
CA TYR D 170 -24.20 -31.57 3.61
C TYR D 170 -23.27 -31.74 2.42
N LEU D 171 -22.89 -30.62 1.82
CA LEU D 171 -21.88 -30.66 0.77
C LEU D 171 -20.51 -30.78 1.43
N VAL D 172 -19.77 -31.80 1.01
CA VAL D 172 -18.37 -31.91 1.43
C VAL D 172 -17.47 -31.12 0.50
N HIS D 173 -17.56 -31.39 -0.81
CA HIS D 173 -16.76 -30.66 -1.78
C HIS D 173 -17.31 -30.88 -3.19
N ASN D 174 -17.26 -29.81 -3.99
CA ASN D 174 -17.46 -29.90 -5.41
C ASN D 174 -16.08 -29.98 -6.07
N PHE D 175 -15.73 -31.15 -6.58
CA PHE D 175 -14.53 -31.34 -7.37
C PHE D 175 -14.80 -30.82 -8.78
N GLU D 176 -14.37 -29.60 -9.07
CA GLU D 176 -14.71 -28.99 -10.35
C GLU D 176 -13.76 -29.34 -11.47
N GLU D 177 -12.48 -29.56 -11.19
CA GLU D 177 -11.57 -29.86 -12.27
C GLU D 177 -10.85 -31.19 -12.14
N GLY D 178 -10.35 -31.55 -10.97
CA GLY D 178 -9.64 -32.80 -10.89
C GLY D 178 -10.29 -33.78 -9.95
N GLY D 179 -9.57 -34.83 -9.57
CA GLY D 179 -10.02 -35.77 -8.55
C GLY D 179 -9.33 -35.54 -7.23
N GLY D 180 -9.36 -36.56 -6.38
CA GLY D 180 -8.75 -36.45 -5.06
C GLY D 180 -9.25 -37.57 -4.17
N VAL D 181 -9.37 -37.26 -2.88
CA VAL D 181 -9.86 -38.23 -1.91
C VAL D 181 -10.89 -37.56 -1.03
N ALA D 182 -11.73 -38.41 -0.43
CA ALA D 182 -12.72 -37.97 0.54
C ALA D 182 -12.94 -39.09 1.54
N MET D 183 -13.50 -38.73 2.69
CA MET D 183 -13.77 -39.74 3.71
C MET D 183 -14.89 -39.27 4.62
N GLY D 184 -15.65 -40.25 5.10
CA GLY D 184 -16.58 -40.06 6.20
C GLY D 184 -16.05 -40.71 7.47
N MET D 185 -16.29 -40.05 8.59
CA MET D 185 -15.76 -40.47 9.86
C MET D 185 -16.83 -40.26 10.92
N TYR D 186 -16.93 -41.17 11.90
CA TYR D 186 -18.01 -41.05 12.88
C TYR D 186 -17.51 -41.32 14.28
N ASN D 187 -18.37 -41.00 15.25
CA ASN D 187 -18.21 -41.44 16.63
C ASN D 187 -19.57 -41.54 17.31
N GLN D 188 -19.75 -42.58 18.12
CA GLN D 188 -20.98 -42.81 18.87
C GLN D 188 -20.89 -42.20 20.26
N ASP D 189 -21.99 -41.59 20.71
CA ASP D 189 -22.05 -41.04 22.06
C ASP D 189 -21.60 -42.07 23.09
N LYS D 190 -21.96 -43.34 22.90
CA LYS D 190 -21.63 -44.38 23.87
C LYS D 190 -20.12 -44.48 24.08
N SER D 191 -19.36 -44.55 22.97
CA SER D 191 -17.89 -44.57 23.09
C SER D 191 -17.38 -43.31 23.77
N ILE D 192 -17.93 -42.14 23.43
CA ILE D 192 -17.48 -40.91 24.07
C ILE D 192 -17.72 -40.96 25.57
N GLU D 193 -18.91 -41.41 25.99
CA GLU D 193 -19.21 -41.53 27.41
C GLU D 193 -18.26 -42.52 28.09
N ASP D 194 -18.04 -43.69 27.47
CA ASP D 194 -17.06 -44.65 27.98
C ASP D 194 -15.70 -43.99 28.22
N PHE D 195 -15.15 -43.40 27.15
CA PHE D 195 -13.92 -42.61 27.21
C PHE D 195 -13.91 -41.67 28.40
N ALA D 196 -15.02 -40.96 28.62
CA ALA D 196 -15.08 -39.99 29.73
C ALA D 196 -15.02 -40.69 31.08
N HIS D 197 -15.83 -41.74 31.26
CA HIS D 197 -15.82 -42.48 32.52
C HIS D 197 -14.43 -43.05 32.80
N SER D 198 -13.81 -43.69 31.81
CA SER D 198 -12.47 -44.24 32.03
C SER D 198 -11.47 -43.16 32.44
N SER D 199 -11.53 -41.99 31.79
CA SER D 199 -10.65 -40.89 32.20
C SER D 199 -10.98 -40.42 33.61
N PHE D 200 -12.27 -40.38 33.98
CA PHE D 200 -12.62 -39.94 35.32
C PHE D 200 -12.17 -40.95 36.37
N GLN D 201 -12.37 -42.24 36.10
CA GLN D 201 -11.89 -43.28 37.02
C GLN D 201 -10.38 -43.19 37.19
N MET D 202 -9.64 -43.15 36.07
CA MET D 202 -8.18 -43.15 36.11
C MET D 202 -7.64 -41.98 36.91
N ALA D 203 -8.25 -40.80 36.77
CA ALA D 203 -7.80 -39.65 37.56
C ALA D 203 -8.11 -39.84 39.04
N LEU D 204 -9.22 -40.52 39.36
CA LEU D 204 -9.59 -40.75 40.76
C LEU D 204 -8.68 -41.81 41.39
N SER D 205 -8.42 -42.91 40.69
CA SER D 205 -7.52 -43.92 41.25
C SER D 205 -6.07 -43.45 41.34
N LYS D 206 -5.75 -42.25 40.83
CA LYS D 206 -4.44 -41.67 40.97
C LYS D 206 -4.40 -40.43 41.84
N GLY D 207 -5.55 -39.82 42.12
CA GLY D 207 -5.54 -38.56 42.83
C GLY D 207 -4.90 -37.42 42.06
N TRP D 208 -5.05 -37.40 40.74
CA TRP D 208 -4.43 -36.40 39.87
C TRP D 208 -5.50 -35.66 39.08
N PRO D 209 -5.28 -34.40 38.72
CA PRO D 209 -6.25 -33.69 37.89
C PRO D 209 -6.29 -34.30 36.49
N LEU D 210 -7.44 -34.15 35.83
CA LEU D 210 -7.66 -34.69 34.49
C LEU D 210 -7.93 -33.57 33.50
N TYR D 211 -7.30 -33.65 32.33
CA TYR D 211 -7.53 -32.72 31.23
C TYR D 211 -7.95 -33.48 29.99
N LEU D 212 -8.96 -32.94 29.31
CA LEU D 212 -9.34 -33.38 27.97
C LEU D 212 -8.91 -32.32 26.97
N SER D 213 -8.26 -32.75 25.89
CA SER D 213 -7.88 -31.86 24.80
C SER D 213 -8.70 -32.21 23.54
N THR D 214 -9.23 -31.19 22.88
CA THR D 214 -9.92 -31.35 21.61
C THR D 214 -9.50 -30.20 20.69
N LYS D 215 -10.06 -30.20 19.47
CA LYS D 215 -9.91 -29.07 18.57
C LYS D 215 -11.27 -28.46 18.26
N ASN D 216 -12.06 -28.20 19.31
CA ASN D 216 -13.44 -27.77 19.12
C ASN D 216 -13.56 -26.32 18.64
N THR D 217 -12.44 -25.61 18.44
CA THR D 217 -12.53 -24.36 17.71
C THR D 217 -12.78 -24.59 16.23
N ILE D 218 -12.42 -25.77 15.73
CA ILE D 218 -12.43 -26.07 14.31
C ILE D 218 -13.49 -27.11 13.99
N LEU D 219 -13.52 -28.18 14.76
CA LEU D 219 -14.61 -29.16 14.71
C LEU D 219 -15.56 -28.81 15.85
N LYS D 220 -16.37 -27.77 15.61
CA LYS D 220 -17.23 -27.23 16.66
C LYS D 220 -18.30 -28.22 17.10
N LYS D 221 -18.75 -29.09 16.20
CA LYS D 221 -19.79 -30.04 16.57
C LYS D 221 -19.24 -31.43 16.85
N TYR D 222 -18.27 -31.89 16.07
CA TYR D 222 -17.65 -33.18 16.32
C TYR D 222 -16.86 -33.16 17.63
N ASP D 223 -15.91 -32.24 17.78
CA ASP D 223 -15.18 -32.17 19.04
C ASP D 223 -16.00 -31.53 20.15
N GLY D 224 -16.95 -30.64 19.80
CA GLY D 224 -17.84 -30.10 20.81
C GLY D 224 -18.60 -31.17 21.57
N ARG D 225 -18.94 -32.28 20.90
CA ARG D 225 -19.67 -33.34 21.59
CA ARG D 225 -19.67 -33.36 21.58
C ARG D 225 -18.80 -34.01 22.65
N PHE D 226 -17.50 -34.15 22.39
CA PHE D 226 -16.59 -34.72 23.39
C PHE D 226 -16.51 -33.81 24.60
N LYS D 227 -16.30 -32.51 24.37
CA LYS D 227 -16.25 -31.52 25.45
C LYS D 227 -17.58 -31.48 26.20
N ASP D 228 -18.71 -31.56 25.48
CA ASP D 228 -20.02 -31.55 26.11
C ASP D 228 -20.25 -32.78 26.97
N ILE D 229 -20.03 -33.97 26.39
CA ILE D 229 -20.26 -35.22 27.12
C ILE D 229 -19.37 -35.32 28.34
N PHE D 230 -18.12 -34.82 28.23
CA PHE D 230 -17.20 -34.85 29.38
C PHE D 230 -17.69 -33.97 30.51
N GLN D 231 -18.09 -32.72 30.21
CA GLN D 231 -18.54 -31.84 31.27
C GLN D 231 -19.87 -32.28 31.88
N GLU D 232 -20.76 -32.89 31.08
CA GLU D 232 -21.98 -33.48 31.63
C GLU D 232 -21.64 -34.48 32.73
N ILE D 233 -20.92 -35.54 32.35
CA ILE D 233 -20.62 -36.63 33.27
C ILE D 233 -19.83 -36.14 34.48
N TYR D 234 -18.94 -35.17 34.29
CA TYR D 234 -18.17 -34.65 35.41
C TYR D 234 -19.07 -33.92 36.41
N ASP D 235 -19.80 -32.90 35.93
CA ASP D 235 -20.66 -32.13 36.81
C ASP D 235 -21.66 -33.01 37.55
N LYS D 236 -22.11 -34.10 36.92
CA LYS D 236 -23.20 -34.91 37.45
C LYS D 236 -22.72 -36.07 38.31
N GLN D 237 -21.61 -36.74 37.94
CA GLN D 237 -21.23 -37.97 38.62
C GLN D 237 -19.79 -38.01 39.11
N TYR D 238 -19.06 -36.90 39.14
CA TYR D 238 -17.68 -36.99 39.58
C TYR D 238 -17.19 -35.75 40.28
N LYS D 239 -17.88 -34.62 40.06
CA LYS D 239 -17.40 -33.34 40.56
C LYS D 239 -17.18 -33.37 42.07
N SER D 240 -18.07 -34.04 42.81
CA SER D 240 -17.92 -34.09 44.26
C SER D 240 -16.70 -34.90 44.67
N GLN D 241 -16.58 -36.13 44.15
CA GLN D 241 -15.42 -36.95 44.48
C GLN D 241 -14.12 -36.27 44.10
N PHE D 242 -14.12 -35.52 42.99
CA PHE D 242 -12.91 -34.81 42.58
C PHE D 242 -12.52 -33.75 43.60
N GLU D 243 -13.47 -32.91 44.01
CA GLU D 243 -13.16 -31.85 44.98
C GLU D 243 -12.82 -32.43 46.35
N ALA D 244 -13.28 -33.65 46.67
CA ALA D 244 -12.89 -34.30 47.91
C ALA D 244 -11.41 -34.64 47.92
N GLN D 245 -10.86 -35.04 46.78
CA GLN D 245 -9.44 -35.38 46.65
C GLN D 245 -8.60 -34.20 46.14
N LYS D 246 -9.14 -32.97 46.21
CA LYS D 246 -8.45 -31.74 45.81
C LYS D 246 -8.00 -31.75 44.33
N ILE D 247 -8.64 -32.55 43.48
CA ILE D 247 -8.32 -32.57 42.05
C ILE D 247 -9.43 -31.88 41.27
N TRP D 248 -9.29 -31.85 39.93
CA TRP D 248 -10.19 -31.07 39.09
C TRP D 248 -10.13 -31.59 37.67
N TYR D 249 -11.17 -31.27 36.89
CA TYR D 249 -11.21 -31.58 35.47
C TYR D 249 -11.41 -30.31 34.67
N GLU D 250 -10.56 -30.10 33.69
CA GLU D 250 -10.72 -28.98 32.77
C GLU D 250 -10.56 -29.47 31.34
N HIS D 251 -11.23 -28.77 30.43
CA HIS D 251 -11.05 -28.94 29.00
C HIS D 251 -9.97 -27.99 28.51
N ARG D 252 -9.32 -28.38 27.42
CA ARG D 252 -8.27 -27.54 26.85
C ARG D 252 -8.30 -27.75 25.35
N LEU D 253 -8.14 -26.64 24.62
CA LEU D 253 -7.79 -26.76 23.22
C LEU D 253 -6.40 -27.39 23.11
N ILE D 254 -6.23 -28.27 22.12
CA ILE D 254 -5.00 -29.07 22.04
C ILE D 254 -3.77 -28.16 21.91
N ASP D 255 -3.87 -27.07 21.15
CA ASP D 255 -2.76 -26.10 21.08
C ASP D 255 -2.30 -25.70 22.48
N ASP D 256 -3.25 -25.25 23.32
CA ASP D 256 -2.93 -24.83 24.69
C ASP D 256 -2.48 -26.02 25.55
N MET D 257 -3.09 -27.19 25.34
CA MET D 257 -2.72 -28.36 26.14
C MET D 257 -1.26 -28.74 25.94
N VAL D 258 -0.79 -28.76 24.69
CA VAL D 258 0.60 -29.12 24.41
C VAL D 258 1.55 -28.14 25.10
N ALA D 259 1.31 -26.85 24.91
CA ALA D 259 2.17 -25.87 25.55
C ALA D 259 2.14 -26.03 27.07
N GLN D 260 0.95 -26.21 27.64
CA GLN D 260 0.82 -26.34 29.10
C GLN D 260 1.51 -27.60 29.61
N ALA D 261 1.26 -28.76 28.99
CA ALA D 261 1.88 -30.01 29.41
C ALA D 261 3.41 -29.88 29.48
N MET D 262 4.01 -29.21 28.50
CA MET D 262 5.47 -29.16 28.46
C MET D 262 6.08 -28.19 29.46
N LYS D 263 5.32 -27.21 29.94
CA LYS D 263 5.77 -26.36 31.03
C LYS D 263 5.28 -26.86 32.39
N SER D 264 4.52 -27.93 32.42
CA SER D 264 4.02 -28.46 33.67
C SER D 264 5.15 -29.21 34.41
N GLU D 265 4.77 -29.85 35.52
CA GLU D 265 5.66 -30.69 36.29
C GLU D 265 5.29 -32.17 36.20
N GLY D 266 4.24 -32.51 35.46
CA GLY D 266 3.73 -33.86 35.49
C GLY D 266 2.61 -34.01 36.50
N GLY D 267 2.22 -35.26 36.72
CA GLY D 267 1.20 -35.53 37.72
C GLY D 267 -0.20 -35.16 37.32
N PHE D 268 -0.59 -35.45 36.08
CA PHE D 268 -1.98 -35.28 35.66
C PHE D 268 -2.31 -36.37 34.65
N ILE D 269 -3.60 -36.59 34.48
CA ILE D 269 -4.14 -37.44 33.43
C ILE D 269 -4.43 -36.55 32.22
N TRP D 270 -4.04 -37.02 31.05
CA TRP D 270 -4.29 -36.31 29.79
C TRP D 270 -5.10 -37.24 28.89
N ALA D 271 -6.38 -36.89 28.70
CA ALA D 271 -7.22 -37.57 27.72
C ALA D 271 -7.19 -36.80 26.41
N CYS D 272 -6.68 -37.45 25.35
CA CYS D 272 -6.50 -36.85 24.02
C CYS D 272 -7.55 -37.39 23.07
N LYS D 273 -8.37 -36.52 22.51
CA LYS D 273 -9.15 -36.88 21.33
C LYS D 273 -8.28 -36.61 20.11
N ASN D 274 -8.00 -37.67 19.33
CA ASN D 274 -7.16 -37.55 18.14
C ASN D 274 -5.78 -36.95 18.46
N GLN D 280 0.41 -42.20 20.10
CA GLN D 280 1.72 -41.63 19.75
C GLN D 280 2.77 -41.74 20.88
N SER D 281 2.32 -42.11 22.09
CA SER D 281 3.19 -42.11 23.27
C SER D 281 4.35 -43.08 23.12
N ASP D 282 4.08 -44.29 22.61
CA ASP D 282 5.10 -45.33 22.57
C ASP D 282 6.09 -45.15 21.43
N SER D 283 5.72 -44.46 20.34
CA SER D 283 6.72 -44.14 19.31
C SER D 283 7.74 -43.13 19.83
N VAL D 284 7.28 -42.14 20.61
CA VAL D 284 8.21 -41.22 21.27
C VAL D 284 9.13 -41.98 22.22
N ALA D 285 8.57 -42.93 22.98
CA ALA D 285 9.40 -43.78 23.84
C ALA D 285 10.38 -44.59 23.01
N GLN D 286 9.90 -45.19 21.90
CA GLN D 286 10.82 -45.93 21.05
C GLN D 286 11.95 -45.05 20.54
N GLY D 287 11.64 -43.82 20.14
CA GLY D 287 12.68 -42.94 19.64
C GLY D 287 13.63 -42.48 20.74
N TYR D 288 13.11 -42.28 21.94
CA TYR D 288 13.94 -41.87 23.07
C TYR D 288 14.71 -43.02 23.70
N GLY D 289 14.38 -44.26 23.34
CA GLY D 289 15.04 -45.40 23.95
C GLY D 289 14.59 -45.70 25.36
N SER D 290 13.32 -45.41 25.71
CA SER D 290 12.80 -45.58 27.06
C SER D 290 11.54 -46.45 27.05
N LEU D 291 11.42 -47.37 26.06
CA LEU D 291 10.28 -48.28 26.01
C LEU D 291 10.23 -49.22 27.20
N GLY D 292 11.40 -49.62 27.72
CA GLY D 292 11.46 -50.44 28.93
C GLY D 292 10.94 -49.74 30.18
N MET D 293 10.61 -48.45 30.10
CA MET D 293 10.19 -47.66 31.25
C MET D 293 8.78 -47.08 31.08
N MET D 294 7.93 -47.76 30.32
CA MET D 294 6.57 -47.25 30.09
C MET D 294 5.58 -48.39 30.16
N THR D 295 4.51 -48.22 30.95
CA THR D 295 3.45 -49.21 30.99
C THR D 295 2.26 -48.75 30.15
N SER D 296 1.26 -49.62 30.08
CA SER D 296 0.06 -49.37 29.27
C SER D 296 -1.09 -50.12 29.94
N VAL D 297 -2.06 -49.37 30.50
CA VAL D 297 -3.11 -49.92 31.34
C VAL D 297 -4.46 -49.69 30.67
N LEU D 298 -5.15 -50.77 30.29
CA LEU D 298 -6.51 -50.70 29.75
C LEU D 298 -7.52 -50.48 30.87
N VAL D 299 -8.09 -49.28 30.94
CA VAL D 299 -9.02 -48.88 32.00
C VAL D 299 -10.45 -48.93 31.45
N CYS D 300 -11.22 -49.93 31.89
CA CYS D 300 -12.61 -50.03 31.44
C CYS D 300 -13.48 -48.98 32.15
N PRO D 301 -14.58 -48.55 31.52
CA PRO D 301 -15.36 -47.44 32.12
C PRO D 301 -16.17 -47.83 33.35
N ASP D 302 -16.33 -49.12 33.66
CA ASP D 302 -17.00 -49.51 34.91
C ASP D 302 -16.20 -49.12 36.15
N GLY D 303 -14.94 -48.72 36.00
CA GLY D 303 -14.14 -48.28 37.13
C GLY D 303 -13.53 -49.39 37.97
N LYS D 304 -13.69 -50.67 37.56
CA LYS D 304 -13.13 -51.80 38.30
C LYS D 304 -12.33 -52.75 37.41
N THR D 305 -12.78 -53.00 36.18
CA THR D 305 -11.99 -53.83 35.26
C THR D 305 -10.77 -53.06 34.76
N VAL D 306 -9.63 -53.76 34.67
CA VAL D 306 -8.34 -53.15 34.36
C VAL D 306 -7.44 -54.27 33.81
N GLU D 307 -6.65 -53.94 32.80
CA GLU D 307 -5.65 -54.87 32.26
C GLU D 307 -4.34 -54.12 32.05
N ALA D 308 -3.27 -54.64 32.65
CA ALA D 308 -1.98 -53.96 32.68
C ALA D 308 -0.95 -54.74 31.87
N GLU D 309 -0.10 -54.02 31.13
CA GLU D 309 1.02 -54.63 30.43
C GLU D 309 2.14 -53.61 30.25
N ALA D 310 3.26 -54.09 29.72
CA ALA D 310 4.31 -53.17 29.31
C ALA D 310 3.93 -52.51 27.99
N ALA D 311 4.45 -51.30 27.77
CA ALA D 311 4.13 -50.61 26.53
C ALA D 311 4.86 -51.18 25.33
N HIS D 312 5.89 -51.97 25.55
CA HIS D 312 6.72 -52.48 24.48
C HIS D 312 6.29 -53.90 24.07
N GLY D 313 7.00 -54.44 23.08
CA GLY D 313 6.74 -55.75 22.51
C GLY D 313 7.57 -56.85 23.11
N THR D 314 7.78 -57.92 22.34
CA THR D 314 8.46 -59.09 22.85
C THR D 314 9.98 -58.96 22.78
N VAL D 315 10.47 -57.84 22.24
CA VAL D 315 11.89 -57.52 22.13
C VAL D 315 12.58 -58.66 21.38
N THR D 316 12.09 -58.94 20.18
CA THR D 316 12.58 -60.06 19.40
C THR D 316 14.08 -59.97 19.15
N ARG D 317 14.63 -58.77 19.02
CA ARG D 317 16.07 -58.64 18.72
C ARG D 317 16.92 -59.18 19.86
N HIS D 318 16.56 -58.89 21.12
CA HIS D 318 17.28 -59.47 22.23
C HIS D 318 17.01 -60.96 22.36
N TYR D 319 15.79 -61.39 22.03
CA TYR D 319 15.51 -62.82 22.05
C TYR D 319 16.47 -63.57 21.12
N ARG D 320 16.68 -63.05 19.90
CA ARG D 320 17.56 -63.75 18.96
C ARG D 320 18.97 -63.87 19.53
N MET D 321 19.42 -62.84 20.24
CA MET D 321 20.71 -62.93 20.92
C MET D 321 20.68 -63.99 22.02
N TYR D 322 19.60 -64.02 22.82
CA TYR D 322 19.49 -65.00 23.89
C TYR D 322 19.50 -66.43 23.37
N GLN D 323 18.98 -66.64 22.15
CA GLN D 323 18.97 -67.98 21.58
C GLN D 323 20.36 -68.39 21.12
N LYS D 324 21.12 -67.46 20.53
CA LYS D 324 22.50 -67.70 20.12
C LYS D 324 23.52 -67.78 21.32
N GLY D 325 23.03 -67.88 22.57
CA GLY D 325 23.91 -67.94 23.73
C GLY D 325 24.62 -66.64 24.06
N GLN D 326 24.16 -65.52 23.49
CA GLN D 326 24.78 -64.22 23.67
C GLN D 326 24.19 -63.50 24.88
N GLU D 327 25.01 -62.65 25.49
CA GLU D 327 24.55 -61.86 26.63
C GLU D 327 23.47 -60.87 26.16
N THR D 328 22.46 -60.70 26.99
CA THR D 328 21.42 -59.72 26.74
C THR D 328 21.33 -58.78 27.92
N SER D 329 20.68 -57.64 27.71
CA SER D 329 20.43 -56.66 28.77
C SER D 329 19.07 -56.06 28.44
N THR D 330 18.02 -56.78 28.81
CA THR D 330 16.65 -56.35 28.53
C THR D 330 16.04 -55.74 29.79
N ASN D 331 15.49 -54.55 29.65
CA ASN D 331 14.91 -53.84 30.79
C ASN D 331 13.60 -54.48 31.22
N PRO D 332 13.49 -55.01 32.43
CA PRO D 332 12.23 -55.61 32.88
C PRO D 332 11.29 -54.65 33.60
N ILE D 333 11.64 -53.36 33.71
CA ILE D 333 10.91 -52.47 34.62
C ILE D 333 9.46 -52.28 34.17
N ALA D 334 9.24 -52.10 32.85
CA ALA D 334 7.87 -52.01 32.35
C ALA D 334 7.06 -53.24 32.72
N SER D 335 7.61 -54.45 32.49
CA SER D 335 6.91 -55.69 32.83
C SER D 335 6.57 -55.72 34.32
N ILE D 336 7.51 -55.28 35.17
CA ILE D 336 7.31 -55.30 36.62
C ILE D 336 6.18 -54.36 37.01
N PHE D 337 6.17 -53.14 36.44
CA PHE D 337 5.13 -52.20 36.80
C PHE D 337 3.77 -52.56 36.22
N ALA D 338 3.72 -53.48 35.24
CA ALA D 338 2.43 -54.06 34.88
C ALA D 338 1.86 -54.82 36.06
N TRP D 339 2.73 -55.60 36.74
CA TRP D 339 2.32 -56.32 37.93
C TRP D 339 1.98 -55.36 39.07
N THR D 340 2.83 -54.36 39.32
CA THR D 340 2.58 -53.52 40.49
C THR D 340 1.36 -52.63 40.31
N ARG D 341 1.06 -52.20 39.08
CA ARG D 341 -0.17 -51.45 38.83
C ARG D 341 -1.40 -52.36 38.86
N GLY D 342 -1.28 -53.58 38.33
CA GLY D 342 -2.34 -54.55 38.49
C GLY D 342 -2.64 -54.85 39.96
N LEU D 343 -1.60 -55.18 40.72
CA LEU D 343 -1.80 -55.52 42.13
C LEU D 343 -2.27 -54.32 42.94
N ALA D 344 -1.84 -53.10 42.59
CA ALA D 344 -2.32 -51.93 43.32
C ALA D 344 -3.80 -51.67 43.08
N HIS D 345 -4.29 -52.03 41.88
CA HIS D 345 -5.72 -51.96 41.63
C HIS D 345 -6.46 -53.04 42.42
N ARG D 346 -5.96 -54.29 42.36
CA ARG D 346 -6.49 -55.36 43.21
C ARG D 346 -6.60 -54.90 44.66
N ALA D 347 -5.53 -54.30 45.19
CA ALA D 347 -5.50 -53.84 46.57
C ALA D 347 -6.61 -52.83 46.85
N LYS D 348 -6.90 -51.95 45.89
CA LYS D 348 -7.88 -50.91 46.17
C LYS D 348 -9.30 -51.45 46.07
N LEU D 349 -9.53 -52.44 45.19
CA LEU D 349 -10.85 -53.06 45.14
C LEU D 349 -11.16 -53.81 46.44
N ASP D 350 -10.26 -54.69 46.87
CA ASP D 350 -10.46 -55.54 48.04
C ASP D 350 -10.10 -54.87 49.36
N ASN D 351 -9.76 -53.60 49.33
CA ASN D 351 -9.34 -52.90 50.52
C ASN D 351 -8.13 -53.51 51.18
N ASN D 352 -7.43 -54.37 50.45
CA ASN D 352 -6.26 -55.04 50.96
C ASN D 352 -5.18 -54.03 51.17
N LYS D 353 -4.97 -53.62 52.40
CA LYS D 353 -3.95 -52.64 52.72
C LYS D 353 -2.53 -53.20 52.76
N GLU D 354 -2.41 -54.53 52.78
CA GLU D 354 -1.13 -55.19 52.82
C GLU D 354 -0.54 -55.26 51.44
N LEU D 355 -1.40 -55.48 50.47
CA LEU D 355 -0.97 -55.58 49.10
C LEU D 355 -0.58 -54.21 48.58
N ALA D 356 -1.27 -53.18 49.02
CA ALA D 356 -0.97 -51.86 48.58
C ALA D 356 0.42 -51.50 48.97
N PHE D 357 0.84 -51.89 50.17
CA PHE D 357 2.18 -51.60 50.65
C PHE D 357 3.22 -52.36 49.82
N PHE D 358 2.91 -53.60 49.45
CA PHE D 358 3.86 -54.42 48.70
C PHE D 358 4.10 -53.86 47.30
N ALA D 359 3.01 -53.56 46.58
CA ALA D 359 3.12 -53.01 45.23
C ALA D 359 3.93 -51.72 45.24
N ASN D 360 3.60 -50.81 46.16
CA ASN D 360 4.39 -49.59 46.31
C ASN D 360 5.86 -49.91 46.57
N ALA D 361 6.12 -50.84 47.50
CA ALA D 361 7.49 -51.20 47.84
C ALA D 361 8.24 -51.79 46.65
N LEU D 362 7.55 -52.56 45.79
CA LEU D 362 8.24 -53.09 44.62
C LEU D 362 8.58 -51.98 43.62
N GLU D 363 7.65 -51.04 43.41
CA GLU D 363 7.93 -49.90 42.53
C GLU D 363 9.13 -49.10 43.05
N GLU D 364 9.21 -48.87 44.36
CA GLU D 364 10.31 -48.09 44.91
C GLU D 364 11.64 -48.84 44.82
N VAL D 365 11.65 -50.14 45.14
CA VAL D 365 12.88 -50.91 45.01
C VAL D 365 13.46 -50.74 43.62
N SER D 366 12.63 -50.94 42.59
CA SER D 366 13.09 -50.82 41.20
C SER D 366 13.68 -49.43 40.93
N ILE D 367 12.98 -48.38 41.32
CA ILE D 367 13.47 -47.02 41.15
C ILE D 367 14.75 -46.78 41.94
N GLU D 368 14.79 -47.22 43.21
CA GLU D 368 16.00 -47.02 44.03
C GLU D 368 17.18 -47.82 43.49
N THR D 369 16.92 -49.03 42.97
CA THR D 369 17.98 -49.84 42.38
C THR D 369 18.64 -49.09 41.22
N ILE D 370 17.81 -48.57 40.31
CA ILE D 370 18.33 -47.81 39.18
C ILE D 370 18.98 -46.53 39.66
N GLU D 371 18.38 -45.85 40.65
CA GLU D 371 18.97 -44.61 41.16
C GLU D 371 20.28 -44.85 41.89
N ALA D 372 20.56 -46.08 42.31
CA ALA D 372 21.83 -46.43 42.91
C ALA D 372 22.87 -46.85 41.87
N GLY D 373 22.56 -46.69 40.58
CA GLY D 373 23.50 -47.06 39.51
C GLY D 373 23.41 -48.47 38.99
N PHE D 374 22.34 -49.21 39.28
CA PHE D 374 22.17 -50.58 38.80
C PHE D 374 21.08 -50.59 37.75
N MET D 375 21.43 -50.97 36.52
CA MET D 375 20.56 -50.71 35.38
C MET D 375 21.01 -51.53 34.18
N THR D 376 20.08 -51.73 33.25
CA THR D 376 20.33 -52.43 32.00
C THR D 376 20.93 -51.46 30.97
N LYS D 377 21.35 -52.03 29.84
CA LYS D 377 22.15 -51.24 28.88
C LYS D 377 21.38 -50.02 28.39
N ASP D 378 20.09 -50.19 28.04
CA ASP D 378 19.27 -49.09 27.54
C ASP D 378 19.27 -47.89 28.50
N LEU D 379 19.08 -48.15 29.80
CA LEU D 379 19.15 -47.04 30.75
C LEU D 379 20.53 -46.41 30.77
N ALA D 380 21.59 -47.21 30.66
CA ALA D 380 22.93 -46.66 30.64
C ALA D 380 23.16 -45.82 29.38
N ALA D 381 22.68 -46.31 28.22
CA ALA D 381 22.77 -45.54 26.98
C ALA D 381 22.10 -44.18 27.14
N CYS D 382 20.95 -44.16 27.82
CA CYS D 382 20.23 -42.91 28.03
C CYS D 382 21.03 -41.93 28.89
N ILE D 383 21.95 -42.42 29.73
CA ILE D 383 22.77 -41.49 30.50
C ILE D 383 23.98 -41.03 29.68
N LYS D 384 24.70 -41.96 29.07
CA LYS D 384 25.97 -41.66 28.44
C LYS D 384 25.87 -41.47 26.94
N GLY D 385 24.81 -41.98 26.30
CA GLY D 385 24.72 -42.03 24.86
C GLY D 385 25.18 -43.41 24.43
N LEU D 386 24.47 -44.03 23.47
CA LEU D 386 24.82 -45.39 23.05
C LEU D 386 26.28 -45.56 22.62
N PRO D 387 26.90 -44.66 21.84
CA PRO D 387 28.31 -44.85 21.48
C PRO D 387 29.25 -44.94 22.68
N ASN D 388 28.84 -44.45 23.86
CA ASN D 388 29.74 -44.30 25.00
C ASN D 388 29.51 -45.32 26.12
N VAL D 389 28.66 -46.30 25.90
CA VAL D 389 28.38 -47.31 26.92
C VAL D 389 29.51 -48.33 26.94
N GLN D 390 29.95 -48.68 28.15
CA GLN D 390 30.87 -49.78 28.39
C GLN D 390 30.14 -50.89 29.14
N ARG D 391 30.73 -52.09 29.10
CA ARG D 391 30.12 -53.21 29.80
C ARG D 391 29.95 -52.91 31.29
N SER D 392 30.95 -52.26 31.89
CA SER D 392 30.89 -51.94 33.31
C SER D 392 29.79 -50.95 33.66
N ASP D 393 29.13 -50.35 32.67
CA ASP D 393 28.08 -49.38 32.95
C ASP D 393 26.73 -50.03 33.24
N TYR D 394 26.58 -51.35 33.03
CA TYR D 394 25.25 -51.92 33.14
C TYR D 394 25.35 -53.39 33.56
N LEU D 395 24.17 -53.97 33.83
CA LEU D 395 24.02 -55.37 34.15
C LEU D 395 23.29 -56.08 33.02
N ASN D 396 23.63 -57.35 32.81
CA ASN D 396 22.85 -58.14 31.88
C ASN D 396 21.48 -58.45 32.49
N THR D 397 20.68 -59.19 31.74
CA THR D 397 19.26 -59.37 32.11
C THR D 397 19.12 -60.07 33.46
N PHE D 398 19.94 -61.08 33.72
CA PHE D 398 19.74 -61.87 34.93
C PHE D 398 20.42 -61.23 36.13
N GLU D 399 21.58 -60.61 35.91
CA GLU D 399 22.23 -59.83 36.96
C GLU D 399 21.27 -58.77 37.51
N PHE D 400 20.50 -58.12 36.63
CA PHE D 400 19.61 -57.04 37.07
C PHE D 400 18.41 -57.59 37.84
N MET D 401 17.83 -58.70 37.41
CA MET D 401 16.75 -59.31 38.20
C MET D 401 17.26 -59.73 39.57
N ASP D 402 18.45 -60.31 39.63
CA ASP D 402 19.01 -60.70 40.93
C ASP D 402 19.20 -59.50 41.83
N LYS D 403 19.75 -58.40 41.31
CA LYS D 403 19.88 -57.19 42.10
C LYS D 403 18.52 -56.70 42.59
N LEU D 404 17.52 -56.65 41.69
CA LEU D 404 16.17 -56.28 42.11
C LEU D 404 15.65 -57.22 43.19
N GLY D 405 15.87 -58.52 43.03
CA GLY D 405 15.45 -59.46 44.06
C GLY D 405 16.15 -59.21 45.38
N GLU D 406 17.47 -59.06 45.35
CA GLU D 406 18.24 -58.80 46.56
C GLU D 406 17.73 -57.57 47.29
N ASN D 407 17.53 -56.46 46.56
CA ASN D 407 17.06 -55.23 47.20
C ASN D 407 15.61 -55.33 47.64
N LEU D 408 14.84 -56.26 47.09
CA LEU D 408 13.45 -56.40 47.49
C LEU D 408 13.34 -57.09 48.84
N LYS D 409 14.06 -58.21 49.02
CA LYS D 409 14.12 -58.89 50.31
C LYS D 409 14.46 -57.93 51.42
N ILE D 410 15.53 -57.15 51.25
CA ILE D 410 15.96 -56.25 52.32
C ILE D 410 14.94 -55.14 52.58
N LYS D 411 14.21 -54.69 51.55
CA LYS D 411 13.20 -53.65 51.82
C LYS D 411 12.01 -54.22 52.57
N LEU D 412 11.67 -55.49 52.36
CA LEU D 412 10.51 -56.13 52.96
C LEU D 412 10.84 -56.95 54.21
N ALA D 413 12.13 -57.06 54.56
CA ALA D 413 12.51 -57.77 55.78
C ALA D 413 12.05 -57.04 57.04
#